data_9NHT
#
_entry.id   9NHT
#
_cell.length_a   129.970
_cell.length_b   194.956
_cell.length_c   203.565
_cell.angle_alpha   90.00
_cell.angle_beta   90.00
_cell.angle_gamma   90.00
#
_symmetry.space_group_name_H-M   'C 2 2 21'
#
loop_
_entity.id
_entity.type
_entity.pdbx_description
1 polymer Ferroxidase
2 non-polymer 'PROTOPORPHYRIN IX CONTAINING FE'
3 non-polymer 4-{[(5-bromo-2-hydroxyphenyl)methyl]amino}-1H-isoindole-1,3(2H)-dione
4 non-polymer 'POTASSIUM ION'
5 non-polymer 'SODIUM ION'
6 non-polymer 'TETRAETHYLENE GLYCOL'
7 water water
#
_entity_poly.entity_id   1
_entity_poly.type   'polypeptide(L)'
_entity_poly.pdbx_seq_one_letter_code
;MKGDKKVIQHLNKILGNELIAINQYFLHSRMWNDWGLKRLGAHEYHESIDEMKHADKLIERILFLEGLPNLQDLGKLLIG
ENTQEMLQCDLNLELKATKDLREAIVHCEQVHDYVSRDLLKDILESEEEHIDYLETQLGLIQKVGLENYLQSHMHEDD
;
_entity_poly.pdbx_strand_id   A,B,C,D,E,F,G,H,I,J,K,L
#
loop_
_chem_comp.id
_chem_comp.type
_chem_comp.name
_chem_comp.formula
A1BYC non-polymer 4-{[(5-bromo-2-hydroxyphenyl)methyl]amino}-1H-isoindole-1,3(2H)-dione 'C15 H11 Br N2 O3'
HEM non-polymer 'PROTOPORPHYRIN IX CONTAINING FE' 'C34 H32 Fe N4 O4'
K non-polymer 'POTASSIUM ION' 'K 1'
NA non-polymer 'SODIUM ION' 'Na 1'
PG4 non-polymer 'TETRAETHYLENE GLYCOL' 'C8 H18 O5'
#
# COMPACT_ATOMS: atom_id res chain seq x y z
N MET A 1 34.51 -28.61 22.79
CA MET A 1 35.85 -27.95 23.00
C MET A 1 35.84 -27.21 24.35
N LYS A 2 36.59 -27.67 25.34
CA LYS A 2 36.42 -27.14 26.69
C LYS A 2 36.82 -25.67 26.74
N GLY A 3 35.90 -24.83 27.16
CA GLY A 3 36.16 -23.42 27.25
C GLY A 3 36.71 -22.99 28.61
N ASP A 4 37.16 -21.75 28.65
CA ASP A 4 37.61 -21.12 29.88
C ASP A 4 36.45 -21.01 30.86
N LYS A 5 36.67 -21.42 32.12
CA LYS A 5 35.57 -21.41 33.07
C LYS A 5 35.01 -20.01 33.30
N LYS A 6 35.88 -19.02 33.37
CA LYS A 6 35.39 -17.67 33.62
C LYS A 6 34.70 -17.08 32.39
N VAL A 7 35.15 -17.44 31.18
CA VAL A 7 34.37 -17.06 30.00
C VAL A 7 32.96 -17.62 30.13
N ILE A 8 32.85 -18.91 30.45
CA ILE A 8 31.52 -19.51 30.54
C ILE A 8 30.68 -18.81 31.61
N GLN A 9 31.30 -18.43 32.73
CA GLN A 9 30.57 -17.68 33.74
C GLN A 9 30.10 -16.33 33.22
N HIS A 10 30.94 -15.62 32.47
CA HIS A 10 30.50 -14.38 31.85
C HIS A 10 29.34 -14.63 30.88
N LEU A 11 29.48 -15.65 30.02
CA LEU A 11 28.41 -15.95 29.08
C LEU A 11 27.11 -16.23 29.81
N ASN A 12 27.16 -16.98 30.92
CA ASN A 12 25.95 -17.23 31.69
C ASN A 12 25.42 -15.96 32.33
N LYS A 13 26.28 -15.01 32.72
CA LYS A 13 25.78 -13.75 33.24
C LYS A 13 25.07 -12.95 32.15
N ILE A 14 25.63 -12.92 30.94
CA ILE A 14 24.97 -12.26 29.82
C ILE A 14 23.63 -12.95 29.52
N LEU A 15 23.65 -14.28 29.44
CA LEU A 15 22.41 -15.03 29.22
C LEU A 15 21.37 -14.66 30.27
N GLY A 16 21.80 -14.52 31.54
CA GLY A 16 20.86 -14.14 32.59
C GLY A 16 20.20 -12.80 32.34
N ASN A 17 20.97 -11.81 31.86
CA ASN A 17 20.40 -10.53 31.48
C ASN A 17 19.40 -10.67 30.32
N GLU A 18 19.74 -11.49 29.32
CA GLU A 18 18.83 -11.69 28.19
C GLU A 18 17.53 -12.33 28.63
N LEU A 19 17.59 -13.31 29.54
CA LEU A 19 16.38 -13.94 30.03
C LEU A 19 15.47 -12.96 30.75
N ILE A 20 16.04 -12.08 31.57
CA ILE A 20 15.23 -11.01 32.18
C ILE A 20 14.59 -10.17 31.09
N ALA A 21 15.39 -9.76 30.11
CA ALA A 21 14.89 -8.86 29.05
C ALA A 21 13.78 -9.51 28.21
N ILE A 22 13.92 -10.81 27.88
CA ILE A 22 12.86 -11.51 27.15
C ILE A 22 11.52 -11.33 27.84
N ASN A 23 11.46 -11.63 29.14
CA ASN A 23 10.20 -11.59 29.86
C ASN A 23 9.70 -10.17 30.08
N GLN A 24 10.60 -9.25 30.42
CA GLN A 24 10.20 -7.88 30.65
C GLN A 24 9.62 -7.27 29.38
N TYR A 25 10.32 -7.45 28.25
CA TYR A 25 9.85 -6.89 26.99
C TYR A 25 8.58 -7.59 26.52
N PHE A 26 8.49 -8.91 26.71
CA PHE A 26 7.25 -9.57 26.35
C PHE A 26 6.07 -9.04 27.15
N LEU A 27 6.24 -8.90 28.46
CA LEU A 27 5.12 -8.38 29.25
C LEU A 27 4.80 -6.93 28.85
N HIS A 28 5.82 -6.09 28.69
CA HIS A 28 5.56 -4.72 28.25
C HIS A 28 4.80 -4.69 26.93
N SER A 29 5.22 -5.54 25.99
CA SER A 29 4.51 -5.63 24.71
C SER A 29 3.03 -5.92 24.91
N ARG A 30 2.72 -6.93 25.71
CA ARG A 30 1.33 -7.32 25.86
C ARG A 30 0.56 -6.33 26.71
N MET A 31 1.21 -5.64 27.64
CA MET A 31 0.57 -4.50 28.31
C MET A 31 0.17 -3.41 27.31
N TRP A 32 1.11 -3.00 26.45
CA TRP A 32 0.79 -1.99 25.45
C TRP A 32 -0.32 -2.45 24.51
N ASN A 33 -0.31 -3.72 24.10
CA ASN A 33 -1.41 -4.21 23.25
C ASN A 33 -2.73 -4.16 23.99
N ASP A 34 -2.74 -4.58 25.24
CA ASP A 34 -3.98 -4.50 26.03
C ASP A 34 -4.50 -3.06 26.10
N TRP A 35 -3.60 -2.09 26.18
CA TRP A 35 -4.03 -0.69 26.26
C TRP A 35 -4.38 -0.08 24.90
N GLY A 36 -4.24 -0.80 23.81
CA GLY A 36 -4.61 -0.24 22.53
C GLY A 36 -3.49 0.46 21.80
N LEU A 37 -2.27 0.38 22.33
CA LEU A 37 -1.07 0.98 21.76
C LEU A 37 -0.29 -0.09 20.99
N LYS A 38 -0.86 -0.48 19.86
CA LYS A 38 -0.41 -1.67 19.14
C LYS A 38 0.91 -1.44 18.41
N ARG A 39 1.22 -0.21 18.03
CA ARG A 39 2.53 0.03 17.43
C ARG A 39 3.63 -0.16 18.46
N LEU A 40 3.46 0.37 19.68
CA LEU A 40 4.38 0.09 20.77
C LEU A 40 4.43 -1.40 21.10
N GLY A 41 3.27 -2.04 21.15
CA GLY A 41 3.25 -3.47 21.44
C GLY A 41 4.01 -4.29 20.41
N ALA A 42 3.82 -3.99 19.12
CA ALA A 42 4.55 -4.69 18.06
C ALA A 42 6.06 -4.46 18.17
N HIS A 43 6.48 -3.20 18.35
CA HIS A 43 7.90 -2.92 18.41
C HIS A 43 8.53 -3.64 19.59
N GLU A 44 7.86 -3.62 20.74
CA GLU A 44 8.41 -4.27 21.94
C GLU A 44 8.40 -5.77 21.80
N TYR A 45 7.41 -6.32 21.10
CA TYR A 45 7.43 -7.74 20.78
C TYR A 45 8.68 -8.09 19.98
N HIS A 46 9.02 -7.28 18.98
CA HIS A 46 10.20 -7.56 18.19
C HIS A 46 11.49 -7.42 19.01
N GLU A 47 11.53 -6.50 19.98
CA GLU A 47 12.68 -6.47 20.90
C GLU A 47 12.76 -7.75 21.74
N SER A 48 11.63 -8.25 22.21
CA SER A 48 11.66 -9.51 22.96
C SER A 48 12.22 -10.65 22.11
N ILE A 49 11.74 -10.77 20.87
CA ILE A 49 12.22 -11.81 19.95
C ILE A 49 13.73 -11.69 19.74
N ASP A 50 14.20 -10.46 19.53
CA ASP A 50 15.64 -10.24 19.39
C ASP A 50 16.43 -10.80 20.56
N GLU A 51 15.94 -10.54 21.78
CA GLU A 51 16.65 -11.07 22.95
C GLU A 51 16.58 -12.58 22.97
N MET A 52 15.45 -13.16 22.56
CA MET A 52 15.36 -14.60 22.43
C MET A 52 16.45 -15.14 21.50
N LYS A 53 16.66 -14.46 20.36
CA LYS A 53 17.68 -14.94 19.43
C LYS A 53 19.08 -14.82 20.02
N HIS A 54 19.34 -13.74 20.76
CA HIS A 54 20.62 -13.61 21.47
C HIS A 54 20.80 -14.75 22.49
N ALA A 55 19.76 -14.99 23.29
CA ALA A 55 19.81 -16.07 24.28
C ALA A 55 20.12 -17.40 23.62
N ASP A 56 19.51 -17.69 22.46
CA ASP A 56 19.77 -18.92 21.72
C ASP A 56 21.25 -19.05 21.38
N LYS A 57 21.84 -17.97 20.85
CA LYS A 57 23.23 -18.04 20.44
C LYS A 57 24.14 -18.25 21.64
N LEU A 58 23.81 -17.62 22.78
CA LEU A 58 24.59 -17.83 24.00
C LEU A 58 24.48 -19.26 24.51
N ILE A 59 23.27 -19.82 24.50
CA ILE A 59 23.06 -21.21 24.92
C ILE A 59 23.90 -22.15 24.06
N GLU A 60 23.89 -21.93 22.74
CA GLU A 60 24.64 -22.79 21.83
C GLU A 60 26.14 -22.65 22.07
N ARG A 61 26.63 -21.43 22.26
CA ARG A 61 28.05 -21.23 22.54
C ARG A 61 28.45 -21.91 23.86
N ILE A 62 27.67 -21.72 24.91
CA ILE A 62 28.00 -22.34 26.20
C ILE A 62 28.05 -23.86 26.07
N LEU A 63 27.11 -24.46 25.33
CA LEU A 63 27.13 -25.91 25.17
C LEU A 63 28.35 -26.36 24.38
N PHE A 64 28.71 -25.60 23.32
CA PHE A 64 29.88 -25.98 22.55
C PHE A 64 31.13 -25.96 23.41
N LEU A 65 31.24 -24.99 24.31
CA LEU A 65 32.34 -24.86 25.26
C LEU A 65 32.23 -25.81 26.45
N GLU A 66 31.24 -26.71 26.44
CA GLU A 66 31.10 -27.76 27.44
C GLU A 66 30.74 -27.19 28.81
N GLY A 67 30.02 -26.07 28.81
CA GLY A 67 29.43 -25.56 30.02
C GLY A 67 27.95 -25.84 30.07
N LEU A 68 27.35 -25.46 31.21
CA LEU A 68 25.92 -25.62 31.46
C LEU A 68 25.22 -24.29 31.35
N PRO A 69 24.37 -24.09 30.34
CA PRO A 69 23.64 -22.81 30.23
C PRO A 69 22.64 -22.68 31.36
N ASN A 70 22.65 -21.53 32.04
CA ASN A 70 21.81 -21.37 33.21
C ASN A 70 20.50 -20.72 32.79
N LEU A 71 19.46 -21.53 32.63
CA LEU A 71 18.12 -20.99 32.39
C LEU A 71 17.24 -21.06 33.63
N GLN A 72 17.82 -21.39 34.79
CA GLN A 72 17.02 -21.59 36.00
C GLN A 72 16.91 -20.31 36.83
N ASP A 73 17.98 -19.55 36.94
CA ASP A 73 17.97 -18.33 37.74
C ASP A 73 17.44 -17.22 36.86
N LEU A 74 16.40 -16.56 37.35
CA LEU A 74 15.82 -15.39 36.70
C LEU A 74 15.96 -14.23 37.66
N GLY A 75 16.66 -13.19 37.23
CA GLY A 75 16.80 -11.99 38.01
C GLY A 75 15.53 -11.15 37.99
N LYS A 76 15.65 -9.94 38.55
CA LYS A 76 14.48 -9.12 38.81
C LYS A 76 13.99 -8.42 37.55
N LEU A 77 12.73 -8.64 37.19
CA LEU A 77 12.10 -7.92 36.09
C LEU A 77 11.73 -6.51 36.53
N LEU A 78 11.97 -5.55 35.66
CA LEU A 78 11.61 -4.14 35.91
C LEU A 78 10.37 -3.83 35.08
N ILE A 79 9.20 -3.90 35.71
CA ILE A 79 7.92 -3.70 35.02
C ILE A 79 7.40 -2.32 35.34
N GLY A 80 7.20 -1.48 34.32
CA GLY A 80 6.67 -0.15 34.61
C GLY A 80 5.16 -0.15 34.74
N GLU A 81 4.61 0.96 35.22
CA GLU A 81 3.16 1.10 35.34
C GLU A 81 2.57 2.03 34.28
N ASN A 82 3.41 2.67 33.47
CA ASN A 82 2.94 3.53 32.40
C ASN A 82 4.04 3.57 31.33
N THR A 83 3.71 4.18 30.19
CA THR A 83 4.60 4.07 29.03
C THR A 83 5.99 4.61 29.31
N GLN A 84 6.09 5.82 29.87
CA GLN A 84 7.42 6.37 30.14
C GLN A 84 8.22 5.50 31.09
N GLU A 85 7.57 5.00 32.15
CA GLU A 85 8.30 4.17 33.11
C GLU A 85 8.71 2.85 32.48
N MET A 86 7.83 2.28 31.65
CA MET A 86 8.19 1.04 30.95
C MET A 86 9.41 1.23 30.08
N LEU A 87 9.45 2.32 29.31
CA LEU A 87 10.62 2.60 28.48
C LEU A 87 11.86 2.79 29.34
N GLN A 88 11.73 3.53 30.47
CA GLN A 88 12.88 3.74 31.32
C GLN A 88 13.35 2.44 31.97
N CYS A 89 12.41 1.57 32.37
CA CYS A 89 12.80 0.25 32.88
C CYS A 89 13.58 -0.53 31.83
N ASP A 90 13.12 -0.51 30.58
CA ASP A 90 13.88 -1.19 29.53
C ASP A 90 15.28 -0.57 29.40
N LEU A 91 15.36 0.76 29.46
CA LEU A 91 16.66 1.40 29.29
C LEU A 91 17.60 1.05 30.46
N ASN A 92 17.09 1.08 31.68
CA ASN A 92 17.94 0.70 32.81
C ASN A 92 18.49 -0.72 32.64
N LEU A 93 17.64 -1.67 32.22
CA LEU A 93 18.10 -3.02 31.99
C LEU A 93 19.17 -3.06 30.91
N GLU A 94 18.94 -2.34 29.82
CA GLU A 94 19.91 -2.35 28.73
C GLU A 94 21.25 -1.78 29.16
N LEU A 95 21.24 -0.77 30.01
CA LEU A 95 22.51 -0.18 30.43
C LEU A 95 23.29 -1.13 31.34
N LYS A 96 22.60 -1.88 32.20
CA LYS A 96 23.26 -2.95 32.93
C LYS A 96 23.83 -4.00 31.98
N ALA A 97 23.03 -4.42 31.01
CA ALA A 97 23.45 -5.43 30.05
C ALA A 97 24.71 -5.02 29.28
N THR A 98 24.79 -3.76 28.86
CA THR A 98 25.97 -3.36 28.09
C THR A 98 27.21 -3.26 28.98
N LYS A 99 27.04 -2.83 30.22
CA LYS A 99 28.17 -2.87 31.15
C LYS A 99 28.70 -4.30 31.27
N ASP A 100 27.81 -5.26 31.47
CA ASP A 100 28.23 -6.65 31.62
C ASP A 100 28.83 -7.20 30.33
N LEU A 101 28.27 -6.83 29.17
CA LEU A 101 28.89 -7.23 27.90
C LEU A 101 30.33 -6.74 27.79
N ARG A 102 30.59 -5.50 28.19
CA ARG A 102 31.95 -4.97 28.08
C ARG A 102 32.92 -5.71 29.00
N GLU A 103 32.52 -5.97 30.25
CA GLU A 103 33.40 -6.74 31.14
C GLU A 103 33.70 -8.12 30.56
N ALA A 104 32.70 -8.77 29.97
CA ALA A 104 32.90 -10.10 29.41
C ALA A 104 33.84 -10.07 28.22
N ILE A 105 33.71 -9.05 27.36
CA ILE A 105 34.60 -8.94 26.22
C ILE A 105 36.05 -8.75 26.69
N VAL A 106 36.25 -7.93 27.73
CA VAL A 106 37.61 -7.77 28.25
C VAL A 106 38.19 -9.12 28.61
N HIS A 107 37.41 -9.95 29.30
CA HIS A 107 37.95 -11.24 29.73
C HIS A 107 38.13 -12.20 28.55
N CYS A 108 37.20 -12.22 27.60
CA CYS A 108 37.41 -13.06 26.41
C CYS A 108 38.71 -12.69 25.71
N GLU A 109 39.00 -11.39 25.60
CA GLU A 109 40.23 -10.93 24.95
C GLU A 109 41.46 -11.43 25.71
N GLN A 110 41.42 -11.32 27.03
CA GLN A 110 42.57 -11.71 27.85
C GLN A 110 42.93 -13.18 27.68
N VAL A 111 41.92 -14.06 27.57
CA VAL A 111 42.19 -15.49 27.46
C VAL A 111 42.12 -15.98 26.01
N HIS A 112 42.04 -15.07 25.05
CA HIS A 112 42.14 -15.36 23.61
C HIS A 112 40.94 -16.13 23.07
N ASP A 113 39.76 -15.95 23.65
CA ASP A 113 38.53 -16.56 23.13
C ASP A 113 37.90 -15.54 22.20
N TYR A 114 38.51 -15.42 21.03
CA TYR A 114 38.12 -14.39 20.08
C TYR A 114 36.75 -14.63 19.46
N VAL A 115 36.32 -15.89 19.34
CA VAL A 115 34.98 -16.17 18.80
C VAL A 115 33.91 -15.75 19.81
N SER A 116 34.09 -16.08 21.08
CA SER A 116 33.15 -15.58 22.08
C SER A 116 33.14 -14.05 22.09
N ARG A 117 34.31 -13.42 22.01
CA ARG A 117 34.34 -11.97 21.93
C ARG A 117 33.51 -11.48 20.76
N ASP A 118 33.67 -12.10 19.58
CA ASP A 118 32.93 -11.64 18.40
C ASP A 118 31.43 -11.78 18.59
N LEU A 119 30.97 -12.90 19.16
CA LEU A 119 29.54 -13.05 19.46
C LEU A 119 29.04 -11.96 20.39
N LEU A 120 29.78 -11.68 21.47
CA LEU A 120 29.37 -10.66 22.42
C LEU A 120 29.40 -9.27 21.78
N LYS A 121 30.36 -9.04 20.90
CA LYS A 121 30.37 -7.76 20.19
C LYS A 121 29.11 -7.58 19.35
N ASP A 122 28.68 -8.64 18.66
CA ASP A 122 27.47 -8.57 17.87
C ASP A 122 26.25 -8.30 18.75
N ILE A 123 26.17 -8.96 19.91
CA ILE A 123 25.07 -8.69 20.83
C ILE A 123 25.13 -7.26 21.34
N LEU A 124 26.33 -6.78 21.69
CA LEU A 124 26.51 -5.41 22.14
C LEU A 124 26.02 -4.42 21.09
N GLU A 125 26.29 -4.69 19.82
CA GLU A 125 25.79 -3.80 18.76
C GLU A 125 24.28 -3.74 18.77
N SER A 126 23.63 -4.91 18.92
CA SER A 126 22.18 -4.94 18.99
CA SER A 126 22.17 -4.95 19.00
C SER A 126 21.67 -4.20 20.23
N GLU A 127 22.32 -4.39 21.37
CA GLU A 127 21.85 -3.69 22.56
C GLU A 127 22.06 -2.17 22.46
N GLU A 128 23.15 -1.71 21.83
CA GLU A 128 23.29 -0.27 21.63
C GLU A 128 22.22 0.28 20.67
N GLU A 129 21.83 -0.49 19.64
CA GLU A 129 20.68 -0.09 18.82
C GLU A 129 19.42 0.02 19.69
N HIS A 130 19.21 -0.93 20.60
CA HIS A 130 18.03 -0.83 21.46
C HIS A 130 18.09 0.38 22.36
N ILE A 131 19.26 0.68 22.92
CA ILE A 131 19.41 1.90 23.73
C ILE A 131 19.06 3.13 22.90
N ASP A 132 19.50 3.18 21.66
CA ASP A 132 19.15 4.30 20.79
C ASP A 132 17.64 4.43 20.64
N TYR A 133 16.97 3.31 20.34
CA TYR A 133 15.52 3.32 20.21
C TYR A 133 14.87 3.88 21.47
N LEU A 134 15.28 3.38 22.64
CA LEU A 134 14.65 3.77 23.91
C LEU A 134 14.90 5.24 24.24
N GLU A 135 16.16 5.66 24.18
CA GLU A 135 16.49 7.07 24.42
C GLU A 135 15.70 7.97 23.48
N THR A 136 15.56 7.55 22.23
CA THR A 136 14.84 8.34 21.23
C THR A 136 13.35 8.43 21.56
N GLN A 137 12.74 7.33 22.01
CA GLN A 137 11.32 7.38 22.35
C GLN A 137 11.09 8.29 23.54
N LEU A 138 11.99 8.24 24.54
CA LEU A 138 11.87 9.13 25.68
C LEU A 138 12.03 10.59 25.27
N GLY A 139 12.99 10.88 24.38
CA GLY A 139 13.12 12.23 23.84
C GLY A 139 11.90 12.69 23.05
N LEU A 140 11.30 11.80 22.27
CA LEU A 140 10.10 12.17 21.49
C LEU A 140 8.94 12.52 22.39
N ILE A 141 8.76 11.76 23.47
CA ILE A 141 7.71 12.07 24.44
C ILE A 141 7.87 13.50 24.94
N GLN A 142 9.11 13.92 25.19
CA GLN A 142 9.34 15.30 25.62
C GLN A 142 9.02 16.28 24.51
N LYS A 143 9.37 15.94 23.25
CA LYS A 143 9.22 16.90 22.15
C LYS A 143 7.79 17.03 21.65
N VAL A 144 7.04 15.92 21.54
CA VAL A 144 5.69 16.00 20.99
C VAL A 144 4.62 15.88 22.09
N GLY A 145 5.00 15.60 23.32
CA GLY A 145 4.06 15.36 24.41
C GLY A 145 3.59 13.91 24.44
N LEU A 146 3.25 13.44 25.65
CA LEU A 146 2.85 12.05 25.82
C LEU A 146 1.58 11.73 25.04
N GLU A 147 0.59 12.61 25.06
CA GLU A 147 -0.66 12.29 24.39
C GLU A 147 -0.46 12.10 22.88
N ASN A 148 0.32 12.99 22.25
CA ASN A 148 0.62 12.80 20.83
C ASN A 148 1.48 11.58 20.61
N TYR A 149 2.46 11.36 21.47
CA TYR A 149 3.32 10.19 21.31
C TYR A 149 2.51 8.91 21.32
N LEU A 150 1.61 8.78 22.30
CA LEU A 150 0.76 7.60 22.39
C LEU A 150 -0.20 7.53 21.20
N GLN A 151 -0.74 8.67 20.80
CA GLN A 151 -1.64 8.67 19.65
C GLN A 151 -0.93 8.07 18.44
N SER A 152 0.33 8.45 18.21
CA SER A 152 1.10 7.97 17.08
C SER A 152 1.50 6.51 17.19
N HIS A 153 1.20 5.87 18.31
CA HIS A 153 1.53 4.46 18.49
C HIS A 153 0.30 3.61 18.73
N MET A 154 -0.89 4.14 18.39
CA MET A 154 -2.11 3.37 18.52
C MET A 154 -2.22 2.29 17.45
N HIS A 155 -1.91 2.64 16.20
CA HIS A 155 -2.14 1.76 15.05
C HIS A 155 -0.79 1.29 14.50
N GLU A 156 -0.70 0.01 14.14
CA GLU A 156 0.50 -0.46 13.44
C GLU A 156 0.55 0.14 12.03
N MET B 1 -1.37 -42.65 27.81
CA MET B 1 -1.73 -41.96 29.08
C MET B 1 -2.92 -42.71 29.69
N LYS B 2 -2.82 -43.20 30.92
CA LYS B 2 -3.85 -44.10 31.44
C LYS B 2 -5.17 -43.36 31.59
N GLY B 3 -6.19 -43.75 30.83
CA GLY B 3 -7.49 -43.14 30.95
C GLY B 3 -8.38 -43.80 32.01
N ASP B 4 -9.47 -43.10 32.32
CA ASP B 4 -10.52 -43.63 33.19
C ASP B 4 -11.19 -44.82 32.52
N LYS B 5 -11.32 -45.94 33.25
CA LYS B 5 -11.87 -47.16 32.67
C LYS B 5 -13.25 -46.92 32.08
N LYS B 6 -14.09 -46.17 32.79
CA LYS B 6 -15.46 -45.98 32.33
C LYS B 6 -15.55 -45.00 31.16
N VAL B 7 -14.65 -44.02 31.07
CA VAL B 7 -14.53 -43.22 29.85
C VAL B 7 -14.29 -44.15 28.66
N ILE B 8 -13.31 -45.05 28.80
CA ILE B 8 -13.00 -45.96 27.71
C ILE B 8 -14.21 -46.80 27.35
N GLN B 9 -14.98 -47.25 28.34
CA GLN B 9 -16.15 -48.02 28.04
C GLN B 9 -17.17 -47.20 27.28
N HIS B 10 -17.33 -45.92 27.67
CA HIS B 10 -18.22 -45.03 26.94
C HIS B 10 -17.73 -44.82 25.51
N LEU B 11 -16.42 -44.60 25.35
CA LEU B 11 -15.89 -44.40 24.00
C LEU B 11 -16.10 -45.66 23.15
N ASN B 12 -15.93 -46.84 23.75
CA ASN B 12 -16.23 -48.06 23.00
C ASN B 12 -17.71 -48.19 22.68
N LYS B 13 -18.59 -47.71 23.57
CA LYS B 13 -20.00 -47.73 23.26
C LYS B 13 -20.32 -46.83 22.08
N ILE B 14 -19.77 -45.62 22.08
CA ILE B 14 -19.98 -44.70 20.97
C ILE B 14 -19.43 -45.30 19.68
N LEU B 15 -18.23 -45.87 19.77
CA LEU B 15 -17.62 -46.54 18.62
C LEU B 15 -18.52 -47.63 18.10
N GLY B 16 -19.15 -48.38 19.01
CA GLY B 16 -20.08 -49.40 18.59
C GLY B 16 -21.25 -48.85 17.79
N ASN B 17 -21.78 -47.70 18.20
CA ASN B 17 -22.85 -47.08 17.43
C ASN B 17 -22.35 -46.63 16.07
N GLU B 18 -21.14 -46.06 16.02
CA GLU B 18 -20.59 -45.61 14.75
C GLU B 18 -20.39 -46.78 13.79
N LEU B 19 -19.96 -47.94 14.31
CA LEU B 19 -19.76 -49.11 13.44
C LEU B 19 -21.08 -49.59 12.86
N ILE B 20 -22.15 -49.59 13.65
CA ILE B 20 -23.47 -49.91 13.09
C ILE B 20 -23.82 -48.92 11.98
N ALA B 21 -23.65 -47.63 12.26
CA ALA B 21 -24.05 -46.60 11.30
C ALA B 21 -23.24 -46.67 10.01
N ILE B 22 -21.92 -46.90 10.11
CA ILE B 22 -21.13 -47.08 8.89
C ILE B 22 -21.80 -48.08 7.96
N ASN B 23 -22.10 -49.28 8.47
CA ASN B 23 -22.66 -50.34 7.63
C ASN B 23 -24.08 -50.03 7.20
N GLN B 24 -24.91 -49.54 8.12
CA GLN B 24 -26.28 -49.23 7.75
C GLN B 24 -26.33 -48.14 6.68
N TYR B 25 -25.54 -47.09 6.84
CA TYR B 25 -25.59 -46.04 5.84
C TYR B 25 -24.98 -46.50 4.53
N PHE B 26 -23.89 -47.28 4.61
CA PHE B 26 -23.28 -47.74 3.36
C PHE B 26 -24.25 -48.63 2.60
N LEU B 27 -24.93 -49.56 3.28
CA LEU B 27 -25.90 -50.42 2.59
C LEU B 27 -27.04 -49.59 2.02
N HIS B 28 -27.58 -48.65 2.80
CA HIS B 28 -28.66 -47.81 2.29
C HIS B 28 -28.21 -47.03 1.08
N SER B 29 -26.98 -46.52 1.10
CA SER B 29 -26.43 -45.78 -0.04
C SER B 29 -26.43 -46.65 -1.29
N ARG B 30 -25.95 -47.88 -1.16
CA ARG B 30 -25.84 -48.72 -2.34
C ARG B 30 -27.20 -49.22 -2.80
N MET B 31 -28.13 -49.39 -1.87
CA MET B 31 -29.50 -49.70 -2.30
C MET B 31 -30.07 -48.57 -3.13
N TRP B 32 -29.92 -47.34 -2.64
CA TRP B 32 -30.45 -46.20 -3.38
C TRP B 32 -29.80 -46.07 -4.75
N ASN B 33 -28.50 -46.28 -4.84
CA ASN B 33 -27.85 -46.25 -6.16
C ASN B 33 -28.42 -47.34 -7.07
N ASP B 34 -28.56 -48.56 -6.54
CA ASP B 34 -29.13 -49.67 -7.33
C ASP B 34 -30.51 -49.31 -7.87
N TRP B 35 -31.30 -48.56 -7.09
CA TRP B 35 -32.65 -48.18 -7.52
C TRP B 35 -32.67 -46.96 -8.42
N GLY B 36 -31.52 -46.39 -8.75
CA GLY B 36 -31.49 -45.20 -9.59
C GLY B 36 -31.73 -43.91 -8.84
N LEU B 37 -31.74 -43.95 -7.49
CA LEU B 37 -31.90 -42.73 -6.68
C LEU B 37 -30.51 -42.25 -6.25
N LYS B 38 -29.75 -41.80 -7.25
CA LYS B 38 -28.32 -41.55 -7.05
C LYS B 38 -28.03 -40.33 -6.20
N ARG B 39 -28.92 -39.36 -6.11
CA ARG B 39 -28.64 -38.24 -5.21
C ARG B 39 -28.77 -38.69 -3.76
N LEU B 40 -29.75 -39.56 -3.45
CA LEU B 40 -29.81 -40.15 -2.11
C LEU B 40 -28.60 -41.05 -1.86
N GLY B 41 -28.23 -41.87 -2.85
CA GLY B 41 -27.08 -42.74 -2.68
C GLY B 41 -25.80 -41.98 -2.39
N ALA B 42 -25.58 -40.88 -3.11
CA ALA B 42 -24.37 -40.08 -2.89
C ALA B 42 -24.38 -39.42 -1.52
N HIS B 43 -25.51 -38.86 -1.12
CA HIS B 43 -25.57 -38.23 0.19
C HIS B 43 -25.39 -39.25 1.31
N GLU B 44 -26.02 -40.42 1.18
CA GLU B 44 -25.89 -41.44 2.21
C GLU B 44 -24.47 -42.00 2.26
N TYR B 45 -23.81 -42.08 1.11
CA TYR B 45 -22.40 -42.46 1.07
C TYR B 45 -21.55 -41.51 1.90
N HIS B 46 -21.76 -40.19 1.74
CA HIS B 46 -20.99 -39.23 2.52
C HIS B 46 -21.35 -39.29 4.02
N GLU B 47 -22.59 -39.60 4.38
CA GLU B 47 -22.91 -39.87 5.79
C GLU B 47 -22.08 -41.04 6.31
N SER B 48 -22.00 -42.14 5.53
CA SER B 48 -21.22 -43.30 5.93
C SER B 48 -19.75 -42.93 6.14
N ILE B 49 -19.15 -42.21 5.19
CA ILE B 49 -17.76 -41.77 5.34
C ILE B 49 -17.59 -40.92 6.60
N ASP B 50 -18.50 -39.98 6.83
CA ASP B 50 -18.44 -39.17 8.05
C ASP B 50 -18.39 -40.04 9.30
N GLU B 51 -19.19 -41.13 9.36
CA GLU B 51 -19.13 -42.01 10.52
C GLU B 51 -17.83 -42.77 10.60
N MET B 52 -17.25 -43.13 9.45
CA MET B 52 -15.93 -43.76 9.46
C MET B 52 -14.89 -42.83 10.07
N LYS B 53 -14.93 -41.54 9.71
CA LYS B 53 -14.00 -40.59 10.28
C LYS B 53 -14.20 -40.46 11.79
N HIS B 54 -15.45 -40.46 12.27
CA HIS B 54 -15.65 -40.39 13.72
C HIS B 54 -15.10 -41.64 14.40
N ALA B 55 -15.36 -42.81 13.81
CA ALA B 55 -14.84 -44.06 14.36
C ALA B 55 -13.33 -44.03 14.45
N ASP B 56 -12.65 -43.53 13.42
CA ASP B 56 -11.21 -43.41 13.45
C ASP B 56 -10.76 -42.59 14.66
N LYS B 57 -11.34 -41.41 14.83
CA LYS B 57 -10.97 -40.56 15.95
C LYS B 57 -11.19 -41.27 17.29
N LEU B 58 -12.28 -42.03 17.40
CA LEU B 58 -12.55 -42.72 18.67
C LEU B 58 -11.53 -43.81 18.93
N ILE B 59 -11.21 -44.59 17.91
CA ILE B 59 -10.22 -45.64 18.04
C ILE B 59 -8.89 -45.05 18.46
N GLU B 60 -8.50 -43.94 17.83
CA GLU B 60 -7.24 -43.30 18.16
C GLU B 60 -7.22 -42.82 19.60
N ARG B 61 -8.30 -42.20 20.06
CA ARG B 61 -8.38 -41.74 21.46
C ARG B 61 -8.32 -42.89 22.45
N ILE B 62 -9.08 -43.97 22.19
CA ILE B 62 -9.06 -45.14 23.07
C ILE B 62 -7.64 -45.69 23.21
N LEU B 63 -6.91 -45.82 22.09
CA LEU B 63 -5.55 -46.34 22.19
C LEU B 63 -4.65 -45.40 22.98
N PHE B 64 -4.77 -44.09 22.74
CA PHE B 64 -3.97 -43.14 23.52
C PHE B 64 -4.23 -43.32 25.02
N LEU B 65 -5.48 -43.51 25.40
CA LEU B 65 -5.88 -43.72 26.79
C LEU B 65 -5.61 -45.16 27.26
N GLU B 66 -4.91 -45.95 26.45
CA GLU B 66 -4.43 -47.30 26.81
C GLU B 66 -5.57 -48.29 27.02
N GLY B 67 -6.68 -48.10 26.31
CA GLY B 67 -7.74 -49.08 26.22
C GLY B 67 -7.65 -49.89 24.93
N LEU B 68 -8.55 -50.87 24.85
CA LEU B 68 -8.66 -51.74 23.68
C LEU B 68 -9.90 -51.36 22.90
N PRO B 69 -9.76 -50.81 21.69
CA PRO B 69 -10.94 -50.49 20.90
C PRO B 69 -11.65 -51.76 20.49
N ASN B 70 -12.96 -51.76 20.59
CA ASN B 70 -13.77 -52.92 20.30
C ASN B 70 -14.37 -52.77 18.91
N LEU B 71 -13.74 -53.38 17.91
CA LEU B 71 -14.32 -53.44 16.57
C LEU B 71 -14.96 -54.79 16.28
N GLN B 72 -15.13 -55.64 17.30
CA GLN B 72 -15.62 -57.00 17.12
C GLN B 72 -17.13 -57.12 17.28
N ASP B 73 -17.70 -56.38 18.22
CA ASP B 73 -19.12 -56.46 18.50
C ASP B 73 -19.84 -55.49 17.57
N LEU B 74 -20.73 -56.02 16.76
CA LEU B 74 -21.53 -55.22 15.84
C LEU B 74 -22.98 -55.39 16.25
N GLY B 75 -23.64 -54.30 16.63
CA GLY B 75 -25.03 -54.33 16.99
C GLY B 75 -25.94 -54.41 15.78
N LYS B 76 -27.22 -54.30 16.06
CA LYS B 76 -28.25 -54.56 15.06
C LYS B 76 -28.36 -53.42 14.05
N LEU B 77 -28.17 -53.77 12.77
CA LEU B 77 -28.42 -52.84 11.68
C LEU B 77 -29.91 -52.67 11.46
N LEU B 78 -30.34 -51.44 11.25
CA LEU B 78 -31.74 -51.11 10.97
C LEU B 78 -31.84 -50.81 9.49
N ILE B 79 -32.26 -51.80 8.69
CA ILE B 79 -32.29 -51.68 7.23
C ILE B 79 -33.75 -51.52 6.80
N GLY B 80 -34.05 -50.46 6.04
CA GLY B 80 -35.40 -50.30 5.55
C GLY B 80 -35.66 -51.07 4.27
N GLU B 81 -36.94 -51.14 3.88
CA GLU B 81 -37.35 -51.78 2.63
C GLU B 81 -37.79 -50.78 1.57
N ASN B 82 -37.90 -49.51 1.90
CA ASN B 82 -38.21 -48.45 0.95
C ASN B 82 -37.63 -47.16 1.52
N THR B 83 -37.65 -46.12 0.68
CA THR B 83 -36.97 -44.87 1.03
C THR B 83 -37.47 -44.30 2.36
N GLN B 84 -38.79 -44.22 2.53
CA GLN B 84 -39.29 -43.64 3.76
C GLN B 84 -38.81 -44.41 4.98
N GLU B 85 -38.86 -45.76 4.91
CA GLU B 85 -38.41 -46.59 6.03
C GLU B 85 -36.92 -46.46 6.26
N MET B 86 -36.13 -46.40 5.18
CA MET B 86 -34.69 -46.29 5.34
C MET B 86 -34.33 -44.99 6.07
N LEU B 87 -34.95 -43.88 5.67
CA LEU B 87 -34.74 -42.61 6.36
C LEU B 87 -35.13 -42.71 7.83
N GLN B 88 -36.27 -43.32 8.12
CA GLN B 88 -36.68 -43.46 9.50
C GLN B 88 -35.73 -44.37 10.28
N CYS B 89 -35.21 -45.42 9.65
CA CYS B 89 -34.24 -46.28 10.32
C CYS B 89 -32.98 -45.50 10.68
N ASP B 90 -32.48 -44.69 9.75
CA ASP B 90 -31.33 -43.83 10.05
C ASP B 90 -31.65 -42.88 11.21
N LEU B 91 -32.83 -42.26 11.18
CA LEU B 91 -33.20 -41.34 12.25
C LEU B 91 -33.26 -42.06 13.60
N ASN B 92 -33.87 -43.25 13.66
CA ASN B 92 -33.91 -44.00 14.91
C ASN B 92 -32.51 -44.29 15.41
N LEU B 93 -31.61 -44.71 14.52
CA LEU B 93 -30.23 -44.96 14.93
C LEU B 93 -29.57 -43.70 15.47
N GLU B 94 -29.79 -42.55 14.80
CA GLU B 94 -29.15 -41.31 15.22
C GLU B 94 -29.66 -40.84 16.58
N LEU B 95 -30.95 -41.03 16.85
CA LEU B 95 -31.48 -40.65 18.15
C LEU B 95 -30.88 -41.49 19.28
N LYS B 96 -30.64 -42.77 19.02
CA LYS B 96 -29.91 -43.56 20.00
C LYS B 96 -28.48 -43.07 20.16
N ALA B 97 -27.84 -42.69 19.04
CA ALA B 97 -26.45 -42.27 19.10
C ALA B 97 -26.30 -41.03 19.96
N THR B 98 -27.19 -40.05 19.77
CA THR B 98 -27.05 -38.79 20.49
C THR B 98 -27.38 -38.96 21.97
N LYS B 99 -28.34 -39.83 22.30
CA LYS B 99 -28.56 -40.15 23.71
C LYS B 99 -27.28 -40.69 24.33
N ASP B 100 -26.61 -41.61 23.65
CA ASP B 100 -25.43 -42.23 24.23
C ASP B 100 -24.28 -41.23 24.29
N LEU B 101 -24.17 -40.34 23.29
CA LEU B 101 -23.15 -39.30 23.33
C LEU B 101 -23.34 -38.39 24.55
N ARG B 102 -24.58 -37.97 24.83
CA ARG B 102 -24.81 -37.10 25.98
C ARG B 102 -24.40 -37.77 27.27
N GLU B 103 -24.74 -39.07 27.43
CA GLU B 103 -24.35 -39.75 28.66
C GLU B 103 -22.84 -39.87 28.77
N ALA B 104 -22.16 -40.06 27.64
CA ALA B 104 -20.69 -40.16 27.69
C ALA B 104 -20.05 -38.81 28.04
N ILE B 105 -20.63 -37.73 27.56
CA ILE B 105 -20.09 -36.40 27.87
C ILE B 105 -20.24 -36.10 29.35
N VAL B 106 -21.42 -36.39 29.93
CA VAL B 106 -21.62 -36.22 31.37
C VAL B 106 -20.47 -36.88 32.14
N HIS B 107 -20.17 -38.11 31.78
CA HIS B 107 -19.15 -38.86 32.50
C HIS B 107 -17.77 -38.27 32.29
N CYS B 108 -17.42 -37.91 31.05
CA CYS B 108 -16.13 -37.27 30.83
C CYS B 108 -15.98 -36.03 31.68
N GLU B 109 -17.04 -35.21 31.77
CA GLU B 109 -16.99 -34.00 32.59
C GLU B 109 -16.73 -34.36 34.05
N GLN B 110 -17.41 -35.39 34.55
CA GLN B 110 -17.27 -35.78 35.95
C GLN B 110 -15.84 -36.18 36.31
N VAL B 111 -15.15 -36.89 35.42
CA VAL B 111 -13.80 -37.33 35.72
C VAL B 111 -12.76 -36.38 35.13
N HIS B 112 -13.17 -35.22 34.60
CA HIS B 112 -12.29 -34.15 34.14
C HIS B 112 -11.51 -34.54 32.90
N ASP B 113 -12.06 -35.44 32.08
CA ASP B 113 -11.44 -35.79 30.79
C ASP B 113 -12.03 -34.83 29.75
N TYR B 114 -11.53 -33.61 29.77
CA TYR B 114 -12.10 -32.54 28.96
C TYR B 114 -11.78 -32.70 27.48
N VAL B 115 -10.69 -33.40 27.16
CA VAL B 115 -10.36 -33.63 25.74
C VAL B 115 -11.30 -34.68 25.15
N SER B 116 -11.59 -35.77 25.88
CA SER B 116 -12.58 -36.72 25.38
C SER B 116 -13.94 -36.06 25.23
N ARG B 117 -14.32 -35.20 26.19
CA ARG B 117 -15.57 -34.46 26.05
C ARG B 117 -15.58 -33.65 24.77
N ASP B 118 -14.47 -32.97 24.48
CA ASP B 118 -14.45 -32.09 23.31
C ASP B 118 -14.61 -32.92 22.03
N LEU B 119 -13.95 -34.08 21.97
CA LEU B 119 -14.14 -34.97 20.82
C LEU B 119 -15.59 -35.38 20.69
N LEU B 120 -16.21 -35.77 21.81
CA LEU B 120 -17.56 -36.29 21.73
C LEU B 120 -18.54 -35.20 21.38
N LYS B 121 -18.28 -33.96 21.83
CA LYS B 121 -19.12 -32.84 21.47
C LYS B 121 -19.06 -32.59 19.96
N ASP B 122 -17.85 -32.65 19.36
CA ASP B 122 -17.74 -32.49 17.91
C ASP B 122 -18.52 -33.58 17.17
N ILE B 123 -18.44 -34.81 17.66
CA ILE B 123 -19.23 -35.90 17.05
C ILE B 123 -20.71 -35.61 17.22
N LEU B 124 -21.11 -35.15 18.41
CA LEU B 124 -22.52 -34.84 18.63
C LEU B 124 -23.01 -33.74 17.68
N GLU B 125 -22.20 -32.70 17.45
CA GLU B 125 -22.58 -31.69 16.48
C GLU B 125 -22.83 -32.30 15.09
N SER B 126 -21.96 -33.21 14.65
CA SER B 126 -22.17 -33.87 13.37
CA SER B 126 -22.18 -33.87 13.37
C SER B 126 -23.45 -34.71 13.37
N GLU B 127 -23.74 -35.41 14.47
CA GLU B 127 -24.93 -36.26 14.48
C GLU B 127 -26.20 -35.41 14.49
N GLU B 128 -26.20 -34.28 15.21
CA GLU B 128 -27.36 -33.39 15.16
C GLU B 128 -27.57 -32.81 13.76
N GLU B 129 -26.48 -32.50 13.03
CA GLU B 129 -26.65 -32.11 11.63
C GLU B 129 -27.31 -33.24 10.82
N HIS B 130 -26.89 -34.48 11.06
CA HIS B 130 -27.52 -35.61 10.36
C HIS B 130 -28.99 -35.75 10.74
N ILE B 131 -29.32 -35.55 12.01
CA ILE B 131 -30.72 -35.59 12.43
C ILE B 131 -31.51 -34.53 11.69
N ASP B 132 -30.99 -33.32 11.60
CA ASP B 132 -31.68 -32.26 10.85
C ASP B 132 -31.93 -32.67 9.40
N TYR B 133 -30.89 -33.20 8.75
CA TYR B 133 -31.04 -33.67 7.38
C TYR B 133 -32.19 -34.68 7.27
N LEU B 134 -32.20 -35.67 8.17
CA LEU B 134 -33.19 -36.75 8.09
C LEU B 134 -34.60 -36.24 8.36
N GLU B 135 -34.76 -35.44 9.43
CA GLU B 135 -36.07 -34.87 9.72
C GLU B 135 -36.57 -34.05 8.55
N THR B 136 -35.66 -33.33 7.91
CA THR B 136 -36.04 -32.50 6.78
C THR B 136 -36.47 -33.35 5.59
N GLN B 137 -35.78 -34.45 5.33
CA GLN B 137 -36.18 -35.30 4.21
C GLN B 137 -37.57 -35.89 4.46
N LEU B 138 -37.82 -36.37 5.69
CA LEU B 138 -39.14 -36.92 5.98
C LEU B 138 -40.23 -35.87 5.86
N GLY B 139 -39.93 -34.64 6.26
CA GLY B 139 -40.89 -33.56 6.06
C GLY B 139 -41.09 -33.22 4.60
N LEU B 140 -40.03 -33.22 3.80
CA LEU B 140 -40.20 -32.94 2.38
C LEU B 140 -41.08 -33.99 1.71
N ILE B 141 -40.96 -35.25 2.13
CA ILE B 141 -41.82 -36.28 1.53
C ILE B 141 -43.29 -35.90 1.73
N GLN B 142 -43.64 -35.40 2.91
CA GLN B 142 -45.00 -34.95 3.16
C GLN B 142 -45.40 -33.73 2.33
N LYS B 143 -44.46 -32.80 2.11
CA LYS B 143 -44.81 -31.54 1.46
C LYS B 143 -44.86 -31.66 -0.06
N VAL B 144 -43.95 -32.43 -0.66
CA VAL B 144 -43.92 -32.47 -2.12
C VAL B 144 -44.52 -33.77 -2.66
N GLY B 145 -44.78 -34.74 -1.81
CA GLY B 145 -45.27 -36.04 -2.21
C GLY B 145 -44.12 -36.99 -2.45
N LEU B 146 -44.38 -38.28 -2.22
CA LEU B 146 -43.31 -39.27 -2.32
C LEU B 146 -42.75 -39.35 -3.73
N GLU B 147 -43.62 -39.28 -4.75
CA GLU B 147 -43.15 -39.45 -6.13
C GLU B 147 -42.23 -38.30 -6.55
N ASN B 148 -42.64 -37.06 -6.27
CA ASN B 148 -41.78 -35.89 -6.49
C ASN B 148 -40.51 -35.99 -5.67
N TYR B 149 -40.60 -36.41 -4.40
CA TYR B 149 -39.40 -36.49 -3.58
C TYR B 149 -38.39 -37.44 -4.21
N LEU B 150 -38.85 -38.60 -4.64
CA LEU B 150 -37.95 -39.56 -5.28
C LEU B 150 -37.44 -39.02 -6.60
N GLN B 151 -38.31 -38.41 -7.40
CA GLN B 151 -37.88 -37.84 -8.66
C GLN B 151 -36.73 -36.87 -8.47
N SER B 152 -36.84 -35.99 -7.46
CA SER B 152 -35.80 -35.02 -7.18
C SER B 152 -34.50 -35.65 -6.70
N HIS B 153 -34.50 -36.94 -6.38
CA HIS B 153 -33.29 -37.60 -5.91
C HIS B 153 -32.77 -38.65 -6.90
N MET B 154 -33.26 -38.62 -8.14
CA MET B 154 -32.77 -39.54 -9.16
C MET B 154 -31.35 -39.18 -9.62
N HIS B 155 -31.13 -37.93 -10.01
CA HIS B 155 -29.87 -37.49 -10.58
C HIS B 155 -29.04 -36.70 -9.57
N GLU B 156 -27.73 -36.92 -9.58
CA GLU B 156 -26.87 -36.40 -8.49
C GLU B 156 -26.71 -34.89 -8.49
N MET C 1 -33.54 21.70 -30.54
CA MET C 1 -34.95 21.59 -30.07
C MET C 1 -35.28 22.84 -29.25
N LYS C 2 -36.23 23.64 -29.71
CA LYS C 2 -36.46 24.94 -29.06
C LYS C 2 -36.94 24.76 -27.64
N GLY C 3 -36.18 25.29 -26.68
CA GLY C 3 -36.54 25.19 -25.28
C GLY C 3 -37.43 26.35 -24.78
N ASP C 4 -38.00 26.15 -23.60
CA ASP C 4 -38.75 27.17 -22.89
C ASP C 4 -37.82 28.30 -22.47
N LYS C 5 -38.20 29.55 -22.76
CA LYS C 5 -37.32 30.69 -22.51
C LYS C 5 -36.90 30.77 -21.05
N LYS C 6 -37.86 30.61 -20.14
CA LYS C 6 -37.57 30.73 -18.72
C LYS C 6 -36.76 29.55 -18.20
N VAL C 7 -36.99 28.34 -18.73
CA VAL C 7 -36.08 27.24 -18.42
C VAL C 7 -34.64 27.65 -18.71
N ILE C 8 -34.41 28.18 -19.92
CA ILE C 8 -33.05 28.53 -20.32
C ILE C 8 -32.50 29.60 -19.41
N GLN C 9 -33.34 30.55 -19.00
CA GLN C 9 -32.90 31.56 -18.03
C GLN C 9 -32.52 30.91 -16.71
N HIS C 10 -33.31 29.93 -16.25
CA HIS C 10 -32.95 29.21 -15.03
C HIS C 10 -31.65 28.45 -15.21
N LEU C 11 -31.47 27.78 -16.36
CA LEU C 11 -30.23 27.03 -16.57
C LEU C 11 -29.02 27.95 -16.58
N ASN C 12 -29.17 29.13 -17.19
CA ASN C 12 -28.08 30.11 -17.16
C ASN C 12 -27.81 30.65 -15.76
N LYS C 13 -28.84 30.73 -14.92
CA LYS C 13 -28.59 31.18 -13.56
C LYS C 13 -27.84 30.11 -12.77
N ILE C 14 -28.24 28.84 -12.93
CA ILE C 14 -27.49 27.73 -12.33
C ILE C 14 -26.06 27.72 -12.86
N LEU C 15 -25.90 27.90 -14.17
CA LEU C 15 -24.56 27.99 -14.74
C LEU C 15 -23.74 29.10 -14.09
N GLY C 16 -24.33 30.29 -13.91
CA GLY C 16 -23.62 31.36 -13.24
C GLY C 16 -23.14 30.98 -11.85
N ASN C 17 -23.97 30.26 -11.09
CA ASN C 17 -23.55 29.81 -9.76
C ASN C 17 -22.37 28.85 -9.87
N GLU C 18 -22.41 27.93 -10.84
CA GLU C 18 -21.33 26.96 -10.97
C GLU C 18 -20.04 27.65 -11.36
N LEU C 19 -20.12 28.70 -12.20
CA LEU C 19 -18.92 29.42 -12.60
C LEU C 19 -18.27 30.13 -11.42
N ILE C 20 -19.07 30.73 -10.52
CA ILE C 20 -18.50 31.23 -9.28
C ILE C 20 -17.81 30.13 -8.51
N ALA C 21 -18.52 29.01 -8.32
CA ALA C 21 -18.00 27.91 -7.52
C ALA C 21 -16.69 27.36 -8.08
N ILE C 22 -16.60 27.19 -9.40
CA ILE C 22 -15.36 26.69 -9.99
C ILE C 22 -14.18 27.54 -9.50
N ASN C 23 -14.29 28.85 -9.66
CA ASN C 23 -13.17 29.74 -9.33
C ASN C 23 -12.93 29.83 -7.82
N GLN C 24 -14.00 29.89 -7.03
CA GLN C 24 -13.85 29.98 -5.59
C GLN C 24 -13.16 28.73 -5.04
N TYR C 25 -13.65 27.55 -5.44
CA TYR C 25 -13.04 26.31 -4.99
C TYR C 25 -11.62 26.15 -5.54
N PHE C 26 -11.38 26.56 -6.79
CA PHE C 26 -10.03 26.39 -7.31
C PHE C 26 -9.03 27.26 -6.55
N LEU C 27 -9.39 28.51 -6.26
CA LEU C 27 -8.53 29.39 -5.46
C LEU C 27 -8.35 28.83 -4.04
N HIS C 28 -9.45 28.42 -3.38
CA HIS C 28 -9.31 27.85 -2.04
C HIS C 28 -8.37 26.65 -2.07
N SER C 29 -8.53 25.78 -3.07
CA SER C 29 -7.64 24.62 -3.22
C SER C 29 -6.18 25.04 -3.23
N ARG C 30 -5.86 26.02 -4.09
CA ARG C 30 -4.46 26.40 -4.26
C ARG C 30 -3.92 27.15 -3.03
N MET C 31 -4.78 27.91 -2.34
CA MET C 31 -4.40 28.50 -1.05
C MET C 31 -4.02 27.43 -0.04
N TRP C 32 -4.88 26.41 0.13
CA TRP C 32 -4.56 25.32 1.04
C TRP C 32 -3.29 24.61 0.64
N ASN C 33 -3.08 24.32 -0.66
CA ASN C 33 -1.82 23.71 -1.04
C ASN C 33 -0.64 24.60 -0.70
N ASP C 34 -0.73 25.91 -1.00
CA ASP C 34 0.35 26.84 -0.67
C ASP C 34 0.66 26.82 0.82
N TRP C 35 -0.37 26.68 1.66
CA TRP C 35 -0.17 26.62 3.11
C TRP C 35 0.33 25.26 3.59
N GLY C 36 0.42 24.27 2.71
CA GLY C 36 0.86 22.96 3.13
C GLY C 36 -0.24 22.08 3.65
N LEU C 37 -1.49 22.46 3.45
CA LEU C 37 -2.63 21.64 3.84
C LEU C 37 -3.12 20.88 2.61
N LYS C 38 -2.29 19.90 2.22
CA LYS C 38 -2.43 19.27 0.90
C LYS C 38 -3.66 18.38 0.81
N ARG C 39 -4.10 17.78 1.92
CA ARG C 39 -5.31 16.97 1.83
C ARG C 39 -6.55 17.83 1.60
N LEU C 40 -6.59 19.00 2.23
CA LEU C 40 -7.67 19.96 1.97
C LEU C 40 -7.55 20.49 0.54
N GLY C 41 -6.33 20.81 0.13
CA GLY C 41 -6.09 21.23 -1.25
C GLY C 41 -6.61 20.24 -2.28
N ALA C 42 -6.29 18.95 -2.11
CA ALA C 42 -6.69 17.97 -3.09
C ALA C 42 -8.21 17.80 -3.09
N HIS C 43 -8.82 17.79 -1.91
CA HIS C 43 -10.26 17.62 -1.87
C HIS C 43 -10.98 18.79 -2.52
N GLU C 44 -10.52 20.01 -2.24
CA GLU C 44 -11.16 21.19 -2.81
C GLU C 44 -10.95 21.25 -4.32
N TYR C 45 -9.80 20.77 -4.80
CA TYR C 45 -9.58 20.64 -6.24
C TYR C 45 -10.63 19.76 -6.87
N HIS C 46 -10.87 18.58 -6.29
CA HIS C 46 -11.88 17.70 -6.86
C HIS C 46 -13.27 18.32 -6.79
N GLU C 47 -13.56 19.13 -5.77
CA GLU C 47 -14.83 19.86 -5.76
C GLU C 47 -14.91 20.85 -6.93
N SER C 48 -13.80 21.52 -7.23
CA SER C 48 -13.79 22.44 -8.36
C SER C 48 -14.03 21.71 -9.68
N ILE C 49 -13.35 20.58 -9.88
CA ILE C 49 -13.55 19.76 -11.08
C ILE C 49 -15.01 19.33 -11.21
N ASP C 50 -15.63 18.93 -10.10
CA ASP C 50 -17.01 18.47 -10.20
CA ASP C 50 -17.02 18.47 -10.14
C ASP C 50 -17.94 19.58 -10.65
N GLU C 51 -17.73 20.81 -10.19
CA GLU C 51 -18.51 21.95 -10.67
C GLU C 51 -18.23 22.25 -12.13
N MET C 52 -16.99 22.07 -12.58
CA MET C 52 -16.67 22.18 -13.99
C MET C 52 -17.48 21.19 -14.82
N LYS C 53 -17.59 19.95 -14.32
CA LYS C 53 -18.39 18.95 -15.02
C LYS C 53 -19.87 19.33 -15.04
N HIS C 54 -20.40 19.87 -13.94
CA HIS C 54 -21.80 20.33 -13.96
C HIS C 54 -21.98 21.46 -14.96
N ALA C 55 -21.02 22.39 -15.01
CA ALA C 55 -21.13 23.54 -15.90
C ALA C 55 -21.14 23.07 -17.34
N ASP C 56 -20.29 22.08 -17.66
CA ASP C 56 -20.29 21.51 -19.01
C ASP C 56 -21.66 20.98 -19.37
N LYS C 57 -22.29 20.21 -18.47
CA LYS C 57 -23.59 19.65 -18.78
C LYS C 57 -24.64 20.73 -18.98
N LEU C 58 -24.57 21.80 -18.18
CA LEU C 58 -25.51 22.91 -18.36
C LEU C 58 -25.30 23.61 -19.69
N ILE C 59 -24.04 23.90 -20.06
CA ILE C 59 -23.74 24.51 -21.34
C ILE C 59 -24.28 23.65 -22.48
N GLU C 60 -24.06 22.34 -22.41
CA GLU C 60 -24.52 21.44 -23.47
C GLU C 60 -26.04 21.44 -23.58
N ARG C 61 -26.72 21.43 -22.44
CA ARG C 61 -28.18 21.45 -22.44
C ARG C 61 -28.72 22.77 -23.00
N ILE C 62 -28.17 23.91 -22.55
CA ILE C 62 -28.61 25.21 -23.06
C ILE C 62 -28.47 25.27 -24.57
N LEU C 63 -27.34 24.78 -25.09
CA LEU C 63 -27.13 24.83 -26.53
C LEU C 63 -28.12 23.92 -27.25
N PHE C 64 -28.39 22.74 -26.70
CA PHE C 64 -29.36 21.83 -27.32
C PHE C 64 -30.74 22.48 -27.39
N LEU C 65 -31.13 23.19 -26.33
CA LEU C 65 -32.38 23.93 -26.28
C LEU C 65 -32.36 25.25 -27.05
N GLU C 66 -31.28 25.56 -27.78
CA GLU C 66 -31.17 26.68 -28.71
C GLU C 66 -31.09 28.03 -27.99
N GLY C 67 -30.53 28.00 -26.79
CA GLY C 67 -30.22 29.20 -26.04
C GLY C 67 -28.74 29.52 -26.12
N LEU C 68 -28.37 30.63 -25.48
CA LEU C 68 -27.00 31.12 -25.46
C LEU C 68 -26.44 30.94 -24.05
N PRO C 69 -25.44 30.08 -23.85
CA PRO C 69 -24.90 29.91 -22.49
C PRO C 69 -24.11 31.15 -22.13
N ASN C 70 -24.36 31.67 -20.93
CA ASN C 70 -23.74 32.90 -20.48
C ASN C 70 -22.51 32.51 -19.66
N LEU C 71 -21.34 32.62 -20.27
CA LEU C 71 -20.08 32.42 -19.55
C LEU C 71 -19.38 33.73 -19.26
N GLN C 72 -20.07 34.84 -19.48
CA GLN C 72 -19.46 36.17 -19.44
C GLN C 72 -19.65 36.82 -18.08
N ASP C 73 -20.82 36.63 -17.48
CA ASP C 73 -21.16 37.27 -16.23
C ASP C 73 -20.73 36.35 -15.10
N LEU C 74 -19.83 36.87 -14.27
CA LEU C 74 -19.25 36.15 -13.13
C LEU C 74 -19.62 36.90 -11.87
N GLY C 75 -20.38 36.26 -10.99
CA GLY C 75 -20.80 36.86 -9.75
C GLY C 75 -19.65 36.90 -8.74
N LYS C 76 -20.00 37.29 -7.52
CA LYS C 76 -19.03 37.59 -6.48
C LYS C 76 -18.44 36.31 -5.89
N LEU C 77 -17.12 36.15 -5.96
CA LEU C 77 -16.44 35.07 -5.27
C LEU C 77 -16.40 35.36 -3.76
N LEU C 78 -16.62 34.34 -2.97
CA LEU C 78 -16.54 34.42 -1.52
C LEU C 78 -15.24 33.75 -1.09
N ILE C 79 -14.18 34.54 -0.88
CA ILE C 79 -12.87 33.98 -0.59
C ILE C 79 -12.58 34.16 0.89
N GLY C 80 -12.29 33.08 1.58
CA GLY C 80 -11.98 33.20 2.98
C GLY C 80 -10.52 33.55 3.22
N GLU C 81 -10.25 33.96 4.46
CA GLU C 81 -8.90 34.31 4.91
C GLU C 81 -8.26 33.26 5.81
N ASN C 82 -9.00 32.23 6.22
CA ASN C 82 -8.45 31.11 6.96
C ASN C 82 -9.35 29.90 6.71
N THR C 83 -8.92 28.72 7.18
CA THR C 83 -9.62 27.48 6.84
C THR C 83 -11.09 27.54 7.21
N GLN C 84 -11.42 28.00 8.42
CA GLN C 84 -12.82 27.99 8.83
C GLN C 84 -13.65 28.93 7.97
N GLU C 85 -13.12 30.12 7.67
CA GLU C 85 -13.82 31.06 6.81
C GLU C 85 -14.01 30.51 5.41
N MET C 86 -12.98 29.85 4.89
CA MET C 86 -13.05 29.30 3.54
C MET C 86 -14.13 28.24 3.44
N LEU C 87 -14.16 27.31 4.40
CA LEU C 87 -15.22 26.32 4.45
C LEU C 87 -16.58 26.99 4.58
N GLN C 88 -16.71 28.00 5.45
CA GLN C 88 -18.01 28.67 5.59
C GLN C 88 -18.41 29.41 4.32
N CYS C 89 -17.44 30.04 3.64
CA CYS C 89 -17.72 30.67 2.35
C CYS C 89 -18.24 29.66 1.33
N ASP C 90 -17.61 28.48 1.26
CA ASP C 90 -18.10 27.43 0.37
C ASP C 90 -19.52 27.03 0.74
N LEU C 91 -19.78 26.89 2.05
CA LEU C 91 -21.11 26.47 2.47
C LEU C 91 -22.15 27.54 2.14
N ASN C 92 -21.84 28.81 2.40
CA ASN C 92 -22.78 29.87 2.01
C ASN C 92 -23.10 29.81 0.52
N LEU C 93 -22.09 29.66 -0.32
CA LEU C 93 -22.34 29.54 -1.75
C LEU C 93 -23.21 28.33 -2.07
N GLU C 94 -22.96 27.20 -1.42
CA GLU C 94 -23.71 26.00 -1.77
C GLU C 94 -25.18 26.17 -1.37
N LEU C 95 -25.45 26.87 -0.28
CA LEU C 95 -26.84 27.03 0.14
C LEU C 95 -27.59 27.95 -0.81
N LYS C 96 -26.94 28.95 -1.38
CA LYS C 96 -27.59 29.72 -2.42
C LYS C 96 -27.80 28.87 -3.68
N ALA C 97 -26.80 28.05 -4.03
CA ALA C 97 -26.91 27.19 -5.21
C ALA C 97 -28.09 26.23 -5.10
N THR C 98 -28.30 25.63 -3.92
CA THR C 98 -29.38 24.64 -3.86
C THR C 98 -30.73 25.31 -3.87
N LYS C 99 -30.85 26.51 -3.28
CA LYS C 99 -32.11 27.25 -3.39
C LYS C 99 -32.44 27.53 -4.85
N ASP C 100 -31.46 27.97 -5.64
CA ASP C 100 -31.71 28.26 -7.05
C ASP C 100 -32.06 26.98 -7.83
N LEU C 101 -31.39 25.87 -7.52
CA LEU C 101 -31.71 24.61 -8.19
C LEU C 101 -33.16 24.19 -7.93
N ARG C 102 -33.62 24.31 -6.67
CA ARG C 102 -35.00 23.96 -6.36
C ARG C 102 -35.98 24.81 -7.16
N GLU C 103 -35.75 26.12 -7.19
CA GLU C 103 -36.66 26.99 -7.93
C GLU C 103 -36.67 26.64 -9.42
N ALA C 104 -35.49 26.30 -9.96
CA ALA C 104 -35.44 25.91 -11.37
C ALA C 104 -36.19 24.58 -11.61
N ILE C 105 -36.05 23.62 -10.70
CA ILE C 105 -36.74 22.34 -10.89
C ILE C 105 -38.25 22.56 -10.90
N VAL C 106 -38.74 23.43 -10.01
CA VAL C 106 -40.17 23.75 -9.99
C VAL C 106 -40.64 24.22 -11.36
N HIS C 107 -39.89 25.15 -11.98
CA HIS C 107 -40.33 25.66 -13.29
C HIS C 107 -40.22 24.59 -14.39
N CYS C 108 -39.13 23.81 -14.42
CA CYS C 108 -39.04 22.73 -15.39
C CYS C 108 -40.23 21.78 -15.31
N GLU C 109 -40.65 21.42 -14.08
CA GLU C 109 -41.80 20.54 -13.90
C GLU C 109 -43.07 21.17 -14.49
N GLN C 110 -43.30 22.44 -14.23
CA GLN C 110 -44.52 23.10 -14.71
C GLN C 110 -44.61 23.17 -16.22
N VAL C 111 -43.49 23.27 -16.94
CA VAL C 111 -43.55 23.32 -18.40
C VAL C 111 -43.17 21.98 -19.01
N HIS C 112 -43.04 20.94 -18.20
CA HIS C 112 -42.88 19.57 -18.66
C HIS C 112 -41.51 19.32 -19.28
N ASP C 113 -40.49 20.09 -18.88
CA ASP C 113 -39.12 19.85 -19.34
C ASP C 113 -38.49 18.87 -18.34
N TYR C 114 -38.86 17.60 -18.50
CA TYR C 114 -38.50 16.59 -17.51
C TYR C 114 -37.05 16.19 -17.60
N VAL C 115 -36.46 16.32 -18.79
CA VAL C 115 -35.03 16.04 -18.95
C VAL C 115 -34.21 17.12 -18.27
N SER C 116 -34.56 18.40 -18.45
CA SER C 116 -33.85 19.46 -17.73
C SER C 116 -33.98 19.26 -16.22
N ARG C 117 -35.18 18.87 -15.76
CA ARG C 117 -35.36 18.59 -14.35
C ARG C 117 -34.43 17.49 -13.88
N ASP C 118 -34.30 16.41 -14.66
CA ASP C 118 -33.47 15.30 -14.22
C ASP C 118 -32.01 15.73 -14.10
N LEU C 119 -31.52 16.54 -15.05
CA LEU C 119 -30.16 17.07 -14.96
C LEU C 119 -29.98 17.92 -13.70
N LEU C 120 -30.91 18.82 -13.44
CA LEU C 120 -30.82 19.67 -12.24
C LEU C 120 -30.93 18.85 -10.97
N LYS C 121 -31.72 17.76 -10.98
CA LYS C 121 -31.81 16.91 -9.79
C LYS C 121 -30.48 16.22 -9.51
N ASP C 122 -29.78 15.77 -10.57
CA ASP C 122 -28.47 15.17 -10.39
C ASP C 122 -27.47 16.19 -9.85
N ILE C 123 -27.51 17.42 -10.36
CA ILE C 123 -26.62 18.46 -9.81
C ILE C 123 -26.95 18.72 -8.36
N LEU C 124 -28.25 18.77 -8.04
CA LEU C 124 -28.64 19.02 -6.65
C LEU C 124 -28.14 17.92 -5.72
N GLU C 125 -28.17 16.66 -6.17
CA GLU C 125 -27.64 15.57 -5.37
C GLU C 125 -26.17 15.77 -5.08
N SER C 126 -25.38 16.17 -6.08
CA SER C 126 -23.97 16.47 -5.86
CA SER C 126 -23.96 16.47 -5.87
C SER C 126 -23.77 17.65 -4.92
N GLU C 127 -24.60 18.70 -5.06
CA GLU C 127 -24.43 19.85 -4.18
C GLU C 127 -24.83 19.52 -2.74
N GLU C 128 -25.90 18.73 -2.53
CA GLU C 128 -26.20 18.30 -1.17
C GLU C 128 -25.08 17.45 -0.58
N GLU C 129 -24.42 16.63 -1.39
CA GLU C 129 -23.26 15.92 -0.88
C GLU C 129 -22.17 16.89 -0.47
N HIS C 130 -21.94 17.94 -1.26
CA HIS C 130 -20.93 18.92 -0.88
C HIS C 130 -21.31 19.63 0.42
N ILE C 131 -22.58 19.96 0.58
CA ILE C 131 -23.04 20.55 1.83
C ILE C 131 -22.75 19.62 3.00
N ASP C 132 -23.01 18.32 2.84
CA ASP C 132 -22.70 17.36 3.90
C ASP C 132 -21.22 17.41 4.26
N TYR C 133 -20.34 17.39 3.25
CA TYR C 133 -18.90 17.42 3.53
C TYR C 133 -18.55 18.69 4.31
N LEU C 134 -19.08 19.83 3.88
CA LEU C 134 -18.70 21.11 4.48
C LEU C 134 -19.21 21.22 5.91
N GLU C 135 -20.46 20.83 6.15
CA GLU C 135 -21.01 20.87 7.50
C GLU C 135 -20.23 19.93 8.42
N THR C 136 -19.84 18.78 7.91
CA THR C 136 -19.07 17.82 8.67
C THR C 136 -17.70 18.38 9.02
N GLN C 137 -17.02 19.03 8.07
CA GLN C 137 -15.71 19.60 8.39
C GLN C 137 -15.82 20.66 9.48
N LEU C 138 -16.79 21.57 9.34
CA LEU C 138 -16.97 22.59 10.35
C LEU C 138 -17.25 21.96 11.71
N GLY C 139 -18.02 20.87 11.76
CA GLY C 139 -18.23 20.18 13.03
C GLY C 139 -16.97 19.52 13.57
N LEU C 140 -16.14 18.96 12.69
CA LEU C 140 -14.92 18.29 13.15
C LEU C 140 -13.98 19.30 13.79
N ILE C 141 -13.92 20.51 13.24
CA ILE C 141 -13.09 21.56 13.82
C ILE C 141 -13.50 21.81 15.27
N GLN C 142 -14.79 21.81 15.55
CA GLN C 142 -15.22 22.01 16.93
C GLN C 142 -14.90 20.80 17.81
N LYS C 143 -14.98 19.58 17.25
CA LYS C 143 -14.78 18.37 18.04
C LYS C 143 -13.31 18.08 18.31
N VAL C 144 -12.44 18.24 17.31
CA VAL C 144 -11.05 17.82 17.50
C VAL C 144 -10.13 19.01 17.77
N GLY C 145 -10.63 20.22 17.61
CA GLY C 145 -9.83 21.43 17.71
C GLY C 145 -9.20 21.80 16.37
N LEU C 146 -8.98 23.09 16.18
CA LEU C 146 -8.49 23.57 14.90
C LEU C 146 -7.09 23.02 14.60
N GLU C 147 -6.21 22.98 15.60
CA GLU C 147 -4.85 22.51 15.33
C GLU C 147 -4.82 21.06 14.88
N ASN C 148 -5.56 20.16 15.56
CA ASN C 148 -5.65 18.79 15.11
C ASN C 148 -6.31 18.70 13.74
N TYR C 149 -7.38 19.48 13.53
CA TYR C 149 -8.07 19.37 12.26
C TYR C 149 -7.13 19.72 11.10
N LEU C 150 -6.36 20.79 11.27
CA LEU C 150 -5.39 21.19 10.24
C LEU C 150 -4.29 20.14 10.11
N GLN C 151 -3.77 19.65 11.23
CA GLN C 151 -2.77 18.58 11.20
C GLN C 151 -3.22 17.39 10.35
N SER C 152 -4.48 16.97 10.51
CA SER C 152 -5.02 15.83 9.79
C SER C 152 -5.18 16.09 8.29
N HIS C 153 -4.96 17.33 7.85
CA HIS C 153 -5.16 17.68 6.44
C HIS C 153 -3.88 18.20 5.81
N MET C 154 -2.75 17.96 6.47
CA MET C 154 -1.46 18.35 5.90
C MET C 154 -1.04 17.40 4.78
N HIS C 155 -1.23 16.09 4.97
CA HIS C 155 -0.71 15.09 4.04
C HIS C 155 -1.87 14.41 3.30
N GLU C 156 -1.68 14.14 2.01
CA GLU C 156 -2.73 13.42 1.28
C GLU C 156 -2.67 11.92 1.58
N MET D 1 36.91 24.53 -23.58
CA MET D 1 36.48 25.82 -24.21
C MET D 1 36.77 26.96 -23.23
N LYS D 2 37.46 28.01 -23.67
CA LYS D 2 37.92 29.04 -22.72
C LYS D 2 36.73 29.86 -22.27
N GLY D 3 36.38 29.72 -21.00
CA GLY D 3 35.27 30.47 -20.46
C GLY D 3 35.68 31.86 -19.99
N ASP D 4 34.69 32.71 -19.83
CA ASP D 4 34.88 34.02 -19.18
C ASP D 4 35.37 33.85 -17.75
N LYS D 5 36.46 34.55 -17.40
CA LYS D 5 37.03 34.42 -16.07
C LYS D 5 36.02 34.75 -14.97
N LYS D 6 35.22 35.79 -15.19
CA LYS D 6 34.25 36.20 -14.17
C LYS D 6 33.06 35.24 -14.09
N VAL D 7 32.63 34.66 -15.22
CA VAL D 7 31.64 33.57 -15.13
C VAL D 7 32.15 32.47 -14.22
N ILE D 8 33.40 32.05 -14.43
CA ILE D 8 33.99 30.99 -13.61
C ILE D 8 34.02 31.38 -12.14
N GLN D 9 34.39 32.63 -11.83
CA GLN D 9 34.30 33.08 -10.45
C GLN D 9 32.88 32.96 -9.89
N HIS D 10 31.88 33.37 -10.66
CA HIS D 10 30.50 33.23 -10.18
C HIS D 10 30.14 31.76 -9.94
N LEU D 11 30.48 30.88 -10.88
CA LEU D 11 30.16 29.47 -10.74
C LEU D 11 30.84 28.88 -9.49
N ASN D 12 32.08 29.30 -9.22
CA ASN D 12 32.73 28.89 -7.98
C ASN D 12 32.07 29.48 -6.74
N LYS D 13 31.50 30.68 -6.82
CA LYS D 13 30.76 31.19 -5.66
C LYS D 13 29.46 30.40 -5.43
N ILE D 14 28.71 30.11 -6.48
CA ILE D 14 27.53 29.24 -6.35
C ILE D 14 27.94 27.87 -5.82
N LEU D 15 29.03 27.31 -6.37
CA LEU D 15 29.51 26.02 -5.88
C LEU D 15 29.81 26.09 -4.38
N GLY D 16 30.45 27.16 -3.95
CA GLY D 16 30.76 27.31 -2.54
C GLY D 16 29.50 27.33 -1.68
N ASN D 17 28.44 27.98 -2.17
CA ASN D 17 27.16 27.96 -1.46
C ASN D 17 26.60 26.53 -1.39
N GLU D 18 26.71 25.79 -2.50
CA GLU D 18 26.19 24.42 -2.50
C GLU D 18 26.96 23.54 -1.53
N LEU D 19 28.28 23.74 -1.43
CA LEU D 19 29.08 22.94 -0.53
C LEU D 19 28.69 23.19 0.93
N ILE D 20 28.33 24.43 1.28
CA ILE D 20 27.81 24.72 2.61
C ILE D 20 26.49 24.00 2.82
N ALA D 21 25.58 24.15 1.86
CA ALA D 21 24.26 23.54 1.95
C ALA D 21 24.33 22.01 2.07
N ILE D 22 25.21 21.35 1.30
CA ILE D 22 25.35 19.90 1.40
C ILE D 22 25.58 19.50 2.85
N ASN D 23 26.57 20.12 3.48
CA ASN D 23 26.97 19.73 4.83
C ASN D 23 25.93 20.12 5.86
N GLN D 24 25.37 21.31 5.71
CA GLN D 24 24.38 21.79 6.68
C GLN D 24 23.14 20.90 6.64
N TYR D 25 22.62 20.63 5.43
CA TYR D 25 21.44 19.80 5.31
C TYR D 25 21.74 18.36 5.72
N PHE D 26 22.95 17.86 5.43
CA PHE D 26 23.23 16.49 5.81
C PHE D 26 23.25 16.37 7.34
N LEU D 27 23.90 17.30 8.01
CA LEU D 27 23.94 17.27 9.46
C LEU D 27 22.55 17.48 10.05
N HIS D 28 21.78 18.44 9.52
CA HIS D 28 20.41 18.59 10.00
C HIS D 28 19.62 17.28 9.82
N SER D 29 19.78 16.62 8.67
CA SER D 29 19.11 15.35 8.43
C SER D 29 19.43 14.33 9.52
N ARG D 30 20.70 14.18 9.83
CA ARG D 30 21.09 13.14 10.78
C ARG D 30 20.74 13.52 12.21
N MET D 31 20.69 14.83 12.53
CA MET D 31 20.16 15.27 13.83
C MET D 31 18.69 14.90 13.97
N TRP D 32 17.88 15.19 12.93
CA TRP D 32 16.47 14.83 12.99
C TRP D 32 16.31 13.32 13.10
N ASN D 33 17.13 12.54 12.38
CA ASN D 33 16.98 11.09 12.49
C ASN D 33 17.31 10.61 13.90
N ASP D 34 18.39 11.16 14.48
CA ASP D 34 18.79 10.82 15.84
C ASP D 34 17.69 11.13 16.84
N TRP D 35 16.91 12.18 16.60
CA TRP D 35 15.83 12.58 17.48
C TRP D 35 14.54 11.84 17.19
N GLY D 36 14.54 10.95 16.21
CA GLY D 36 13.36 10.18 15.85
C GLY D 36 12.38 10.91 14.99
N LEU D 37 12.77 12.05 14.41
CA LEU D 37 11.90 12.77 13.49
C LEU D 37 12.27 12.37 12.06
N LYS D 38 11.93 11.10 11.74
CA LYS D 38 12.48 10.46 10.53
C LYS D 38 11.92 11.05 9.24
N ARG D 39 10.71 11.60 9.27
CA ARG D 39 10.20 12.22 8.04
C ARG D 39 10.96 13.49 7.68
N LEU D 40 11.25 14.33 8.69
CA LEU D 40 12.13 15.47 8.50
C LEU D 40 13.52 15.01 8.10
N GLY D 41 14.04 13.98 8.76
CA GLY D 41 15.37 13.51 8.39
C GLY D 41 15.49 13.04 6.94
N ALA D 42 14.48 12.29 6.47
CA ALA D 42 14.53 11.80 5.08
C ALA D 42 14.37 12.94 4.09
N HIS D 43 13.47 13.91 4.39
CA HIS D 43 13.29 15.03 3.47
C HIS D 43 14.56 15.86 3.39
N GLU D 44 15.19 16.10 4.53
CA GLU D 44 16.41 16.90 4.57
C GLU D 44 17.58 16.16 3.93
N TYR D 45 17.58 14.82 4.04
CA TYR D 45 18.55 14.02 3.30
C TYR D 45 18.40 14.24 1.80
N HIS D 46 17.16 14.20 1.29
CA HIS D 46 16.98 14.43 -0.13
C HIS D 46 17.33 15.86 -0.55
N GLU D 47 17.16 16.85 0.33
CA GLU D 47 17.64 18.20 0.00
C GLU D 47 19.15 18.22 -0.13
N SER D 48 19.85 17.55 0.77
CA SER D 48 21.30 17.46 0.70
C SER D 48 21.75 16.81 -0.62
N ILE D 49 21.12 15.69 -1.00
CA ILE D 49 21.48 15.02 -2.26
C ILE D 49 21.23 15.95 -3.44
N ASP D 50 20.12 16.66 -3.42
CA ASP D 50 19.87 17.57 -4.54
CA ASP D 50 19.85 17.60 -4.51
C ASP D 50 20.97 18.62 -4.64
N GLU D 51 21.51 19.08 -3.50
CA GLU D 51 22.60 20.05 -3.57
C GLU D 51 23.88 19.41 -4.09
N MET D 52 24.11 18.14 -3.72
CA MET D 52 25.24 17.41 -4.27
C MET D 52 25.17 17.34 -5.79
N LYS D 53 23.97 17.08 -6.34
CA LYS D 53 23.82 17.01 -7.78
C LYS D 53 24.07 18.35 -8.44
N HIS D 54 23.63 19.46 -7.81
CA HIS D 54 23.93 20.79 -8.32
C HIS D 54 25.42 21.05 -8.30
N ALA D 55 26.09 20.69 -7.20
CA ALA D 55 27.53 20.91 -7.12
C ALA D 55 28.25 20.14 -8.22
N ASP D 56 27.80 18.91 -8.50
CA ASP D 56 28.36 18.11 -9.58
C ASP D 56 28.28 18.85 -10.90
N LYS D 57 27.11 19.36 -11.26
CA LYS D 57 26.97 20.04 -12.55
C LYS D 57 27.83 21.30 -12.62
N LEU D 58 27.92 22.04 -11.51
CA LEU D 58 28.78 23.22 -11.48
C LEU D 58 30.25 22.86 -11.68
N ILE D 59 30.72 21.84 -10.96
CA ILE D 59 32.09 21.37 -11.11
C ILE D 59 32.36 20.99 -12.56
N GLU D 60 31.44 20.25 -13.17
CA GLU D 60 31.63 19.80 -14.55
C GLU D 60 31.68 20.98 -15.51
N ARG D 61 30.79 21.95 -15.30
CA ARG D 61 30.76 23.15 -16.15
C ARG D 61 32.05 23.98 -16.01
N ILE D 62 32.53 24.16 -14.78
CA ILE D 62 33.77 24.92 -14.55
C ILE D 62 34.95 24.26 -15.28
N LEU D 63 35.08 22.94 -15.13
CA LEU D 63 36.15 22.22 -15.81
C LEU D 63 36.04 22.33 -17.34
N PHE D 64 34.84 22.22 -17.89
CA PHE D 64 34.68 22.40 -19.33
C PHE D 64 35.15 23.79 -19.79
N LEU D 65 34.84 24.83 -19.01
CA LEU D 65 35.24 26.20 -19.25
C LEU D 65 36.71 26.46 -18.90
N GLU D 66 37.44 25.43 -18.50
CA GLU D 66 38.88 25.47 -18.27
C GLU D 66 39.22 26.27 -17.03
N GLY D 67 38.33 26.26 -16.05
CA GLY D 67 38.61 26.79 -14.73
C GLY D 67 38.95 25.70 -13.74
N LEU D 68 39.29 26.14 -12.53
CA LEU D 68 39.60 25.28 -11.40
C LEU D 68 38.43 25.32 -10.43
N PRO D 69 37.69 24.22 -10.25
CA PRO D 69 36.61 24.23 -9.26
C PRO D 69 37.18 24.28 -7.86
N ASN D 70 36.61 25.14 -7.05
CA ASN D 70 37.10 25.34 -5.69
C ASN D 70 36.26 24.49 -4.73
N LEU D 71 36.83 23.37 -4.28
CA LEU D 71 36.20 22.52 -3.27
C LEU D 71 36.93 22.62 -1.93
N GLN D 72 37.85 23.58 -1.80
CA GLN D 72 38.70 23.72 -0.63
C GLN D 72 38.13 24.67 0.39
N ASP D 73 37.50 25.74 -0.07
CA ASP D 73 37.04 26.80 0.82
C ASP D 73 35.59 26.46 1.17
N LEU D 74 35.34 26.29 2.45
CA LEU D 74 34.03 25.95 2.99
C LEU D 74 33.62 27.08 3.91
N GLY D 75 32.54 27.77 3.58
CA GLY D 75 32.03 28.85 4.40
C GLY D 75 31.30 28.34 5.62
N LYS D 76 30.63 29.26 6.31
CA LYS D 76 30.06 29.00 7.63
C LYS D 76 28.76 28.21 7.54
N LEU D 77 28.72 27.03 8.18
CA LEU D 77 27.47 26.29 8.32
C LEU D 77 26.57 26.95 9.35
N LEU D 78 25.27 27.02 9.06
CA LEU D 78 24.27 27.55 10.00
C LEU D 78 23.52 26.35 10.55
N ILE D 79 23.88 25.93 11.78
CA ILE D 79 23.36 24.70 12.38
C ILE D 79 22.41 25.09 13.48
N GLY D 80 21.18 24.64 13.39
CA GLY D 80 20.23 24.97 14.44
C GLY D 80 20.34 24.03 15.65
N GLU D 81 19.73 24.46 16.75
CA GLU D 81 19.67 23.68 17.99
C GLU D 81 18.32 23.01 18.21
N ASN D 82 17.32 23.33 17.40
CA ASN D 82 16.01 22.69 17.47
C ASN D 82 15.35 22.86 16.11
N THR D 83 14.18 22.26 15.94
CA THR D 83 13.63 22.09 14.59
C THR D 83 13.32 23.45 13.97
N GLN D 84 12.72 24.34 14.73
CA GLN D 84 12.39 25.67 14.19
C GLN D 84 13.64 26.44 13.78
N GLU D 85 14.68 26.39 14.61
CA GLU D 85 15.94 27.04 14.26
C GLU D 85 16.58 26.39 13.06
N MET D 86 16.56 25.05 12.97
CA MET D 86 17.17 24.39 11.84
C MET D 86 16.49 24.78 10.54
N LEU D 87 15.15 24.84 10.54
CA LEU D 87 14.43 25.25 9.33
C LEU D 87 14.79 26.69 8.94
N GLN D 88 14.82 27.60 9.92
CA GLN D 88 15.16 28.99 9.64
C GLN D 88 16.60 29.14 9.18
N CYS D 89 17.51 28.33 9.73
CA CYS D 89 18.90 28.31 9.26
C CYS D 89 18.98 27.89 7.80
N ASP D 90 18.23 26.86 7.42
CA ASP D 90 18.18 26.44 6.03
C ASP D 90 17.62 27.54 5.16
N LEU D 91 16.56 28.21 5.64
CA LEU D 91 15.93 29.28 4.86
C LEU D 91 16.88 30.47 4.68
N ASN D 92 17.57 30.89 5.75
CA ASN D 92 18.55 31.95 5.62
C ASN D 92 19.63 31.63 4.58
N LEU D 93 20.12 30.38 4.57
CA LEU D 93 21.11 29.98 3.57
C LEU D 93 20.54 30.04 2.17
N GLU D 94 19.33 29.51 1.98
CA GLU D 94 18.70 29.52 0.66
C GLU D 94 18.49 30.93 0.14
N LEU D 95 18.11 31.86 1.01
CA LEU D 95 17.92 33.24 0.57
C LEU D 95 19.23 33.89 0.12
N LYS D 96 20.34 33.57 0.79
CA LYS D 96 21.65 34.03 0.31
C LYS D 96 22.01 33.35 -1.02
N ALA D 97 21.70 32.05 -1.14
CA ALA D 97 22.01 31.31 -2.35
C ALA D 97 21.26 31.85 -3.56
N THR D 98 20.00 32.25 -3.39
CA THR D 98 19.28 32.71 -4.56
C THR D 98 19.69 34.13 -4.95
N LYS D 99 20.10 34.95 -3.99
CA LYS D 99 20.65 36.27 -4.32
C LYS D 99 21.90 36.13 -5.18
N ASP D 100 22.80 35.23 -4.78
CA ASP D 100 24.02 35.00 -5.55
C ASP D 100 23.72 34.39 -6.91
N LEU D 101 22.72 33.50 -6.98
CA LEU D 101 22.34 32.92 -8.27
C LEU D 101 21.86 34.01 -9.23
N ARG D 102 21.04 34.94 -8.73
CA ARG D 102 20.56 36.01 -9.61
C ARG D 102 21.70 36.88 -10.11
N GLU D 103 22.65 37.20 -9.24
CA GLU D 103 23.79 38.02 -9.66
C GLU D 103 24.64 37.27 -10.68
N ALA D 104 24.77 35.94 -10.53
CA ALA D 104 25.53 35.16 -11.49
C ALA D 104 24.84 35.10 -12.84
N ILE D 105 23.50 34.95 -12.84
CA ILE D 105 22.73 34.95 -14.09
C ILE D 105 22.91 36.28 -14.83
N VAL D 106 22.83 37.41 -14.11
CA VAL D 106 23.02 38.72 -14.74
C VAL D 106 24.34 38.73 -15.49
N HIS D 107 25.40 38.28 -14.84
CA HIS D 107 26.71 38.33 -15.48
C HIS D 107 26.81 37.37 -16.67
N CYS D 108 26.30 36.13 -16.55
CA CYS D 108 26.30 35.20 -17.69
C CYS D 108 25.58 35.80 -18.88
N GLU D 109 24.43 36.43 -18.65
CA GLU D 109 23.71 37.07 -19.74
C GLU D 109 24.54 38.17 -20.41
N GLN D 110 25.21 39.00 -19.61
CA GLN D 110 25.96 40.13 -20.15
C GLN D 110 27.15 39.70 -21.00
N VAL D 111 27.78 38.55 -20.70
CA VAL D 111 28.88 38.07 -21.51
C VAL D 111 28.44 36.95 -22.46
N HIS D 112 27.13 36.75 -22.62
CA HIS D 112 26.59 35.83 -23.64
C HIS D 112 26.90 34.37 -23.35
N ASP D 113 27.10 34.01 -22.08
CA ASP D 113 27.28 32.59 -21.73
C ASP D 113 25.89 32.03 -21.41
N TYR D 114 25.13 31.76 -22.48
CA TYR D 114 23.73 31.37 -22.32
C TYR D 114 23.55 29.97 -21.74
N VAL D 115 24.54 29.10 -21.93
CA VAL D 115 24.42 27.75 -21.36
C VAL D 115 24.66 27.78 -19.85
N SER D 116 25.66 28.54 -19.38
CA SER D 116 25.82 28.73 -17.94
C SER D 116 24.59 29.36 -17.31
N ARG D 117 24.00 30.36 -17.98
CA ARG D 117 22.77 30.95 -17.46
C ARG D 117 21.67 29.90 -17.29
N ASP D 118 21.53 29.02 -18.27
CA ASP D 118 20.45 28.04 -18.22
C ASP D 118 20.67 27.05 -17.07
N LEU D 119 21.91 26.62 -16.85
CA LEU D 119 22.23 25.80 -15.69
C LEU D 119 21.88 26.49 -14.39
N LEU D 120 22.29 27.74 -14.22
CA LEU D 120 21.99 28.49 -13.03
C LEU D 120 20.49 28.72 -12.88
N LYS D 121 19.78 28.91 -13.98
CA LYS D 121 18.34 29.07 -13.88
C LYS D 121 17.69 27.80 -13.35
N ASP D 122 18.15 26.63 -13.81
CA ASP D 122 17.61 25.36 -13.32
C ASP D 122 17.91 25.18 -11.83
N ILE D 123 19.13 25.52 -11.40
CA ILE D 123 19.44 25.46 -9.98
C ILE D 123 18.55 26.43 -9.19
N LEU D 124 18.34 27.64 -9.71
CA LEU D 124 17.48 28.61 -9.03
C LEU D 124 16.07 28.09 -8.86
N GLU D 125 15.54 27.39 -9.88
CA GLU D 125 14.22 26.80 -9.78
C GLU D 125 14.16 25.78 -8.65
N SER D 126 15.19 24.95 -8.52
CA SER D 126 15.27 24.02 -7.40
CA SER D 126 15.27 24.02 -7.39
C SER D 126 15.35 24.76 -6.07
N GLU D 127 16.16 25.82 -5.99
CA GLU D 127 16.30 26.50 -4.70
C GLU D 127 15.00 27.21 -4.31
N GLU D 128 14.25 27.76 -5.28
CA GLU D 128 12.96 28.38 -4.96
C GLU D 128 11.94 27.35 -4.50
N GLU D 129 11.99 26.12 -5.03
CA GLU D 129 11.17 25.05 -4.51
C GLU D 129 11.55 24.73 -3.07
N HIS D 130 12.86 24.72 -2.78
CA HIS D 130 13.30 24.52 -1.40
C HIS D 130 12.80 25.64 -0.48
N ILE D 131 12.88 26.89 -0.94
CA ILE D 131 12.36 28.00 -0.13
C ILE D 131 10.86 27.84 0.13
N ASP D 132 10.11 27.43 -0.88
CA ASP D 132 8.68 27.19 -0.68
C ASP D 132 8.43 26.14 0.40
N TYR D 133 9.15 25.00 0.31
CA TYR D 133 9.06 23.96 1.33
C TYR D 133 9.32 24.53 2.72
N LEU D 134 10.43 25.25 2.88
CA LEU D 134 10.85 25.75 4.19
C LEU D 134 9.85 26.75 4.75
N GLU D 135 9.45 27.74 3.94
CA GLU D 135 8.48 28.72 4.40
C GLU D 135 7.18 28.02 4.79
N THR D 136 6.82 26.98 4.06
CA THR D 136 5.58 26.28 4.33
C THR D 136 5.68 25.52 5.64
N GLN D 137 6.84 24.93 5.92
CA GLN D 137 7.00 24.21 7.19
C GLN D 137 6.92 25.19 8.34
N LEU D 138 7.57 26.34 8.21
CA LEU D 138 7.53 27.29 9.29
C LEU D 138 6.11 27.80 9.51
N GLY D 139 5.35 27.97 8.43
CA GLY D 139 3.95 28.34 8.57
C GLY D 139 3.12 27.27 9.23
N LEU D 140 3.38 25.99 8.92
CA LEU D 140 2.60 24.92 9.51
C LEU D 140 2.82 24.82 11.00
N ILE D 141 4.04 25.10 11.45
CA ILE D 141 4.31 25.10 12.89
C ILE D 141 3.37 26.06 13.58
N GLN D 142 3.16 27.23 12.97
CA GLN D 142 2.27 28.22 13.57
C GLN D 142 0.82 27.77 13.52
N LYS D 143 0.43 27.09 12.44
CA LYS D 143 -0.98 26.72 12.24
C LYS D 143 -1.40 25.49 13.05
N VAL D 144 -0.57 24.44 13.12
CA VAL D 144 -0.96 23.22 13.84
C VAL D 144 -0.30 23.11 15.21
N GLY D 145 0.63 23.99 15.52
CA GLY D 145 1.39 23.97 16.76
C GLY D 145 2.62 23.09 16.64
N LEU D 146 3.65 23.42 17.42
CA LEU D 146 4.92 22.69 17.32
C LEU D 146 4.77 21.22 17.62
N GLU D 147 4.04 20.87 18.71
CA GLU D 147 3.97 19.46 19.08
C GLU D 147 3.32 18.63 17.99
N ASN D 148 2.22 19.12 17.39
CA ASN D 148 1.60 18.40 16.28
C ASN D 148 2.54 18.35 15.07
N TYR D 149 3.21 19.47 14.78
CA TYR D 149 4.09 19.51 13.62
C TYR D 149 5.17 18.45 13.75
N LEU D 150 5.79 18.35 14.91
CA LEU D 150 6.83 17.35 15.13
C LEU D 150 6.25 15.94 15.10
N GLN D 151 5.08 15.74 15.72
CA GLN D 151 4.41 14.45 15.66
C GLN D 151 4.22 13.98 14.22
N SER D 152 3.73 14.86 13.37
CA SER D 152 3.49 14.53 11.98
C SER D 152 4.78 14.21 11.23
N HIS D 153 5.96 14.46 11.81
CA HIS D 153 7.22 14.18 11.12
C HIS D 153 8.04 13.10 11.83
N MET D 154 7.39 12.29 12.69
CA MET D 154 8.12 11.21 13.34
C MET D 154 8.32 10.03 12.40
N HIS D 155 7.26 9.65 11.69
CA HIS D 155 7.23 8.44 10.88
C HIS D 155 7.29 8.81 9.40
N GLU D 156 8.22 8.20 8.68
CA GLU D 156 8.38 8.48 7.24
C GLU D 156 7.08 8.27 6.45
N MET E 1 -11.99 -6.18 31.67
CA MET E 1 -13.18 -6.85 32.32
C MET E 1 -12.71 -7.54 33.62
N LYS E 2 -13.31 -7.22 34.75
CA LYS E 2 -12.82 -7.73 36.02
C LYS E 2 -13.04 -9.24 36.08
N GLY E 3 -11.96 -10.00 36.24
CA GLY E 3 -12.04 -11.43 36.32
C GLY E 3 -12.10 -11.93 37.77
N ASP E 4 -12.44 -13.21 37.91
CA ASP E 4 -12.47 -13.86 39.22
C ASP E 4 -11.05 -13.98 39.74
N LYS E 5 -10.83 -13.53 40.97
CA LYS E 5 -9.48 -13.54 41.54
C LYS E 5 -8.85 -14.92 41.50
N LYS E 6 -9.62 -15.96 41.82
CA LYS E 6 -9.05 -17.29 41.83
C LYS E 6 -8.82 -17.84 40.41
N VAL E 7 -9.67 -17.48 39.44
CA VAL E 7 -9.35 -17.82 38.05
C VAL E 7 -8.00 -17.23 37.66
N ILE E 8 -7.78 -15.96 37.98
CA ILE E 8 -6.53 -15.30 37.64
C ILE E 8 -5.36 -16.00 38.32
N GLN E 9 -5.54 -16.40 39.59
CA GLN E 9 -4.50 -17.21 40.24
C GLN E 9 -4.24 -18.53 39.53
N HIS E 10 -5.30 -19.21 39.07
CA HIS E 10 -5.09 -20.43 38.31
C HIS E 10 -4.35 -20.13 37.00
N LEU E 11 -4.79 -19.09 36.28
CA LEU E 11 -4.12 -18.75 35.02
C LEU E 11 -2.65 -18.48 35.24
N ASN E 12 -2.31 -17.77 36.31
CA ASN E 12 -0.91 -17.52 36.61
C ASN E 12 -0.17 -18.79 36.97
N LYS E 13 -0.85 -19.76 37.60
CA LYS E 13 -0.19 -21.03 37.86
C LYS E 13 0.08 -21.81 36.57
N ILE E 14 -0.86 -21.80 35.62
CA ILE E 14 -0.64 -22.46 34.34
C ILE E 14 0.48 -21.76 33.58
N LEU E 15 0.46 -20.43 33.59
CA LEU E 15 1.53 -19.64 32.99
C LEU E 15 2.89 -20.03 33.55
N GLY E 16 2.99 -20.21 34.86
CA GLY E 16 4.26 -20.60 35.44
C GLY E 16 4.72 -21.96 34.95
N ASN E 17 3.79 -22.89 34.76
CA ASN E 17 4.16 -24.18 34.20
C ASN E 17 4.65 -24.01 32.76
N GLU E 18 3.98 -23.18 31.98
CA GLU E 18 4.41 -22.94 30.61
C GLU E 18 5.80 -22.30 30.58
N LEU E 19 6.08 -21.38 31.50
CA LEU E 19 7.39 -20.73 31.53
C LEU E 19 8.49 -21.72 31.89
N ILE E 20 8.23 -22.64 32.81
CA ILE E 20 9.17 -23.74 33.01
C ILE E 20 9.38 -24.52 31.71
N ALA E 21 8.29 -24.94 31.07
CA ALA E 21 8.37 -25.80 29.90
C ALA E 21 9.13 -25.12 28.75
N ILE E 22 8.89 -23.82 28.55
CA ILE E 22 9.63 -23.11 27.51
C ILE E 22 11.13 -23.32 27.68
N ASN E 23 11.63 -23.05 28.88
CA ASN E 23 13.07 -23.09 29.12
C ASN E 23 13.60 -24.52 29.09
N GLN E 24 12.88 -25.46 29.71
CA GLN E 24 13.30 -26.85 29.73
C GLN E 24 13.36 -27.41 28.31
N TYR E 25 12.31 -27.17 27.52
CA TYR E 25 12.32 -27.71 26.16
C TYR E 25 13.37 -26.99 25.30
N PHE E 26 13.55 -25.67 25.50
CA PHE E 26 14.56 -24.99 24.69
C PHE E 26 15.95 -25.53 24.99
N LEU E 27 16.26 -25.75 26.26
CA LEU E 27 17.58 -26.26 26.59
C LEU E 27 17.73 -27.70 26.08
N HIS E 28 16.70 -28.53 26.22
CA HIS E 28 16.82 -29.90 25.71
C HIS E 28 17.05 -29.90 24.20
N SER E 29 16.35 -29.00 23.49
CA SER E 29 16.54 -28.85 22.04
C SER E 29 18.00 -28.58 21.70
N ARG E 30 18.59 -27.63 22.40
CA ARG E 30 19.94 -27.23 22.06
C ARG E 30 20.96 -28.25 22.53
N MET E 31 20.69 -28.98 23.62
CA MET E 31 21.55 -30.10 23.97
C MET E 31 21.54 -31.16 22.87
N TRP E 32 20.35 -31.55 22.41
CA TRP E 32 20.24 -32.56 21.37
C TRP E 32 20.95 -32.10 20.10
N ASN E 33 20.80 -30.82 19.72
CA ASN E 33 21.53 -30.31 18.56
C ASN E 33 23.02 -30.38 18.78
N ASP E 34 23.48 -29.99 19.97
CA ASP E 34 24.90 -30.08 20.27
C ASP E 34 25.43 -31.50 20.15
N TRP E 35 24.60 -32.50 20.49
CA TRP E 35 25.00 -33.90 20.40
C TRP E 35 24.84 -34.47 19.00
N GLY E 36 24.35 -33.71 18.05
CA GLY E 36 24.16 -34.23 16.71
C GLY E 36 22.86 -34.99 16.51
N LEU E 37 21.92 -34.89 17.44
CA LEU E 37 20.63 -35.52 17.32
C LEU E 37 19.61 -34.47 16.86
N LYS E 38 19.77 -34.07 15.59
CA LYS E 38 19.11 -32.87 15.11
C LYS E 38 17.62 -33.06 14.89
N ARG E 39 17.18 -34.31 14.68
CA ARG E 39 15.74 -34.52 14.55
C ARG E 39 15.04 -34.34 15.90
N LEU E 40 15.66 -34.81 16.97
CA LEU E 40 15.15 -34.53 18.31
C LEU E 40 15.26 -33.05 18.62
N GLY E 41 16.40 -32.44 18.29
CA GLY E 41 16.58 -31.04 18.54
C GLY E 41 15.50 -30.20 17.90
N ALA E 42 15.17 -30.49 16.64
CA ALA E 42 14.19 -29.70 15.90
C ALA E 42 12.79 -29.91 16.45
N HIS E 43 12.44 -31.15 16.77
CA HIS E 43 11.13 -31.41 17.32
C HIS E 43 10.97 -30.72 18.66
N GLU E 44 12.00 -30.75 19.49
CA GLU E 44 11.91 -30.15 20.82
C GLU E 44 11.89 -28.63 20.74
N TYR E 45 12.57 -28.05 19.74
CA TYR E 45 12.45 -26.62 19.48
C TYR E 45 11.00 -26.24 19.21
N HIS E 46 10.31 -27.00 18.36
CA HIS E 46 8.91 -26.68 18.08
C HIS E 46 8.02 -26.90 19.30
N GLU E 47 8.37 -27.86 20.16
CA GLU E 47 7.63 -27.98 21.41
C GLU E 47 7.79 -26.72 22.27
N SER E 48 9.00 -26.17 22.35
CA SER E 48 9.25 -24.93 23.09
C SER E 48 8.46 -23.76 22.51
N ILE E 49 8.44 -23.62 21.19
CA ILE E 49 7.69 -22.55 20.55
C ILE E 49 6.20 -22.69 20.85
N ASP E 50 5.69 -23.91 20.84
CA ASP E 50 4.27 -24.09 21.15
CA ASP E 50 4.28 -24.12 21.15
C ASP E 50 3.96 -23.64 22.56
N GLU E 51 4.87 -23.90 23.52
CA GLU E 51 4.66 -23.43 24.89
C GLU E 51 4.73 -21.91 24.96
N MET E 52 5.61 -21.32 24.17
CA MET E 52 5.68 -19.88 24.09
C MET E 52 4.36 -19.29 23.64
N LYS E 53 3.72 -19.91 22.64
CA LYS E 53 2.43 -19.44 22.16
C LYS E 53 1.36 -19.58 23.23
N HIS E 54 1.37 -20.69 23.99
CA HIS E 54 0.40 -20.83 25.07
C HIS E 54 0.63 -19.76 26.13
N ALA E 55 1.89 -19.49 26.48
CA ALA E 55 2.16 -18.49 27.49
C ALA E 55 1.66 -17.12 27.03
N ASP E 56 1.82 -16.82 25.74
CA ASP E 56 1.31 -15.57 25.18
C ASP E 56 -0.19 -15.45 25.40
N LYS E 57 -0.93 -16.50 25.03
CA LYS E 57 -2.38 -16.43 25.17
C LYS E 57 -2.77 -16.25 26.63
N LEU E 58 -2.06 -16.92 27.54
CA LEU E 58 -2.37 -16.81 28.97
C LEU E 58 -2.08 -15.40 29.48
N ILE E 59 -0.95 -14.82 29.08
CA ILE E 59 -0.64 -13.44 29.45
C ILE E 59 -1.74 -12.51 28.94
N GLU E 60 -2.15 -12.69 27.69
CA GLU E 60 -3.16 -11.81 27.12
C GLU E 60 -4.47 -11.92 27.88
N ARG E 61 -4.86 -13.15 28.25
CA ARG E 61 -6.10 -13.36 29.00
C ARG E 61 -6.04 -12.75 30.39
N ILE E 62 -4.92 -12.95 31.09
CA ILE E 62 -4.78 -12.37 32.42
C ILE E 62 -4.92 -10.86 32.38
N LEU E 63 -4.25 -10.19 31.42
CA LEU E 63 -4.35 -8.74 31.33
C LEU E 63 -5.76 -8.28 31.01
N PHE E 64 -6.46 -8.97 30.13
CA PHE E 64 -7.84 -8.60 29.80
C PHE E 64 -8.73 -8.71 31.05
N LEU E 65 -8.49 -9.71 31.89
CA LEU E 65 -9.24 -9.88 33.14
C LEU E 65 -8.72 -8.96 34.26
N GLU E 66 -7.77 -8.07 33.95
CA GLU E 66 -7.28 -7.04 34.87
C GLU E 66 -6.45 -7.64 36.00
N GLY E 67 -5.77 -8.75 35.71
CA GLY E 67 -4.77 -9.30 36.59
C GLY E 67 -3.36 -8.94 36.13
N LEU E 68 -2.39 -9.34 36.95
CA LEU E 68 -0.98 -9.09 36.70
C LEU E 68 -0.29 -10.38 36.32
N PRO E 69 0.13 -10.58 35.07
CA PRO E 69 0.82 -11.83 34.73
C PRO E 69 2.10 -11.93 35.51
N ASN E 70 2.37 -13.11 36.05
CA ASN E 70 3.59 -13.34 36.82
C ASN E 70 4.62 -14.04 35.93
N LEU E 71 5.56 -13.26 35.38
CA LEU E 71 6.69 -13.80 34.61
C LEU E 71 7.96 -13.83 35.44
N GLN E 72 7.85 -13.61 36.74
CA GLN E 72 9.00 -13.50 37.63
C GLN E 72 9.36 -14.82 38.33
N ASP E 73 8.38 -15.60 38.77
CA ASP E 73 8.63 -16.68 39.73
C ASP E 73 8.79 -18.02 39.01
N LEU E 74 9.98 -18.22 38.45
CA LEU E 74 10.27 -19.40 37.65
C LEU E 74 10.51 -20.62 38.55
N GLY E 75 9.75 -21.68 38.33
CA GLY E 75 9.87 -22.90 39.10
C GLY E 75 11.02 -23.79 38.63
N LYS E 76 11.03 -25.01 39.15
CA LYS E 76 12.18 -25.89 38.95
C LYS E 76 12.16 -26.50 37.55
N LEU E 77 13.25 -26.30 36.80
CA LEU E 77 13.43 -26.98 35.51
C LEU E 77 13.87 -28.42 35.73
N LEU E 78 13.28 -29.34 34.98
CA LEU E 78 13.64 -30.76 35.01
C LEU E 78 14.51 -31.04 33.78
N ILE E 79 15.83 -30.93 33.95
CA ILE E 79 16.77 -31.08 32.84
C ILE E 79 17.40 -32.46 32.95
N GLY E 80 17.24 -33.27 31.92
CA GLY E 80 17.88 -34.57 31.90
C GLY E 80 19.30 -34.46 31.39
N GLU E 81 20.02 -35.57 31.51
CA GLU E 81 21.41 -35.63 31.10
C GLU E 81 21.65 -36.67 30.02
N ASN E 82 20.61 -37.38 29.59
CA ASN E 82 20.67 -38.26 28.44
C ASN E 82 19.30 -38.27 27.80
N THR E 83 19.23 -38.80 26.59
CA THR E 83 18.01 -38.71 25.80
C THR E 83 16.81 -39.31 26.52
N GLN E 84 16.94 -40.53 27.06
CA GLN E 84 15.79 -41.15 27.72
C GLN E 84 15.33 -40.34 28.91
N GLU E 85 16.28 -39.83 29.69
CA GLU E 85 15.92 -39.05 30.87
C GLU E 85 15.32 -37.70 30.50
N MET E 86 15.80 -37.08 29.41
CA MET E 86 15.22 -35.82 28.99
C MET E 86 13.76 -35.99 28.60
N LEU E 87 13.46 -37.07 27.88
CA LEU E 87 12.08 -37.35 27.48
C LEU E 87 11.22 -37.60 28.71
N GLN E 88 11.75 -38.37 29.68
CA GLN E 88 10.99 -38.62 30.89
C GLN E 88 10.79 -37.34 31.71
N CYS E 89 11.79 -36.46 31.74
CA CYS E 89 11.63 -35.17 32.42
C CYS E 89 10.53 -34.34 31.77
N ASP E 90 10.52 -34.27 30.43
CA ASP E 90 9.44 -33.58 29.72
C ASP E 90 8.08 -34.20 30.07
N LEU E 91 8.02 -35.53 30.07
CA LEU E 91 6.76 -36.22 30.39
C LEU E 91 6.32 -35.91 31.82
N ASN E 92 7.23 -35.96 32.78
CA ASN E 92 6.87 -35.63 34.15
C ASN E 92 6.33 -34.21 34.27
N LEU E 93 6.97 -33.27 33.57
CA LEU E 93 6.48 -31.89 33.60
C LEU E 93 5.08 -31.79 32.99
N GLU E 94 4.86 -32.45 31.84
CA GLU E 94 3.55 -32.38 31.19
C GLU E 94 2.46 -32.99 32.05
N LEU E 95 2.79 -34.05 32.80
CA LEU E 95 1.79 -34.66 33.65
C LEU E 95 1.41 -33.74 34.80
N LYS E 96 2.38 -33.03 35.38
CA LYS E 96 2.02 -31.98 36.34
C LYS E 96 1.19 -30.90 35.67
N ALA E 97 1.57 -30.49 34.45
CA ALA E 97 0.85 -29.40 33.79
C ALA E 97 -0.61 -29.76 33.53
N THR E 98 -0.89 -31.01 33.12
CA THR E 98 -2.27 -31.36 32.81
C THR E 98 -3.12 -31.50 34.08
N LYS E 99 -2.52 -31.97 35.17
CA LYS E 99 -3.23 -31.96 36.45
C LYS E 99 -3.66 -30.55 36.83
N ASP E 100 -2.75 -29.58 36.70
CA ASP E 100 -3.09 -28.19 37.00
C ASP E 100 -4.14 -27.64 36.03
N LEU E 101 -4.04 -27.99 34.75
CA LEU E 101 -5.03 -27.52 33.79
C LEU E 101 -6.43 -28.01 34.18
N ARG E 102 -6.54 -29.28 34.59
CA ARG E 102 -7.84 -29.83 34.96
C ARG E 102 -8.42 -29.10 36.17
N GLU E 103 -7.58 -28.86 37.18
CA GLU E 103 -8.08 -28.16 38.37
C GLU E 103 -8.49 -26.73 38.03
N ALA E 104 -7.74 -26.08 37.14
CA ALA E 104 -8.12 -24.73 36.71
C ALA E 104 -9.44 -24.74 35.95
N ILE E 105 -9.64 -25.75 35.08
CA ILE E 105 -10.88 -25.79 34.32
C ILE E 105 -12.07 -25.96 35.25
N VAL E 106 -11.92 -26.85 36.24
CA VAL E 106 -12.98 -27.04 37.22
C VAL E 106 -13.41 -25.70 37.80
N HIS E 107 -12.44 -24.90 38.22
CA HIS E 107 -12.79 -23.64 38.86
C HIS E 107 -13.42 -22.65 37.88
N CYS E 108 -12.90 -22.56 36.64
CA CYS E 108 -13.54 -21.71 35.64
C CYS E 108 -15.00 -22.10 35.44
N GLU E 109 -15.27 -23.40 35.41
CA GLU E 109 -16.65 -23.85 35.23
C GLU E 109 -17.53 -23.38 36.39
N GLN E 110 -17.01 -23.50 37.60
CA GLN E 110 -17.82 -23.18 38.78
C GLN E 110 -18.21 -21.71 38.83
N VAL E 111 -17.34 -20.81 38.39
CA VAL E 111 -17.61 -19.37 38.41
C VAL E 111 -18.06 -18.84 37.05
N HIS E 112 -18.30 -19.73 36.09
CA HIS E 112 -18.92 -19.43 34.81
C HIS E 112 -17.99 -18.65 33.88
N ASP E 113 -16.68 -18.78 34.05
CA ASP E 113 -15.72 -18.17 33.13
C ASP E 113 -15.50 -19.13 31.98
N TYR E 114 -16.46 -19.18 31.09
CA TYR E 114 -16.44 -20.21 30.07
C TYR E 114 -15.40 -19.94 28.99
N VAL E 115 -15.04 -18.68 28.78
CA VAL E 115 -14.00 -18.37 27.78
C VAL E 115 -12.65 -18.79 28.31
N SER E 116 -12.35 -18.48 29.59
CA SER E 116 -11.11 -18.99 30.18
C SER E 116 -11.05 -20.51 30.13
N ARG E 117 -12.16 -21.18 30.40
CA ARG E 117 -12.19 -22.64 30.31
C ARG E 117 -11.81 -23.11 28.90
N ASP E 118 -12.33 -22.46 27.87
CA ASP E 118 -12.11 -22.89 26.50
C ASP E 118 -10.64 -22.72 26.11
N LEU E 119 -10.03 -21.60 26.50
CA LEU E 119 -8.60 -21.43 26.31
C LEU E 119 -7.83 -22.55 26.99
N LEU E 120 -8.20 -22.89 28.23
CA LEU E 120 -7.43 -23.90 28.94
C LEU E 120 -7.66 -25.28 28.34
N LYS E 121 -8.86 -25.53 27.81
CA LYS E 121 -9.13 -26.79 27.12
C LYS E 121 -8.27 -26.90 25.86
N ASP E 122 -8.15 -25.81 25.11
CA ASP E 122 -7.28 -25.83 23.93
C ASP E 122 -5.83 -26.11 24.32
N ILE E 123 -5.34 -25.47 25.40
CA ILE E 123 -3.98 -25.74 25.86
C ILE E 123 -3.84 -27.21 26.28
N LEU E 124 -4.85 -27.72 26.96
CA LEU E 124 -4.83 -29.10 27.45
C LEU E 124 -4.75 -30.09 26.30
N GLU E 125 -5.47 -29.80 25.20
CA GLU E 125 -5.37 -30.63 24.00
C GLU E 125 -3.95 -30.66 23.46
N SER E 126 -3.28 -29.50 23.42
CA SER E 126 -1.90 -29.46 22.97
CA SER E 126 -1.90 -29.47 22.96
C SER E 126 -0.99 -30.25 23.91
N GLU E 127 -1.22 -30.16 25.22
CA GLU E 127 -0.32 -30.86 26.13
C GLU E 127 -0.57 -32.37 26.07
N GLU E 128 -1.81 -32.80 25.86
CA GLU E 128 -2.06 -34.24 25.69
C GLU E 128 -1.45 -34.75 24.39
N GLU E 129 -1.40 -33.92 23.35
CA GLU E 129 -0.64 -34.34 22.15
C GLU E 129 0.83 -34.50 22.49
N HIS E 130 1.37 -33.61 23.31
CA HIS E 130 2.78 -33.71 23.66
C HIS E 130 3.03 -34.96 24.49
N ILE E 131 2.14 -35.27 25.42
CA ILE E 131 2.26 -36.50 26.20
C ILE E 131 2.27 -37.71 25.26
N ASP E 132 1.39 -37.71 24.27
CA ASP E 132 1.38 -38.81 23.31
C ASP E 132 2.72 -38.97 22.62
N TYR E 133 3.27 -37.86 22.12
CA TYR E 133 4.58 -37.91 21.49
C TYR E 133 5.63 -38.47 22.44
N LEU E 134 5.65 -37.96 23.67
CA LEU E 134 6.67 -38.38 24.64
C LEU E 134 6.53 -39.86 24.98
N GLU E 135 5.33 -40.29 25.33
CA GLU E 135 5.11 -41.70 25.62
C GLU E 135 5.50 -42.59 24.44
N THR E 136 5.19 -42.14 23.23
CA THR E 136 5.54 -42.92 22.04
C THR E 136 7.06 -43.02 21.87
N GLN E 137 7.78 -41.92 22.10
CA GLN E 137 9.23 -41.97 21.95
C GLN E 137 9.84 -42.92 22.97
N LEU E 138 9.34 -42.87 24.20
CA LEU E 138 9.88 -43.77 25.21
C LEU E 138 9.56 -45.22 24.88
N GLY E 139 8.36 -45.47 24.33
CA GLY E 139 8.05 -46.82 23.87
C GLY E 139 8.94 -47.26 22.72
N LEU E 140 9.24 -46.33 21.80
CA LEU E 140 10.08 -46.69 20.66
C LEU E 140 11.47 -47.09 21.12
N ILE E 141 12.00 -46.39 22.12
CA ILE E 141 13.31 -46.76 22.66
C ILE E 141 13.31 -48.21 23.10
N GLN E 142 12.19 -48.65 23.67
CA GLN E 142 12.10 -50.03 24.16
C GLN E 142 12.01 -51.01 22.99
N LYS E 143 11.32 -50.60 21.92
CA LYS E 143 11.04 -51.53 20.82
C LYS E 143 12.21 -51.65 19.85
N VAL E 144 12.84 -50.53 19.48
CA VAL E 144 13.92 -50.57 18.50
C VAL E 144 15.30 -50.55 19.15
N GLY E 145 15.38 -50.33 20.45
CA GLY E 145 16.67 -50.23 21.13
C GLY E 145 17.23 -48.82 21.09
N LEU E 146 18.00 -48.46 22.14
CA LEU E 146 18.44 -47.07 22.27
C LEU E 146 19.33 -46.65 21.10
N GLU E 147 20.26 -47.51 20.68
CA GLU E 147 21.21 -47.11 19.64
C GLU E 147 20.49 -46.83 18.32
N ASN E 148 19.55 -47.68 17.93
CA ASN E 148 18.74 -47.41 16.74
C ASN E 148 17.85 -46.19 16.92
N TYR E 149 17.23 -46.04 18.10
CA TYR E 149 16.39 -44.86 18.33
C TYR E 149 17.18 -43.58 18.10
N LEU E 150 18.37 -43.51 18.67
CA LEU E 150 19.21 -42.32 18.53
C LEU E 150 19.67 -42.16 17.08
N GLN E 151 20.06 -43.25 16.44
CA GLN E 151 20.45 -43.21 15.04
C GLN E 151 19.37 -42.59 14.16
N SER E 152 18.12 -42.99 14.40
CA SER E 152 16.99 -42.46 13.65
C SER E 152 16.70 -41.00 13.95
N HIS E 153 17.37 -40.39 14.94
CA HIS E 153 17.14 -38.98 15.22
C HIS E 153 18.37 -38.12 15.00
N MET E 154 19.37 -38.65 14.27
CA MET E 154 20.55 -37.85 13.97
C MET E 154 20.24 -36.79 12.91
N HIS E 155 19.58 -37.20 11.85
CA HIS E 155 19.40 -36.38 10.66
C HIS E 155 17.97 -35.85 10.62
N GLU E 156 17.81 -34.58 10.26
CA GLU E 156 16.48 -33.98 10.32
C GLU E 156 15.56 -34.32 9.13
N MET F 1 2.63 33.42 -38.33
CA MET F 1 2.76 34.63 -37.43
C MET F 1 3.95 35.46 -37.92
N LYS F 2 3.77 36.73 -38.27
CA LYS F 2 4.86 37.40 -38.96
C LYS F 2 6.01 37.63 -37.98
N GLY F 3 7.18 37.10 -38.30
CA GLY F 3 8.32 37.27 -37.45
C GLY F 3 9.14 38.48 -37.84
N ASP F 4 10.09 38.80 -36.97
CA ASP F 4 11.02 39.90 -37.22
C ASP F 4 11.98 39.57 -38.37
N LYS F 5 12.18 40.54 -39.27
CA LYS F 5 12.95 40.25 -40.48
C LYS F 5 14.39 39.87 -40.16
N LYS F 6 15.00 40.54 -39.19
CA LYS F 6 16.36 40.20 -38.84
C LYS F 6 16.46 38.91 -38.04
N VAL F 7 15.43 38.56 -37.26
CA VAL F 7 15.40 37.23 -36.63
C VAL F 7 15.48 36.16 -37.69
N ILE F 8 14.64 36.28 -38.74
CA ILE F 8 14.64 35.31 -39.83
C ILE F 8 15.99 35.25 -40.52
N GLN F 9 16.61 36.42 -40.76
CA GLN F 9 17.96 36.43 -41.30
C GLN F 9 18.94 35.69 -40.39
N HIS F 10 18.82 35.91 -39.07
CA HIS F 10 19.69 35.19 -38.12
C HIS F 10 19.42 33.69 -38.16
N LEU F 11 18.14 33.29 -38.17
CA LEU F 11 17.81 31.87 -38.24
C LEU F 11 18.37 31.24 -39.52
N ASN F 12 18.28 31.94 -40.65
CA ASN F 12 18.83 31.42 -41.90
C ASN F 12 20.35 31.34 -41.85
N LYS F 13 21.00 32.24 -41.14
CA LYS F 13 22.44 32.11 -40.95
C LYS F 13 22.79 30.87 -40.11
N ILE F 14 22.07 30.65 -39.01
CA ILE F 14 22.33 29.45 -38.21
C ILE F 14 22.06 28.19 -39.06
N LEU F 15 20.95 28.20 -39.81
CA LEU F 15 20.64 27.07 -40.70
C LEU F 15 21.75 26.85 -41.71
N GLY F 16 22.29 27.94 -42.28
CA GLY F 16 23.42 27.76 -43.18
C GLY F 16 24.60 27.08 -42.52
N ASN F 17 24.89 27.42 -41.27
CA ASN F 17 25.96 26.74 -40.56
C ASN F 17 25.64 25.26 -40.34
N GLU F 18 24.38 24.95 -39.99
CA GLU F 18 24.01 23.56 -39.79
C GLU F 18 24.12 22.76 -41.09
N LEU F 19 23.74 23.36 -42.22
CA LEU F 19 23.84 22.66 -43.50
C LEU F 19 25.29 22.31 -43.85
N ILE F 20 26.23 23.23 -43.58
CA ILE F 20 27.64 22.91 -43.71
C ILE F 20 27.99 21.74 -42.82
N ALA F 21 27.59 21.82 -41.54
CA ALA F 21 27.97 20.81 -40.56
C ALA F 21 27.44 19.43 -40.95
N ILE F 22 26.19 19.35 -41.42
CA ILE F 22 25.61 18.08 -41.83
C ILE F 22 26.53 17.37 -42.81
N ASN F 23 26.91 18.10 -43.87
CA ASN F 23 27.70 17.49 -44.93
C ASN F 23 29.12 17.21 -44.48
N GLN F 24 29.75 18.16 -43.79
CA GLN F 24 31.12 17.95 -43.31
C GLN F 24 31.18 16.75 -42.36
N TYR F 25 30.25 16.69 -41.39
CA TYR F 25 30.25 15.54 -40.46
C TYR F 25 29.87 14.25 -41.18
N PHE F 26 28.91 14.28 -42.10
CA PHE F 26 28.61 13.04 -42.80
C PHE F 26 29.80 12.53 -43.60
N LEU F 27 30.50 13.42 -44.33
CA LEU F 27 31.66 12.97 -45.07
C LEU F 27 32.77 12.47 -44.14
N HIS F 28 33.03 13.18 -43.04
CA HIS F 28 34.07 12.70 -42.13
C HIS F 28 33.70 11.34 -41.59
N SER F 29 32.42 11.14 -41.28
CA SER F 29 31.95 9.86 -40.78
C SER F 29 32.27 8.74 -41.77
N ARG F 30 31.95 8.96 -43.04
CA ARG F 30 32.16 7.93 -44.05
C ARG F 30 33.65 7.72 -44.37
N MET F 31 34.46 8.77 -44.26
CA MET F 31 35.91 8.58 -44.41
C MET F 31 36.45 7.71 -43.28
N TRP F 32 36.04 7.99 -42.05
CA TRP F 32 36.49 7.18 -40.93
C TRP F 32 36.04 5.73 -41.08
N ASN F 33 34.80 5.52 -41.52
CA ASN F 33 34.34 4.15 -41.75
C ASN F 33 35.16 3.45 -42.83
N ASP F 34 35.40 4.16 -43.94
CA ASP F 34 36.23 3.61 -45.02
C ASP F 34 37.62 3.21 -44.51
N TRP F 35 38.19 4.00 -43.59
CA TRP F 35 39.51 3.66 -43.04
C TRP F 35 39.47 2.60 -41.95
N GLY F 36 38.29 2.14 -41.57
CA GLY F 36 38.20 1.14 -40.52
C GLY F 36 38.17 1.71 -39.12
N LEU F 37 38.01 3.03 -38.97
CA LEU F 37 37.95 3.66 -37.66
C LEU F 37 36.48 3.84 -37.29
N LYS F 38 35.82 2.70 -37.09
CA LYS F 38 34.36 2.66 -37.08
C LYS F 38 33.76 3.30 -35.83
N ARG F 39 34.49 3.39 -34.73
CA ARG F 39 33.94 4.09 -33.56
C ARG F 39 33.87 5.60 -33.81
N LEU F 40 34.90 6.16 -34.45
CA LEU F 40 34.82 7.54 -34.90
C LEU F 40 33.73 7.71 -35.95
N GLY F 41 33.67 6.79 -36.91
CA GLY F 41 32.67 6.91 -37.95
C GLY F 41 31.25 6.94 -37.40
N ALA F 42 30.97 6.06 -36.42
CA ALA F 42 29.63 6.04 -35.87
C ALA F 42 29.33 7.30 -35.06
N HIS F 43 30.28 7.73 -34.23
CA HIS F 43 30.06 8.92 -33.43
C HIS F 43 29.84 10.15 -34.33
N GLU F 44 30.63 10.27 -35.39
CA GLU F 44 30.50 11.40 -36.31
C GLU F 44 29.18 11.32 -37.07
N TYR F 45 28.74 10.11 -37.40
CA TYR F 45 27.42 9.93 -38.01
C TYR F 45 26.33 10.49 -37.09
N HIS F 46 26.38 10.16 -35.80
CA HIS F 46 25.39 10.72 -34.88
C HIS F 46 25.51 12.24 -34.75
N GLU F 47 26.72 12.81 -34.82
CA GLU F 47 26.83 14.27 -34.87
C GLU F 47 26.08 14.82 -36.09
N SER F 48 26.23 14.18 -37.25
CA SER F 48 25.57 14.67 -38.45
C SER F 48 24.06 14.61 -38.32
N ILE F 49 23.54 13.53 -37.74
CA ILE F 49 22.10 13.41 -37.54
C ILE F 49 21.60 14.50 -36.60
N ASP F 50 22.36 14.77 -35.54
CA ASP F 50 21.99 15.82 -34.61
CA ASP F 50 22.00 15.82 -34.60
C ASP F 50 21.87 17.17 -35.31
N GLU F 51 22.80 17.47 -36.23
CA GLU F 51 22.71 18.73 -36.97
C GLU F 51 21.50 18.74 -37.89
N MET F 52 21.19 17.58 -38.49
CA MET F 52 20.00 17.45 -39.30
C MET F 52 18.75 17.79 -38.51
N LYS F 53 18.65 17.27 -37.29
CA LYS F 53 17.51 17.58 -36.43
C LYS F 53 17.45 19.07 -36.09
N HIS F 54 18.59 19.70 -35.79
CA HIS F 54 18.60 21.15 -35.57
C HIS F 54 18.14 21.93 -36.81
N ALA F 55 18.64 21.54 -37.99
CA ALA F 55 18.23 22.22 -39.22
C ALA F 55 16.73 22.09 -39.43
N ASP F 56 16.18 20.89 -39.17
CA ASP F 56 14.74 20.69 -39.27
C ASP F 56 13.98 21.71 -38.42
N LYS F 57 14.38 21.84 -37.16
CA LYS F 57 13.70 22.77 -36.26
C LYS F 57 13.82 24.21 -36.74
N LEU F 58 14.99 24.59 -37.26
CA LEU F 58 15.14 25.95 -37.75
C LEU F 58 14.25 26.20 -38.95
N ILE F 59 14.20 25.25 -39.89
CA ILE F 59 13.34 25.36 -41.05
C ILE F 59 11.89 25.51 -40.63
N GLU F 60 11.46 24.69 -39.67
CA GLU F 60 10.08 24.77 -39.20
C GLU F 60 9.78 26.13 -38.56
N ARG F 61 10.71 26.63 -37.75
CA ARG F 61 10.52 27.93 -37.10
C ARG F 61 10.48 29.06 -38.13
N ILE F 62 11.38 29.02 -39.13
CA ILE F 62 11.41 30.09 -40.13
C ILE F 62 10.06 30.15 -40.86
N LEU F 63 9.51 28.99 -41.22
CA LEU F 63 8.24 28.96 -41.95
C LEU F 63 7.09 29.43 -41.10
N PHE F 64 7.06 29.03 -39.82
CA PHE F 64 6.03 29.57 -38.93
C PHE F 64 6.09 31.09 -38.87
N LEU F 65 7.28 31.66 -38.85
CA LEU F 65 7.47 33.11 -38.81
C LEU F 65 7.31 33.76 -40.18
N GLU F 66 6.91 32.98 -41.19
CA GLU F 66 6.53 33.48 -42.50
C GLU F 66 7.75 33.94 -43.30
N GLY F 67 8.90 33.33 -43.01
CA GLY F 67 10.09 33.55 -43.80
C GLY F 67 10.35 32.40 -44.74
N LEU F 68 11.39 32.59 -45.55
CA LEU F 68 11.76 31.61 -46.57
C LEU F 68 13.03 30.93 -46.12
N PRO F 69 13.00 29.66 -45.70
CA PRO F 69 14.25 29.00 -45.28
C PRO F 69 15.20 28.87 -46.45
N ASN F 70 16.47 29.16 -46.23
CA ASN F 70 17.47 29.13 -47.29
C ASN F 70 18.24 27.81 -47.22
N LEU F 71 17.85 26.86 -48.08
CA LEU F 71 18.59 25.62 -48.25
C LEU F 71 19.47 25.62 -49.49
N GLN F 72 19.57 26.76 -50.17
CA GLN F 72 20.29 26.84 -51.44
C GLN F 72 21.75 27.24 -51.27
N ASP F 73 22.04 28.14 -50.36
CA ASP F 73 23.41 28.60 -50.20
C ASP F 73 24.13 27.65 -49.25
N LEU F 74 25.21 27.06 -49.72
CA LEU F 74 26.04 26.17 -48.93
C LEU F 74 27.43 26.79 -48.85
N GLY F 75 27.88 27.10 -47.64
CA GLY F 75 29.21 27.60 -47.41
C GLY F 75 30.28 26.53 -47.48
N LYS F 76 31.49 26.92 -47.09
CA LYS F 76 32.67 26.11 -47.35
C LYS F 76 32.77 24.98 -46.32
N LEU F 77 32.83 23.74 -46.82
CA LEU F 77 33.08 22.58 -45.99
C LEU F 77 34.56 22.53 -45.62
N LEU F 78 34.85 22.19 -44.37
CA LEU F 78 36.22 22.09 -43.89
C LEU F 78 36.50 20.60 -43.75
N ILE F 79 37.14 20.01 -44.77
CA ILE F 79 37.38 18.56 -44.83
C ILE F 79 38.85 18.31 -44.49
N GLY F 80 39.11 17.55 -43.44
CA GLY F 80 40.49 17.23 -43.13
C GLY F 80 41.02 16.07 -44.00
N GLU F 81 42.34 15.87 -43.91
CA GLU F 81 43.00 14.80 -44.65
C GLU F 81 43.46 13.66 -43.77
N ASN F 82 43.38 13.82 -42.44
CA ASN F 82 43.68 12.76 -41.49
C ASN F 82 42.88 13.06 -40.22
N THR F 83 42.93 12.12 -39.28
CA THR F 83 42.03 12.17 -38.13
C THR F 83 42.21 13.46 -37.33
N GLN F 84 43.46 13.81 -37.04
CA GLN F 84 43.72 15.05 -36.30
C GLN F 84 43.15 16.28 -36.99
N GLU F 85 43.38 16.42 -38.32
CA GLU F 85 42.85 17.57 -39.04
C GLU F 85 41.34 17.57 -39.09
N MET F 86 40.74 16.38 -39.26
CA MET F 86 39.29 16.28 -39.34
C MET F 86 38.64 16.78 -38.05
N LEU F 87 39.15 16.32 -36.90
CA LEU F 87 38.64 16.80 -35.63
C LEU F 87 38.84 18.31 -35.49
N GLN F 88 40.01 18.83 -35.90
CA GLN F 88 40.22 20.27 -35.79
C GLN F 88 39.29 21.05 -36.72
N CYS F 89 39.04 20.53 -37.92
CA CYS F 89 38.10 21.16 -38.84
C CYS F 89 36.71 21.21 -38.24
N ASP F 90 36.27 20.11 -37.63
CA ASP F 90 34.98 20.14 -36.93
C ASP F 90 34.98 21.20 -35.84
N LEU F 91 36.05 21.24 -35.04
CA LEU F 91 36.08 22.18 -33.94
C LEU F 91 36.06 23.63 -34.45
N ASN F 92 36.79 23.90 -35.53
CA ASN F 92 36.79 25.25 -36.11
C ASN F 92 35.39 25.65 -36.57
N LEU F 93 34.69 24.75 -37.25
CA LEU F 93 33.31 25.00 -37.64
C LEU F 93 32.43 25.25 -36.42
N GLU F 94 32.56 24.42 -35.37
CA GLU F 94 31.67 24.56 -34.20
C GLU F 94 31.87 25.91 -33.51
N LEU F 95 33.12 26.38 -33.46
CA LEU F 95 33.39 27.67 -32.80
C LEU F 95 32.80 28.82 -33.58
N LYS F 96 32.82 28.74 -34.91
CA LYS F 96 32.09 29.71 -35.71
C LYS F 96 30.60 29.64 -35.45
N ALA F 97 30.09 28.41 -35.34
CA ALA F 97 28.65 28.24 -35.16
C ALA F 97 28.16 28.80 -33.83
N THR F 98 28.94 28.63 -32.76
CA THR F 98 28.52 29.15 -31.47
C THR F 98 28.62 30.67 -31.40
N LYS F 99 29.62 31.25 -32.07
CA LYS F 99 29.64 32.69 -32.21
C LYS F 99 28.34 33.19 -32.85
N ASP F 100 27.93 32.57 -33.95
CA ASP F 100 26.72 33.04 -34.64
C ASP F 100 25.46 32.80 -33.81
N LEU F 101 25.42 31.68 -33.07
CA LEU F 101 24.26 31.43 -32.19
C LEU F 101 24.15 32.50 -31.11
N ARG F 102 25.27 32.88 -30.49
CA ARG F 102 25.22 33.92 -29.47
C ARG F 102 24.72 35.25 -30.03
N GLU F 103 25.16 35.62 -31.24
CA GLU F 103 24.69 36.88 -31.84
C GLU F 103 23.21 36.80 -32.19
N ALA F 104 22.74 35.63 -32.63
CA ALA F 104 21.33 35.42 -32.93
C ALA F 104 20.48 35.51 -31.67
N ILE F 105 20.94 34.92 -30.57
CA ILE F 105 20.21 34.98 -29.32
C ILE F 105 20.09 36.42 -28.85
N VAL F 106 21.19 37.20 -28.91
CA VAL F 106 21.10 38.63 -28.56
C VAL F 106 19.96 39.28 -29.31
N HIS F 107 19.89 39.06 -30.62
CA HIS F 107 18.86 39.77 -31.37
C HIS F 107 17.45 39.27 -31.04
N CYS F 108 17.25 37.96 -30.87
CA CYS F 108 15.93 37.49 -30.47
C CYS F 108 15.49 38.14 -29.17
N GLU F 109 16.40 38.20 -28.20
CA GLU F 109 16.06 38.80 -26.92
C GLU F 109 15.59 40.24 -27.12
N GLN F 110 16.31 41.01 -27.94
CA GLN F 110 15.99 42.42 -28.11
C GLN F 110 14.62 42.65 -28.78
N VAL F 111 14.19 41.78 -29.69
CA VAL F 111 12.85 41.91 -30.28
C VAL F 111 11.82 41.04 -29.57
N HIS F 112 12.17 40.46 -28.42
CA HIS F 112 11.23 39.74 -27.57
C HIS F 112 10.75 38.45 -28.22
N ASP F 113 11.56 37.87 -29.12
CA ASP F 113 11.21 36.57 -29.72
C ASP F 113 11.80 35.49 -28.83
N TYR F 114 11.14 35.28 -27.70
CA TYR F 114 11.68 34.43 -26.66
C TYR F 114 11.62 32.95 -27.05
N VAL F 115 10.66 32.58 -27.89
CA VAL F 115 10.59 31.18 -28.34
C VAL F 115 11.76 30.87 -29.26
N SER F 116 12.05 31.76 -30.24
CA SER F 116 13.24 31.57 -31.05
C SER F 116 14.50 31.53 -30.19
N ARG F 117 14.61 32.41 -29.18
CA ARG F 117 15.77 32.34 -28.30
C ARG F 117 15.89 30.97 -27.65
N ASP F 118 14.77 30.41 -27.21
CA ASP F 118 14.83 29.13 -26.49
C ASP F 118 15.31 28.01 -27.41
N LEU F 119 14.82 27.99 -28.65
CA LEU F 119 15.31 27.02 -29.64
C LEU F 119 16.81 27.16 -29.84
N LEU F 120 17.27 28.40 -30.01
CA LEU F 120 18.69 28.64 -30.26
C LEU F 120 19.53 28.29 -29.05
N LYS F 121 19.01 28.53 -27.85
CA LYS F 121 19.73 28.12 -26.64
C LYS F 121 19.86 26.59 -26.59
N ASP F 122 18.80 25.87 -26.91
CA ASP F 122 18.90 24.41 -26.97
C ASP F 122 19.94 23.96 -28.02
N ILE F 123 19.94 24.59 -29.20
CA ILE F 123 20.95 24.23 -30.20
C ILE F 123 22.36 24.54 -29.68
N LEU F 124 22.50 25.67 -29.00
CA LEU F 124 23.81 26.05 -28.45
C LEU F 124 24.31 25.04 -27.44
N GLU F 125 23.40 24.54 -26.58
CA GLU F 125 23.79 23.49 -25.64
C GLU F 125 24.33 22.27 -26.36
N SER F 126 23.68 21.88 -27.46
CA SER F 126 24.18 20.75 -28.24
CA SER F 126 24.18 20.74 -28.23
C SER F 126 25.54 21.04 -28.85
N GLU F 127 25.72 22.24 -29.39
CA GLU F 127 27.02 22.56 -30.00
C GLU F 127 28.13 22.63 -28.94
N GLU F 128 27.84 23.14 -27.74
CA GLU F 128 28.87 23.11 -26.72
C GLU F 128 29.22 21.69 -26.29
N GLU F 129 28.23 20.77 -26.25
CA GLU F 129 28.55 19.37 -25.99
C GLU F 129 29.48 18.83 -27.07
N HIS F 130 29.23 19.19 -28.33
CA HIS F 130 30.07 18.72 -29.43
C HIS F 130 31.48 19.29 -29.31
N ILE F 131 31.59 20.59 -28.95
CA ILE F 131 32.91 21.16 -28.69
C ILE F 131 33.64 20.40 -27.60
N ASP F 132 32.96 20.07 -26.51
CA ASP F 132 33.62 19.32 -25.46
C ASP F 132 34.15 17.98 -25.97
N TYR F 133 33.34 17.26 -26.74
CA TYR F 133 33.79 15.99 -27.33
C TYR F 133 35.03 16.19 -28.19
N LEU F 134 35.02 17.22 -29.03
CA LEU F 134 36.12 17.46 -29.97
C LEU F 134 37.41 17.83 -29.25
N GLU F 135 37.31 18.78 -28.31
CA GLU F 135 38.46 19.16 -27.51
C GLU F 135 39.01 17.98 -26.74
N THR F 136 38.11 17.16 -26.20
CA THR F 136 38.55 15.99 -25.45
C THR F 136 39.29 15.00 -26.35
N GLN F 137 38.76 14.73 -27.55
CA GLN F 137 39.45 13.82 -28.47
C GLN F 137 40.86 14.33 -28.82
N LEU F 138 40.97 15.64 -29.11
CA LEU F 138 42.28 16.20 -29.43
C LEU F 138 43.22 16.10 -28.23
N GLY F 139 42.70 16.30 -27.02
CA GLY F 139 43.53 16.09 -25.83
C GLY F 139 43.95 14.64 -25.66
N LEU F 140 43.05 13.71 -25.96
CA LEU F 140 43.39 12.30 -25.77
C LEU F 140 44.52 11.88 -26.70
N ILE F 141 44.49 12.38 -27.93
CA ILE F 141 45.57 12.10 -28.89
C ILE F 141 46.91 12.45 -28.28
N GLN F 142 46.96 13.57 -27.54
CA GLN F 142 48.19 14.00 -26.89
C GLN F 142 48.52 13.10 -25.71
N LYS F 143 47.51 12.65 -24.98
CA LYS F 143 47.78 11.89 -23.76
C LYS F 143 48.14 10.44 -24.06
N VAL F 144 47.45 9.78 -25.00
CA VAL F 144 47.69 8.35 -25.22
C VAL F 144 48.50 8.08 -26.47
N GLY F 145 48.80 9.10 -27.27
CA GLY F 145 49.47 8.91 -28.55
C GLY F 145 48.49 8.64 -29.67
N LEU F 146 48.86 9.09 -30.88
CA LEU F 146 47.96 8.96 -32.02
C LEU F 146 47.65 7.50 -32.35
N GLU F 147 48.67 6.64 -32.31
CA GLU F 147 48.48 5.24 -32.67
C GLU F 147 47.48 4.56 -31.73
N ASN F 148 47.65 4.74 -30.40
CA ASN F 148 46.66 4.23 -29.45
C ASN F 148 45.31 4.88 -29.65
N TYR F 149 45.28 6.20 -29.84
CA TYR F 149 43.99 6.88 -30.01
C TYR F 149 43.23 6.23 -31.17
N LEU F 150 43.91 6.05 -32.29
CA LEU F 150 43.25 5.44 -33.43
C LEU F 150 42.87 3.99 -33.14
N GLN F 151 43.77 3.24 -32.53
CA GLN F 151 43.44 1.85 -32.17
C GLN F 151 42.15 1.78 -31.38
N SER F 152 41.96 2.71 -30.43
CA SER F 152 40.78 2.69 -29.57
C SER F 152 39.50 3.06 -30.30
N HIS F 153 39.60 3.54 -31.53
CA HIS F 153 38.43 3.89 -32.33
C HIS F 153 38.24 2.99 -33.55
N MET F 154 38.92 1.84 -33.60
CA MET F 154 38.67 0.91 -34.71
C MET F 154 37.32 0.23 -34.59
N HIS F 155 36.98 -0.23 -33.39
CA HIS F 155 35.84 -1.11 -33.18
C HIS F 155 34.76 -0.35 -32.41
N GLU F 156 33.51 -0.47 -32.86
CA GLU F 156 32.42 0.17 -32.15
C GLU F 156 32.26 -0.35 -30.72
N MET G 1 23.33 8.02 24.27
CA MET G 1 24.23 7.29 25.20
C MET G 1 25.56 8.05 25.32
N LYS G 2 25.90 8.58 26.49
CA LYS G 2 27.07 9.46 26.54
C LYS G 2 28.34 8.68 26.22
N GLY G 3 29.06 9.13 25.19
CA GLY G 3 30.29 8.47 24.82
C GLY G 3 31.51 9.08 25.52
N ASP G 4 32.64 8.40 25.35
CA ASP G 4 33.93 8.88 25.84
C ASP G 4 34.37 10.09 25.03
N LYS G 5 34.79 11.16 25.72
CA LYS G 5 35.11 12.40 25.02
C LYS G 5 36.24 12.21 24.01
N LYS G 6 37.29 11.50 24.40
CA LYS G 6 38.40 11.28 23.50
C LYS G 6 38.01 10.38 22.32
N VAL G 7 37.12 9.39 22.53
CA VAL G 7 36.61 8.62 21.38
C VAL G 7 35.93 9.54 20.38
N ILE G 8 35.04 10.42 20.87
CA ILE G 8 34.35 11.34 19.98
C ILE G 8 35.35 12.25 19.25
N GLN G 9 36.41 12.67 19.94
CA GLN G 9 37.42 13.46 19.26
C GLN G 9 38.11 12.65 18.16
N HIS G 10 38.41 11.37 18.42
CA HIS G 10 38.97 10.52 17.37
C HIS G 10 38.02 10.38 16.20
N LEU G 11 36.74 10.12 16.48
CA LEU G 11 35.76 9.96 15.41
C LEU G 11 35.64 11.23 14.56
N ASN G 12 35.67 12.40 15.20
CA ASN G 12 35.65 13.66 14.45
C ASN G 12 36.92 13.84 13.61
N LYS G 13 38.06 13.34 14.08
CA LYS G 13 39.27 13.40 13.27
C LYS G 13 39.17 12.51 12.04
N ILE G 14 38.68 11.27 12.22
CA ILE G 14 38.41 10.36 11.10
C ILE G 14 37.42 11.00 10.13
N LEU G 15 36.35 11.57 10.68
CA LEU G 15 35.36 12.26 9.85
C LEU G 15 36.03 13.34 9.03
N GLY G 16 36.89 14.13 9.66
CA GLY G 16 37.64 15.16 8.94
C GLY G 16 38.42 14.60 7.76
N ASN G 17 39.06 13.44 7.97
CA ASN G 17 39.80 12.80 6.88
C ASN G 17 38.85 12.38 5.76
N GLU G 18 37.68 11.85 6.12
CA GLU G 18 36.72 11.42 5.10
C GLU G 18 36.24 12.62 4.29
N LEU G 19 36.02 13.76 4.95
CA LEU G 19 35.51 14.93 4.25
C LEU G 19 36.52 15.44 3.22
N ILE G 20 37.81 15.41 3.56
CA ILE G 20 38.83 15.72 2.56
C ILE G 20 38.73 14.75 1.40
N ALA G 21 38.63 13.46 1.70
CA ALA G 21 38.67 12.43 0.66
C ALA G 21 37.45 12.54 -0.25
N ILE G 22 36.30 12.87 0.30
CA ILE G 22 35.10 13.04 -0.53
C ILE G 22 35.37 14.05 -1.62
N ASN G 23 35.85 15.25 -1.23
CA ASN G 23 36.02 16.34 -2.18
C ASN G 23 37.20 16.09 -3.12
N GLN G 24 38.31 15.56 -2.59
CA GLN G 24 39.47 15.24 -3.42
C GLN G 24 39.12 14.20 -4.49
N TYR G 25 38.48 13.10 -4.10
CA TYR G 25 38.13 12.06 -5.07
C TYR G 25 37.06 12.54 -6.04
N PHE G 26 36.13 13.38 -5.57
CA PHE G 26 35.10 13.84 -6.49
C PHE G 26 35.68 14.77 -7.56
N LEU G 27 36.55 15.69 -7.15
CA LEU G 27 37.23 16.55 -8.10
C LEU G 27 38.12 15.74 -9.06
N HIS G 28 38.90 14.81 -8.53
CA HIS G 28 39.71 13.96 -9.40
C HIS G 28 38.83 13.21 -10.40
N SER G 29 37.70 12.67 -9.94
CA SER G 29 36.78 11.97 -10.82
C SER G 29 36.34 12.86 -11.98
N ARG G 30 35.91 14.08 -11.66
CA ARG G 30 35.41 14.99 -12.68
C ARG G 30 36.52 15.53 -13.58
N MET G 31 37.75 15.68 -13.07
CA MET G 31 38.88 15.99 -13.94
C MET G 31 39.12 14.87 -14.96
N TRP G 32 39.14 13.61 -14.48
CA TRP G 32 39.36 12.49 -15.37
C TRP G 32 38.25 12.41 -16.41
N ASN G 33 37.01 12.63 -16.01
CA ASN G 33 35.92 12.64 -17.00
C ASN G 33 36.12 13.75 -18.02
N ASP G 34 36.48 14.95 -17.57
CA ASP G 34 36.69 16.06 -18.49
C ASP G 34 37.77 15.71 -19.53
N TRP G 35 38.80 14.99 -19.11
CA TRP G 35 39.88 14.59 -20.00
C TRP G 35 39.54 13.41 -20.90
N GLY G 36 38.34 12.81 -20.78
CA GLY G 36 38.01 11.66 -21.58
C GLY G 36 38.51 10.33 -21.02
N LEU G 37 38.98 10.32 -19.78
CA LEU G 37 39.43 9.10 -19.12
C LEU G 37 38.30 8.59 -18.22
N LYS G 38 37.25 8.11 -18.89
CA LYS G 38 35.96 7.88 -18.24
C LYS G 38 35.99 6.68 -17.28
N ARG G 39 36.85 5.70 -17.53
CA ARG G 39 36.93 4.56 -16.63
C ARG G 39 37.56 4.96 -15.31
N LEU G 40 38.64 5.73 -15.36
CA LEU G 40 39.17 6.33 -14.14
C LEU G 40 38.15 7.23 -13.47
N GLY G 41 37.42 8.03 -14.26
CA GLY G 41 36.46 8.95 -13.67
C GLY G 41 35.36 8.21 -12.92
N ALA G 42 34.85 7.12 -13.51
CA ALA G 42 33.79 6.36 -12.85
C ALA G 42 34.29 5.67 -11.60
N HIS G 43 35.49 5.10 -11.67
CA HIS G 43 36.01 4.40 -10.50
C HIS G 43 36.27 5.36 -9.34
N GLU G 44 36.82 6.54 -9.66
CA GLU G 44 37.07 7.55 -8.64
C GLU G 44 35.77 8.10 -8.07
N TYR G 45 34.75 8.24 -8.92
CA TYR G 45 33.44 8.62 -8.43
C TYR G 45 32.94 7.63 -7.37
N HIS G 46 33.06 6.35 -7.67
CA HIS G 46 32.61 5.38 -6.69
C HIS G 46 33.46 5.42 -5.41
N GLU G 47 34.74 5.73 -5.51
CA GLU G 47 35.53 5.94 -4.29
C GLU G 47 35.00 7.11 -3.47
N SER G 48 34.61 8.21 -4.13
CA SER G 48 34.06 9.36 -3.41
C SER G 48 32.79 8.95 -2.68
N ILE G 49 31.90 8.23 -3.37
CA ILE G 49 30.64 7.77 -2.78
C ILE G 49 30.91 6.89 -1.56
N ASP G 50 31.89 5.98 -1.68
CA ASP G 50 32.25 5.14 -0.55
CA ASP G 50 32.28 5.14 -0.55
C ASP G 50 32.64 5.98 0.67
N GLU G 51 33.44 7.03 0.46
CA GLU G 51 33.83 7.90 1.58
C GLU G 51 32.62 8.65 2.12
N MET G 52 31.70 9.05 1.25
CA MET G 52 30.46 9.66 1.74
C MET G 52 29.70 8.73 2.67
N LYS G 53 29.66 7.44 2.32
CA LYS G 53 28.97 6.47 3.17
C LYS G 53 29.68 6.30 4.52
N HIS G 54 31.01 6.28 4.51
CA HIS G 54 31.74 6.26 5.79
C HIS G 54 31.44 7.50 6.63
N ALA G 55 31.48 8.67 6.00
CA ALA G 55 31.21 9.90 6.73
C ALA G 55 29.82 9.85 7.35
N ASP G 56 28.83 9.34 6.61
CA ASP G 56 27.48 9.18 7.14
C ASP G 56 27.48 8.36 8.43
N LYS G 57 28.14 7.19 8.41
CA LYS G 57 28.16 6.33 9.58
C LYS G 57 28.89 6.98 10.76
N LEU G 58 29.97 7.72 10.49
CA LEU G 58 30.66 8.42 11.57
C LEU G 58 29.78 9.52 12.18
N ILE G 59 29.08 10.28 11.34
CA ILE G 59 28.19 11.33 11.84
C ILE G 59 27.12 10.71 12.73
N GLU G 60 26.54 9.61 12.27
CA GLU G 60 25.47 8.95 13.02
C GLU G 60 25.98 8.42 14.36
N ARG G 61 27.17 7.82 14.37
CA ARG G 61 27.77 7.34 15.61
C ARG G 61 28.05 8.49 16.58
N ILE G 62 28.65 9.58 16.09
CA ILE G 62 28.97 10.72 16.96
C ILE G 62 27.70 11.26 17.61
N LEU G 63 26.63 11.40 16.82
CA LEU G 63 25.38 11.92 17.39
C LEU G 63 24.78 10.97 18.42
N PHE G 64 24.78 9.67 18.13
CA PHE G 64 24.34 8.69 19.12
C PHE G 64 25.11 8.86 20.43
N LEU G 65 26.43 9.07 20.35
CA LEU G 65 27.28 9.24 21.52
C LEU G 65 27.19 10.64 22.14
N GLU G 66 26.25 11.46 21.69
CA GLU G 66 25.96 12.77 22.25
C GLU G 66 27.12 13.74 22.03
N GLY G 67 27.84 13.57 20.92
CA GLY G 67 28.82 14.52 20.47
C GLY G 67 28.28 15.40 19.34
N LEU G 68 29.11 16.36 18.94
CA LEU G 68 28.81 17.26 17.82
C LEU G 68 29.67 16.91 16.61
N PRO G 69 29.10 16.40 15.52
CA PRO G 69 29.92 16.04 14.36
C PRO G 69 30.47 17.30 13.71
N ASN G 70 31.76 17.31 13.39
CA ASN G 70 32.41 18.51 12.85
C ASN G 70 32.44 18.40 11.34
N LEU G 71 31.51 19.11 10.67
CA LEU G 71 31.49 19.20 9.21
C LEU G 71 31.98 20.56 8.73
N GLN G 72 32.52 21.37 9.62
CA GLN G 72 32.91 22.75 9.32
C GLN G 72 34.36 22.85 8.90
N ASP G 73 35.24 22.09 9.53
CA ASP G 73 36.67 22.26 9.34
C ASP G 73 37.11 21.29 8.24
N LEU G 74 37.53 21.84 7.11
CA LEU G 74 37.96 21.05 5.97
C LEU G 74 39.46 21.23 5.83
N GLY G 75 40.20 20.13 5.91
CA GLY G 75 41.63 20.18 5.75
C GLY G 75 42.05 20.25 4.29
N LYS G 76 43.34 20.08 4.07
CA LYS G 76 43.98 20.39 2.79
C LYS G 76 43.69 19.29 1.76
N LEU G 77 43.07 19.67 0.65
CA LEU G 77 42.89 18.76 -0.47
C LEU G 77 44.21 18.61 -1.22
N LEU G 78 44.55 17.36 -1.56
CA LEU G 78 45.74 17.05 -2.36
C LEU G 78 45.27 16.79 -3.79
N ILE G 79 45.39 17.81 -4.65
CA ILE G 79 44.89 17.72 -6.01
C ILE G 79 46.07 17.55 -6.96
N GLY G 80 46.04 16.51 -7.78
CA GLY G 80 47.10 16.33 -8.74
C GLY G 80 46.89 17.13 -10.02
N GLU G 81 47.95 17.26 -10.82
CA GLU G 81 47.88 17.92 -12.11
C GLU G 81 47.90 16.96 -13.29
N ASN G 82 48.21 15.69 -13.05
CA ASN G 82 48.16 14.65 -14.08
C ASN G 82 47.77 13.35 -13.37
N THR G 83 47.49 12.32 -14.17
CA THR G 83 46.95 11.07 -13.63
C THR G 83 47.87 10.48 -12.56
N GLN G 84 49.16 10.36 -12.90
CA GLN G 84 50.12 9.81 -11.95
C GLN G 84 50.10 10.56 -10.62
N GLU G 85 50.12 11.90 -10.68
CA GLU G 85 50.11 12.67 -9.44
C GLU G 85 48.79 12.52 -8.69
N MET G 86 47.68 12.46 -9.43
CA MET G 86 46.39 12.33 -8.76
C MET G 86 46.31 11.02 -7.99
N LEU G 87 46.77 9.92 -8.61
CA LEU G 87 46.80 8.64 -7.93
C LEU G 87 47.68 8.70 -6.69
N GLN G 88 48.86 9.32 -6.81
CA GLN G 88 49.76 9.40 -5.67
C GLN G 88 49.17 10.28 -4.57
N CYS G 89 48.47 11.36 -4.93
CA CYS G 89 47.84 12.21 -3.94
C CYS G 89 46.76 11.46 -3.19
N ASP G 90 45.96 10.66 -3.89
CA ASP G 90 44.99 9.79 -3.22
C ASP G 90 45.69 8.82 -2.28
N LEU G 91 46.79 8.20 -2.74
CA LEU G 91 47.52 7.25 -1.91
C LEU G 91 48.07 7.93 -0.66
N ASN G 92 48.64 9.14 -0.80
CA ASN G 92 49.16 9.84 0.37
C ASN G 92 48.05 10.14 1.38
N LEU G 93 46.88 10.53 0.89
CA LEU G 93 45.75 10.78 1.80
C LEU G 93 45.35 9.50 2.53
N GLU G 94 45.26 8.40 1.79
CA GLU G 94 44.80 7.12 2.38
C GLU G 94 45.79 6.63 3.44
N LEU G 95 47.09 6.85 3.23
CA LEU G 95 48.07 6.40 4.21
C LEU G 95 47.99 7.23 5.49
N LYS G 96 47.66 8.52 5.39
CA LYS G 96 47.35 9.30 6.60
C LYS G 96 46.07 8.78 7.24
N ALA G 97 45.06 8.49 6.42
CA ALA G 97 43.78 8.03 6.96
C ALA G 97 43.93 6.74 7.75
N THR G 98 44.70 5.77 7.23
CA THR G 98 44.80 4.50 7.94
C THR G 98 45.62 4.62 9.22
N LYS G 99 46.63 5.50 9.24
CA LYS G 99 47.34 5.74 10.50
C LYS G 99 46.41 6.30 11.56
N ASP G 100 45.56 7.25 11.19
CA ASP G 100 44.63 7.80 12.17
C ASP G 100 43.60 6.76 12.61
N LEU G 101 43.15 5.88 11.71
CA LEU G 101 42.17 4.87 12.10
C LEU G 101 42.76 3.92 13.12
N ARG G 102 44.01 3.52 12.91
CA ARG G 102 44.68 2.65 13.85
C ARG G 102 44.78 3.29 15.23
N GLU G 103 45.16 4.57 15.28
CA GLU G 103 45.27 5.23 16.58
C GLU G 103 43.90 5.36 17.24
N ALA G 104 42.85 5.61 16.46
CA ALA G 104 41.51 5.67 17.03
C ALA G 104 41.06 4.32 17.60
N ILE G 105 41.34 3.23 16.87
CA ILE G 105 40.96 1.88 17.32
C ILE G 105 41.64 1.55 18.65
N VAL G 106 42.93 1.82 18.75
CA VAL G 106 43.64 1.62 20.02
C VAL G 106 42.89 2.27 21.17
N HIS G 107 42.48 3.54 20.98
CA HIS G 107 41.80 4.22 22.07
C HIS G 107 40.42 3.62 22.36
N CYS G 108 39.65 3.30 21.31
CA CYS G 108 38.37 2.62 21.52
C CYS G 108 38.53 1.37 22.36
N GLU G 109 39.54 0.57 22.03
CA GLU G 109 39.78 -0.67 22.76
C GLU G 109 40.09 -0.38 24.22
N GLN G 110 40.87 0.66 24.48
CA GLN G 110 41.28 0.95 25.85
C GLN G 110 40.12 1.36 26.72
N VAL G 111 39.15 2.09 26.16
CA VAL G 111 38.00 2.53 26.93
C VAL G 111 36.78 1.61 26.71
N HIS G 112 36.98 0.48 26.05
CA HIS G 112 35.95 -0.56 25.89
C HIS G 112 34.80 -0.11 25.00
N ASP G 113 35.02 0.82 24.07
CA ASP G 113 33.98 1.18 23.12
C ASP G 113 34.11 0.25 21.92
N TYR G 114 33.58 -0.96 22.09
CA TYR G 114 33.84 -2.01 21.12
C TYR G 114 33.04 -1.83 19.85
N VAL G 115 31.89 -1.13 19.92
CA VAL G 115 31.11 -0.87 18.71
C VAL G 115 31.79 0.22 17.85
N SER G 116 32.33 1.29 18.46
CA SER G 116 33.09 2.25 17.68
C SER G 116 34.29 1.58 17.04
N ARG G 117 34.98 0.70 17.79
CA ARG G 117 36.10 -0.02 17.20
C ARG G 117 35.65 -0.80 15.97
N ASP G 118 34.49 -1.46 16.04
CA ASP G 118 34.05 -2.30 14.94
C ASP G 118 33.71 -1.45 13.71
N LEU G 119 33.12 -0.28 13.92
CA LEU G 119 32.88 0.65 12.82
C LEU G 119 34.20 1.07 12.18
N LEU G 120 35.18 1.45 13.00
CA LEU G 120 36.44 1.93 12.46
C LEU G 120 37.20 0.82 11.77
N LYS G 121 37.07 -0.42 12.26
CA LYS G 121 37.72 -1.55 11.61
C LYS G 121 37.13 -1.76 10.23
N ASP G 122 35.81 -1.64 10.12
CA ASP G 122 35.16 -1.77 8.82
C ASP G 122 35.63 -0.67 7.86
N ILE G 123 35.73 0.57 8.33
CA ILE G 123 36.24 1.64 7.47
C ILE G 123 37.69 1.36 7.08
N LEU G 124 38.50 0.89 8.03
CA LEU G 124 39.89 0.58 7.73
C LEU G 124 40.00 -0.49 6.63
N GLU G 125 39.12 -1.51 6.66
CA GLU G 125 39.13 -2.54 5.64
C GLU G 125 38.86 -1.93 4.27
N SER G 126 37.90 -1.01 4.20
CA SER G 126 37.62 -0.28 2.96
CA SER G 126 37.64 -0.30 2.96
C SER G 126 38.83 0.53 2.52
N GLU G 127 39.49 1.22 3.45
CA GLU G 127 40.63 2.07 3.04
C GLU G 127 41.81 1.23 2.58
N GLU G 128 42.03 0.07 3.20
CA GLU G 128 43.10 -0.81 2.72
C GLU G 128 42.79 -1.35 1.32
N GLU G 129 41.52 -1.57 1.00
CA GLU G 129 41.18 -1.98 -0.36
C GLU G 129 41.45 -0.84 -1.34
N HIS G 130 41.19 0.39 -0.91
CA HIS G 130 41.50 1.54 -1.74
C HIS G 130 43.02 1.68 -1.94
N ILE G 131 43.80 1.45 -0.88
CA ILE G 131 45.25 1.48 -1.02
C ILE G 131 45.71 0.42 -2.02
N ASP G 132 45.16 -0.79 -1.91
CA ASP G 132 45.49 -1.83 -2.87
C ASP G 132 45.20 -1.37 -4.30
N TYR G 133 44.03 -0.81 -4.55
CA TYR G 133 43.71 -0.31 -5.89
C TYR G 133 44.74 0.71 -6.35
N LEU G 134 45.05 1.70 -5.50
CA LEU G 134 45.96 2.76 -5.90
C LEU G 134 47.37 2.24 -6.15
N GLU G 135 47.90 1.43 -5.22
CA GLU G 135 49.21 0.85 -5.47
C GLU G 135 49.22 0.07 -6.76
N THR G 136 48.12 -0.64 -7.05
CA THR G 136 48.08 -1.47 -8.24
C THR G 136 48.06 -0.61 -9.51
N GLN G 137 47.30 0.49 -9.51
CA GLN G 137 47.30 1.37 -10.68
C GLN G 137 48.69 1.96 -10.94
N LEU G 138 49.36 2.41 -9.88
CA LEU G 138 50.69 2.98 -10.06
C LEU G 138 51.66 1.92 -10.58
N GLY G 139 51.49 0.67 -10.13
CA GLY G 139 52.31 -0.41 -10.66
C GLY G 139 52.01 -0.70 -12.12
N LEU G 140 50.73 -0.63 -12.50
CA LEU G 140 50.36 -0.89 -13.89
C LEU G 140 50.95 0.18 -14.81
N ILE G 141 50.97 1.44 -14.36
CA ILE G 141 51.57 2.48 -15.20
C ILE G 141 53.00 2.11 -15.54
N GLN G 142 53.73 1.54 -14.58
CA GLN G 142 55.11 1.11 -14.83
C GLN G 142 55.17 -0.13 -15.74
N LYS G 143 54.23 -1.05 -15.62
CA LYS G 143 54.28 -2.29 -16.38
C LYS G 143 53.83 -2.11 -17.84
N VAL G 144 52.73 -1.38 -18.06
CA VAL G 144 52.21 -1.24 -19.41
C VAL G 144 52.60 0.09 -20.07
N GLY G 145 53.22 1.00 -19.34
CA GLY G 145 53.51 2.32 -19.87
C GLY G 145 52.34 3.27 -19.74
N LEU G 146 52.62 4.57 -19.57
CA LEU G 146 51.57 5.53 -19.28
C LEU G 146 50.57 5.64 -20.41
N GLU G 147 51.04 5.67 -21.66
CA GLU G 147 50.11 5.84 -22.78
C GLU G 147 49.15 4.66 -22.84
N ASN G 148 49.66 3.44 -22.64
CA ASN G 148 48.75 2.30 -22.63
C ASN G 148 47.83 2.36 -21.41
N TYR G 149 48.38 2.74 -20.26
CA TYR G 149 47.53 2.77 -19.06
C TYR G 149 46.38 3.74 -19.25
N LEU G 150 46.67 4.92 -19.81
CA LEU G 150 45.61 5.90 -20.02
C LEU G 150 44.64 5.43 -21.07
N GLN G 151 45.14 4.83 -22.16
CA GLN G 151 44.26 4.32 -23.20
C GLN G 151 43.25 3.33 -22.64
N SER G 152 43.71 2.45 -21.75
CA SER G 152 42.84 1.45 -21.14
C SER G 152 41.80 2.04 -20.20
N HIS G 153 41.89 3.33 -19.87
CA HIS G 153 40.91 3.95 -18.98
C HIS G 153 40.09 5.02 -19.69
N MET G 154 40.10 5.00 -21.03
CA MET G 154 39.28 5.96 -21.77
C MET G 154 37.80 5.61 -21.73
N HIS G 155 37.47 4.37 -22.03
CA HIS G 155 36.08 3.93 -22.13
C HIS G 155 35.72 3.09 -20.91
N GLU G 156 34.47 3.20 -20.49
CA GLU G 156 34.01 2.39 -19.36
C GLU G 156 33.79 0.93 -19.75
N MET H 1 -49.60 -6.52 -10.38
CA MET H 1 -50.07 -5.37 -9.55
C MET H 1 -50.97 -4.51 -10.41
N LYS H 2 -52.27 -4.44 -10.12
CA LYS H 2 -53.20 -3.75 -11.00
C LYS H 2 -52.82 -2.28 -11.16
N GLY H 3 -52.55 -1.87 -12.38
CA GLY H 3 -52.22 -0.49 -12.66
C GLY H 3 -53.43 0.36 -13.01
N ASP H 4 -53.21 1.69 -12.97
CA ASP H 4 -54.23 2.65 -13.41
C ASP H 4 -54.53 2.47 -14.90
N LYS H 5 -55.82 2.39 -15.23
CA LYS H 5 -56.20 2.10 -16.61
C LYS H 5 -55.68 3.17 -17.57
N LYS H 6 -55.80 4.44 -17.20
CA LYS H 6 -55.36 5.48 -18.11
C LYS H 6 -53.84 5.50 -18.21
N VAL H 7 -53.12 5.07 -17.18
CA VAL H 7 -51.67 4.92 -17.30
C VAL H 7 -51.34 3.87 -18.36
N ILE H 8 -52.03 2.73 -18.29
CA ILE H 8 -51.80 1.65 -19.26
C ILE H 8 -52.11 2.14 -20.68
N GLN H 9 -53.18 2.90 -20.83
CA GLN H 9 -53.49 3.48 -22.14
C GLN H 9 -52.36 4.35 -22.65
N HIS H 10 -51.80 5.21 -21.79
CA HIS H 10 -50.66 6.04 -22.17
C HIS H 10 -49.47 5.17 -22.55
N LEU H 11 -49.17 4.17 -21.72
CA LEU H 11 -48.05 3.28 -22.03
C LEU H 11 -48.24 2.62 -23.38
N ASN H 12 -49.46 2.18 -23.69
CA ASN H 12 -49.71 1.58 -24.98
C ASN H 12 -49.58 2.59 -26.12
N LYS H 13 -49.94 3.85 -25.88
CA LYS H 13 -49.74 4.85 -26.92
C LYS H 13 -48.26 5.08 -27.15
N ILE H 14 -47.48 5.13 -26.08
CA ILE H 14 -46.04 5.23 -26.22
C ILE H 14 -45.50 4.01 -26.96
N LEU H 15 -45.94 2.82 -26.56
CA LEU H 15 -45.49 1.61 -27.24
C LEU H 15 -45.84 1.66 -28.73
N GLY H 16 -47.02 2.20 -29.06
CA GLY H 16 -47.38 2.34 -30.46
C GLY H 16 -46.41 3.22 -31.24
N ASN H 17 -45.95 4.31 -30.62
CA ASN H 17 -44.96 5.15 -31.28
C ASN H 17 -43.64 4.42 -31.48
N GLU H 18 -43.19 3.68 -30.46
CA GLU H 18 -41.96 2.91 -30.57
C GLU H 18 -42.05 1.88 -31.70
N LEU H 19 -43.21 1.21 -31.83
CA LEU H 19 -43.37 0.21 -32.89
C LEU H 19 -43.29 0.84 -34.29
N ILE H 20 -43.89 2.02 -34.46
CA ILE H 20 -43.71 2.74 -35.71
C ILE H 20 -42.22 3.01 -35.95
N ALA H 21 -41.54 3.51 -34.92
CA ALA H 21 -40.13 3.89 -35.06
C ALA H 21 -39.25 2.69 -35.39
N ILE H 22 -39.47 1.55 -34.74
CA ILE H 22 -38.69 0.34 -35.06
C ILE H 22 -38.71 0.11 -36.56
N ASN H 23 -39.91 0.07 -37.14
CA ASN H 23 -40.02 -0.28 -38.56
C ASN H 23 -39.49 0.82 -39.45
N GLN H 24 -39.77 2.08 -39.08
CA GLN H 24 -39.34 3.22 -39.88
C GLN H 24 -37.82 3.30 -39.93
N TYR H 25 -37.18 3.15 -38.77
CA TYR H 25 -35.73 3.23 -38.72
C TYR H 25 -35.07 1.99 -39.34
N PHE H 26 -35.65 0.81 -39.14
CA PHE H 26 -35.08 -0.38 -39.75
C PHE H 26 -35.10 -0.28 -41.26
N LEU H 27 -36.23 0.17 -41.82
CA LEU H 27 -36.31 0.31 -43.26
C LEU H 27 -35.37 1.40 -43.78
N HIS H 28 -35.32 2.55 -43.12
CA HIS H 28 -34.35 3.59 -43.51
C HIS H 28 -32.92 3.05 -43.47
N SER H 29 -32.59 2.30 -42.42
CA SER H 29 -31.27 1.69 -42.34
C SER H 29 -30.98 0.86 -43.58
N ARG H 30 -31.90 -0.03 -43.94
CA ARG H 30 -31.65 -0.96 -45.05
C ARG H 30 -31.71 -0.25 -46.40
N MET H 31 -32.49 0.82 -46.51
CA MET H 31 -32.40 1.66 -47.69
C MET H 31 -31.03 2.31 -47.80
N TRP H 32 -30.53 2.89 -46.71
CA TRP H 32 -29.23 3.54 -46.76
C TRP H 32 -28.13 2.55 -47.10
N ASN H 33 -28.20 1.34 -46.55
CA ASN H 33 -27.21 0.33 -46.90
C ASN H 33 -27.28 -0.03 -48.38
N ASP H 34 -28.50 -0.20 -48.90
CA ASP H 34 -28.67 -0.53 -50.31
C ASP H 34 -28.05 0.55 -51.20
N TRP H 35 -28.09 1.79 -50.75
CA TRP H 35 -27.56 2.91 -51.53
C TRP H 35 -26.06 3.09 -51.34
N GLY H 36 -25.43 2.29 -50.51
CA GLY H 36 -24.00 2.45 -50.29
C GLY H 36 -23.65 3.47 -49.24
N LEU H 37 -24.62 3.97 -48.48
CA LEU H 37 -24.38 4.92 -47.41
C LEU H 37 -24.32 4.19 -46.08
N LYS H 38 -23.24 3.42 -45.91
CA LYS H 38 -23.20 2.40 -44.86
C LYS H 38 -23.08 3.01 -43.46
N ARG H 39 -22.50 4.20 -43.36
CA ARG H 39 -22.39 4.82 -42.04
C ARG H 39 -23.76 5.26 -41.53
N LEU H 40 -24.56 5.86 -42.41
CA LEU H 40 -25.95 6.14 -42.07
C LEU H 40 -26.71 4.85 -41.81
N GLY H 41 -26.46 3.82 -42.62
CA GLY H 41 -27.17 2.57 -42.43
C GLY H 41 -26.89 1.97 -41.07
N ALA H 42 -25.63 1.99 -40.65
CA ALA H 42 -25.30 1.42 -39.35
C ALA H 42 -25.90 2.23 -38.22
N HIS H 43 -25.80 3.56 -38.30
CA HIS H 43 -26.32 4.38 -37.22
C HIS H 43 -27.82 4.21 -37.08
N GLU H 44 -28.52 4.16 -38.21
CA GLU H 44 -29.98 4.04 -38.17
C GLU H 44 -30.41 2.64 -37.68
N TYR H 45 -29.64 1.60 -37.99
CA TYR H 45 -29.86 0.28 -37.39
C TYR H 45 -29.82 0.36 -35.86
N HIS H 46 -28.78 0.99 -35.31
CA HIS H 46 -28.70 1.14 -33.87
C HIS H 46 -29.86 1.97 -33.31
N GLU H 47 -30.36 2.96 -34.05
CA GLU H 47 -31.55 3.67 -33.56
C GLU H 47 -32.76 2.73 -33.50
N SER H 48 -32.88 1.84 -34.49
CA SER H 48 -33.97 0.88 -34.49
C SER H 48 -33.85 -0.08 -33.31
N ILE H 49 -32.65 -0.60 -33.07
CA ILE H 49 -32.44 -1.48 -31.94
C ILE H 49 -32.80 -0.78 -30.63
N ASP H 50 -32.43 0.50 -30.51
CA ASP H 50 -32.71 1.23 -29.28
C ASP H 50 -34.21 1.35 -29.06
N GLU H 51 -34.97 1.59 -30.13
CA GLU H 51 -36.42 1.59 -30.01
C GLU H 51 -36.94 0.20 -29.65
N MET H 52 -36.34 -0.86 -30.19
CA MET H 52 -36.77 -2.19 -29.79
C MET H 52 -36.59 -2.40 -28.28
N LYS H 53 -35.48 -1.93 -27.72
CA LYS H 53 -35.28 -2.07 -26.28
C LYS H 53 -36.31 -1.26 -25.50
N HIS H 54 -36.67 -0.08 -25.99
CA HIS H 54 -37.71 0.70 -25.30
C HIS H 54 -39.04 -0.04 -25.33
N ALA H 55 -39.42 -0.55 -26.51
CA ALA H 55 -40.66 -1.30 -26.61
C ALA H 55 -40.69 -2.48 -25.65
N ASP H 56 -39.57 -3.20 -25.53
CA ASP H 56 -39.47 -4.30 -24.60
C ASP H 56 -39.80 -3.86 -23.19
N LYS H 57 -39.14 -2.80 -22.72
CA LYS H 57 -39.41 -2.32 -21.36
C LYS H 57 -40.87 -1.91 -21.19
N LEU H 58 -41.46 -1.28 -22.21
CA LEU H 58 -42.86 -0.87 -22.10
C LEU H 58 -43.79 -2.08 -22.05
N ILE H 59 -43.54 -3.08 -22.91
CA ILE H 59 -44.30 -4.33 -22.86
C ILE H 59 -44.22 -4.96 -21.49
N GLU H 60 -43.01 -5.04 -20.93
CA GLU H 60 -42.83 -5.64 -19.62
C GLU H 60 -43.59 -4.89 -18.54
N ARG H 61 -43.53 -3.56 -18.57
CA ARG H 61 -44.25 -2.75 -17.57
C ARG H 61 -45.76 -2.97 -17.68
N ILE H 62 -46.28 -2.96 -18.91
CA ILE H 62 -47.72 -3.11 -19.12
C ILE H 62 -48.19 -4.44 -18.58
N LEU H 63 -47.40 -5.51 -18.84
CA LEU H 63 -47.80 -6.83 -18.35
C LEU H 63 -47.77 -6.87 -16.83
N PHE H 64 -46.75 -6.27 -16.22
CA PHE H 64 -46.67 -6.20 -14.76
C PHE H 64 -47.89 -5.49 -14.18
N LEU H 65 -48.32 -4.42 -14.82
CA LEU H 65 -49.51 -3.68 -14.39
C LEU H 65 -50.81 -4.36 -14.80
N GLU H 66 -50.70 -5.58 -15.33
CA GLU H 66 -51.84 -6.42 -15.70
C GLU H 66 -52.67 -5.81 -16.82
N GLY H 67 -52.02 -5.10 -17.73
CA GLY H 67 -52.67 -4.69 -18.96
C GLY H 67 -52.25 -5.57 -20.13
N LEU H 68 -52.85 -5.28 -21.27
CA LEU H 68 -52.54 -5.97 -22.52
C LEU H 68 -51.68 -5.07 -23.40
N PRO H 69 -50.43 -5.44 -23.69
CA PRO H 69 -49.62 -4.62 -24.61
C PRO H 69 -50.15 -4.73 -26.02
N ASN H 70 -50.31 -3.60 -26.68
CA ASN H 70 -50.88 -3.59 -28.03
C ASN H 70 -49.75 -3.62 -29.05
N LEU H 71 -49.49 -4.80 -29.62
CA LEU H 71 -48.57 -4.93 -30.75
C LEU H 71 -49.29 -5.13 -32.08
N GLN H 72 -50.62 -4.99 -32.12
CA GLN H 72 -51.41 -5.23 -33.32
C GLN H 72 -51.62 -3.96 -34.16
N ASP H 73 -51.83 -2.83 -33.50
CA ASP H 73 -52.19 -1.58 -34.17
C ASP H 73 -50.89 -0.86 -34.49
N LEU H 74 -50.57 -0.80 -35.76
CA LEU H 74 -49.38 -0.16 -36.25
C LEU H 74 -49.83 1.09 -36.97
N GLY H 75 -49.35 2.25 -36.51
CA GLY H 75 -49.67 3.51 -37.15
C GLY H 75 -48.84 3.76 -38.39
N LYS H 76 -48.99 4.98 -38.91
CA LYS H 76 -48.41 5.32 -40.21
C LYS H 76 -46.90 5.51 -40.12
N LEU H 77 -46.15 4.72 -40.91
CA LEU H 77 -44.72 4.90 -41.02
C LEU H 77 -44.44 6.12 -41.87
N LEU H 78 -43.44 6.89 -41.51
CA LEU H 78 -43.06 8.08 -42.27
C LEU H 78 -41.77 7.74 -43.00
N ILE H 79 -41.89 7.21 -44.22
CA ILE H 79 -40.74 6.71 -44.96
C ILE H 79 -40.33 7.78 -45.95
N GLY H 80 -39.08 8.18 -45.88
CA GLY H 80 -38.58 9.15 -46.84
C GLY H 80 -38.02 8.47 -48.06
N GLU H 81 -37.76 9.27 -49.08
CA GLU H 81 -37.29 8.75 -50.35
C GLU H 81 -35.92 9.28 -50.71
N ASN H 82 -35.32 10.11 -49.86
CA ASN H 82 -33.95 10.55 -49.99
C ASN H 82 -33.43 10.91 -48.61
N THR H 83 -32.11 11.04 -48.49
CA THR H 83 -31.47 11.16 -47.18
C THR H 83 -32.08 12.30 -46.36
N GLN H 84 -32.10 13.51 -46.93
CA GLN H 84 -32.61 14.62 -46.13
C GLN H 84 -34.03 14.37 -45.66
N GLU H 85 -34.87 13.81 -46.53
CA GLU H 85 -36.27 13.57 -46.19
C GLU H 85 -36.41 12.45 -45.16
N MET H 86 -35.57 11.42 -45.23
CA MET H 86 -35.64 10.35 -44.24
C MET H 86 -35.29 10.87 -42.85
N LEU H 87 -34.26 11.71 -42.76
CA LEU H 87 -33.89 12.31 -41.49
C LEU H 87 -35.01 13.20 -40.96
N GLN H 88 -35.66 13.95 -41.85
CA GLN H 88 -36.76 14.81 -41.41
C GLN H 88 -37.97 13.99 -40.98
N CYS H 89 -38.24 12.86 -41.66
CA CYS H 89 -39.33 11.98 -41.22
C CYS H 89 -39.04 11.39 -39.85
N ASP H 90 -37.80 10.98 -39.61
CA ASP H 90 -37.46 10.50 -38.28
C ASP H 90 -37.66 11.59 -37.25
N LEU H 91 -37.24 12.82 -37.57
CA LEU H 91 -37.38 13.93 -36.65
C LEU H 91 -38.85 14.23 -36.38
N ASN H 92 -39.68 14.26 -37.42
CA ASN H 92 -41.11 14.47 -37.22
C ASN H 92 -41.72 13.40 -36.32
N LEU H 93 -41.33 12.14 -36.51
CA LEU H 93 -41.83 11.07 -35.63
C LEU H 93 -41.38 11.29 -34.20
N GLU H 94 -40.11 11.70 -34.00
CA GLU H 94 -39.60 11.88 -32.64
C GLU H 94 -40.28 13.04 -31.93
N LEU H 95 -40.60 14.11 -32.66
CA LEU H 95 -41.29 15.22 -32.01
C LEU H 95 -42.69 14.81 -31.58
N LYS H 96 -43.38 14.00 -32.37
CA LYS H 96 -44.63 13.43 -31.90
C LYS H 96 -44.42 12.55 -30.68
N ALA H 97 -43.39 11.70 -30.71
CA ALA H 97 -43.15 10.79 -29.60
C ALA H 97 -42.89 11.53 -28.29
N THR H 98 -42.11 12.63 -28.34
CA THR H 98 -41.81 13.33 -27.09
C THR H 98 -43.03 14.10 -26.57
N LYS H 99 -43.88 14.63 -27.45
CA LYS H 99 -45.13 15.22 -26.97
C LYS H 99 -45.98 14.20 -26.22
N ASP H 100 -46.10 12.98 -26.77
CA ASP H 100 -46.87 11.94 -26.11
C ASP H 100 -46.21 11.49 -24.80
N LEU H 101 -44.89 11.45 -24.77
CA LEU H 101 -44.20 11.07 -23.53
C LEU H 101 -44.49 12.09 -22.43
N ARG H 102 -44.45 13.37 -22.76
CA ARG H 102 -44.72 14.41 -21.77
C ARG H 102 -46.14 14.30 -21.21
N GLU H 103 -47.14 14.12 -22.09
CA GLU H 103 -48.51 13.94 -21.61
C GLU H 103 -48.64 12.69 -20.76
N ALA H 104 -47.90 11.64 -21.09
CA ALA H 104 -47.98 10.42 -20.28
C ALA H 104 -47.38 10.66 -18.90
N ILE H 105 -46.24 11.36 -18.84
CA ILE H 105 -45.59 11.60 -17.56
C ILE H 105 -46.50 12.44 -16.66
N VAL H 106 -47.17 13.44 -17.24
CA VAL H 106 -48.13 14.24 -16.47
C VAL H 106 -49.12 13.35 -15.77
N HIS H 107 -49.71 12.41 -16.51
CA HIS H 107 -50.73 11.56 -15.90
C HIS H 107 -50.14 10.60 -14.87
N CYS H 108 -48.98 10.01 -15.16
CA CYS H 108 -48.37 9.13 -14.16
C CYS H 108 -48.14 9.88 -12.85
N GLU H 109 -47.69 11.13 -12.95
CA GLU H 109 -47.44 11.92 -11.75
C GLU H 109 -48.73 12.14 -10.97
N GLN H 110 -49.82 12.44 -11.68
CA GLN H 110 -51.09 12.72 -11.01
C GLN H 110 -51.64 11.52 -10.26
N VAL H 111 -51.46 10.29 -10.76
CA VAL H 111 -51.96 9.09 -10.09
C VAL H 111 -50.88 8.39 -9.29
N HIS H 112 -49.71 9.01 -9.14
CA HIS H 112 -48.65 8.56 -8.23
C HIS H 112 -47.98 7.29 -8.73
N ASP H 113 -47.98 7.07 -10.05
CA ASP H 113 -47.27 5.92 -10.61
C ASP H 113 -45.87 6.39 -10.93
N TYR H 114 -45.06 6.48 -9.87
CA TYR H 114 -43.76 7.13 -10.03
C TYR H 114 -42.77 6.25 -10.77
N VAL H 115 -42.95 4.92 -10.72
CA VAL H 115 -42.06 4.02 -11.45
C VAL H 115 -42.33 4.08 -12.95
N SER H 116 -43.60 4.11 -13.34
CA SER H 116 -43.88 4.34 -14.75
C SER H 116 -43.31 5.67 -15.22
N ARG H 117 -43.45 6.73 -14.39
CA ARG H 117 -42.90 8.02 -14.76
C ARG H 117 -41.41 7.91 -15.01
N ASP H 118 -40.70 7.21 -14.12
CA ASP H 118 -39.25 7.10 -14.25
C ASP H 118 -38.88 6.37 -15.54
N LEU H 119 -39.60 5.31 -15.89
CA LEU H 119 -39.36 4.63 -17.15
C LEU H 119 -39.61 5.56 -18.34
N LEU H 120 -40.69 6.34 -18.30
CA LEU H 120 -40.96 7.23 -19.43
C LEU H 120 -39.95 8.36 -19.50
N LYS H 121 -39.47 8.84 -18.35
CA LYS H 121 -38.44 9.86 -18.36
C LYS H 121 -37.16 9.32 -19.02
N ASP H 122 -36.79 8.08 -18.71
CA ASP H 122 -35.58 7.51 -19.32
C ASP H 122 -35.76 7.40 -20.84
N ILE H 123 -36.94 6.99 -21.27
CA ILE H 123 -37.18 6.91 -22.70
C ILE H 123 -37.13 8.32 -23.31
N LEU H 124 -37.75 9.28 -22.64
CA LEU H 124 -37.71 10.67 -23.12
C LEU H 124 -36.27 11.15 -23.31
N GLU H 125 -35.39 10.83 -22.36
CA GLU H 125 -33.98 11.21 -22.48
C GLU H 125 -33.38 10.61 -23.75
N SER H 126 -33.66 9.34 -24.02
CA SER H 126 -33.16 8.73 -25.24
CA SER H 126 -33.14 8.74 -25.25
C SER H 126 -33.72 9.43 -26.48
N GLU H 127 -35.01 9.73 -26.47
CA GLU H 127 -35.59 10.35 -27.65
C GLU H 127 -35.05 11.75 -27.86
N GLU H 128 -34.82 12.52 -26.78
CA GLU H 128 -34.21 13.84 -26.97
C GLU H 128 -32.80 13.71 -27.51
N GLU H 129 -32.06 12.68 -27.10
CA GLU H 129 -30.73 12.47 -27.69
C GLU H 129 -30.85 12.16 -29.19
N HIS H 130 -31.87 11.37 -29.56
CA HIS H 130 -32.11 11.12 -30.98
C HIS H 130 -32.47 12.39 -31.74
N ILE H 131 -33.37 13.22 -31.16
CA ILE H 131 -33.67 14.51 -31.77
C ILE H 131 -32.40 15.33 -31.98
N ASP H 132 -31.52 15.33 -30.98
CA ASP H 132 -30.26 16.06 -31.14
C ASP H 132 -29.46 15.56 -32.34
N TYR H 133 -29.32 14.24 -32.45
CA TYR H 133 -28.61 13.65 -33.57
C TYR H 133 -29.21 14.11 -34.90
N LEU H 134 -30.54 14.02 -35.02
CA LEU H 134 -31.22 14.34 -36.27
C LEU H 134 -31.11 15.81 -36.63
N GLU H 135 -31.41 16.71 -35.68
CA GLU H 135 -31.25 18.14 -35.95
C GLU H 135 -29.83 18.44 -36.38
N THR H 136 -28.84 17.83 -35.72
CA THR H 136 -27.45 18.03 -36.10
C THR H 136 -27.16 17.55 -37.53
N GLN H 137 -27.68 16.39 -37.92
CA GLN H 137 -27.42 15.90 -39.28
C GLN H 137 -28.02 16.84 -40.32
N LEU H 138 -29.24 17.30 -40.09
CA LEU H 138 -29.87 18.24 -41.01
C LEU H 138 -29.07 19.54 -41.08
N GLY H 139 -28.57 20.03 -39.94
CA GLY H 139 -27.70 21.20 -39.97
C GLY H 139 -26.40 20.97 -40.72
N LEU H 140 -25.79 19.78 -40.56
CA LEU H 140 -24.55 19.49 -41.27
C LEU H 140 -24.77 19.47 -42.78
N ILE H 141 -25.88 18.90 -43.23
CA ILE H 141 -26.19 18.95 -44.65
C ILE H 141 -26.11 20.39 -45.16
N GLN H 142 -26.68 21.33 -44.41
CA GLN H 142 -26.62 22.74 -44.84
C GLN H 142 -25.20 23.28 -44.77
N LYS H 143 -24.41 22.87 -43.78
CA LYS H 143 -23.07 23.46 -43.64
C LYS H 143 -22.05 22.90 -44.62
N VAL H 144 -22.02 21.57 -44.81
CA VAL H 144 -21.01 20.95 -45.65
C VAL H 144 -21.49 20.70 -47.06
N GLY H 145 -22.80 20.83 -47.33
CA GLY H 145 -23.36 20.52 -48.62
C GLY H 145 -23.79 19.06 -48.69
N LEU H 146 -24.85 18.81 -49.48
CA LEU H 146 -25.43 17.46 -49.48
C LEU H 146 -24.43 16.44 -50.03
N GLU H 147 -23.71 16.78 -51.09
CA GLU H 147 -22.78 15.81 -51.67
C GLU H 147 -21.69 15.41 -50.68
N ASN H 148 -21.13 16.40 -49.96
CA ASN H 148 -20.11 16.08 -48.96
C ASN H 148 -20.72 15.29 -47.81
N TYR H 149 -21.92 15.66 -47.38
CA TYR H 149 -22.53 14.96 -46.27
C TYR H 149 -22.74 13.50 -46.62
N LEU H 150 -23.21 13.21 -47.84
CA LEU H 150 -23.38 11.82 -48.25
C LEU H 150 -22.04 11.12 -48.34
N GLN H 151 -21.05 11.79 -48.93
CA GLN H 151 -19.71 11.21 -49.06
C GLN H 151 -19.16 10.77 -47.71
N SER H 152 -19.31 11.61 -46.70
CA SER H 152 -18.85 11.32 -45.35
C SER H 152 -19.61 10.19 -44.69
N HIS H 153 -20.71 9.69 -45.29
CA HIS H 153 -21.47 8.59 -44.69
C HIS H 153 -21.48 7.34 -45.56
N MET H 154 -20.56 7.25 -46.52
CA MET H 154 -20.45 6.08 -47.39
C MET H 154 -19.85 4.89 -46.65
N HIS H 155 -18.70 5.10 -46.01
CA HIS H 155 -17.97 4.05 -45.32
C HIS H 155 -18.20 4.15 -43.82
N GLU H 156 -18.18 3.01 -43.15
CA GLU H 156 -18.35 2.99 -41.70
C GLU H 156 -17.19 3.65 -40.95
N MET I 1 -27.84 19.51 7.31
CA MET I 1 -28.74 20.44 6.58
C MET I 1 -30.17 20.23 7.06
N LYS I 2 -30.82 21.24 7.64
CA LYS I 2 -32.08 21.01 8.34
C LYS I 2 -33.17 20.62 7.35
N GLY I 3 -33.75 19.43 7.55
CA GLY I 3 -34.81 18.99 6.68
C GLY I 3 -36.18 19.40 7.17
N ASP I 4 -37.16 19.18 6.30
CA ASP I 4 -38.56 19.42 6.63
C ASP I 4 -39.03 18.40 7.66
N LYS I 5 -39.73 18.87 8.69
CA LYS I 5 -40.09 17.98 9.78
C LYS I 5 -40.98 16.84 9.29
N LYS I 6 -41.93 17.14 8.41
CA LYS I 6 -42.83 16.10 7.92
C LYS I 6 -42.12 15.12 6.97
N VAL I 7 -41.17 15.62 6.16
CA VAL I 7 -40.34 14.70 5.36
C VAL I 7 -39.68 13.67 6.27
N ILE I 8 -39.04 14.15 7.35
CA ILE I 8 -38.33 13.23 8.24
C ILE I 8 -39.31 12.23 8.85
N GLN I 9 -40.53 12.69 9.18
CA GLN I 9 -41.53 11.77 9.73
C GLN I 9 -41.90 10.71 8.70
N HIS I 10 -42.09 11.12 7.45
CA HIS I 10 -42.34 10.17 6.37
C HIS I 10 -41.17 9.20 6.22
N LEU I 11 -39.94 9.72 6.23
CA LEU I 11 -38.80 8.82 6.08
C LEU I 11 -38.72 7.82 7.22
N ASN I 12 -39.12 8.24 8.43
CA ASN I 12 -39.10 7.33 9.55
C ASN I 12 -40.20 6.29 9.44
N LYS I 13 -41.32 6.65 8.84
CA LYS I 13 -42.37 5.67 8.59
C LYS I 13 -41.91 4.64 7.57
N ILE I 14 -41.29 5.10 6.48
CA ILE I 14 -40.70 4.18 5.51
C ILE I 14 -39.68 3.29 6.18
N LEU I 15 -38.79 3.90 6.98
CA LEU I 15 -37.80 3.12 7.73
C LEU I 15 -38.47 2.07 8.59
N GLY I 16 -39.57 2.44 9.26
CA GLY I 16 -40.26 1.48 10.09
C GLY I 16 -40.75 0.29 9.30
N ASN I 17 -41.25 0.53 8.09
CA ASN I 17 -41.69 -0.58 7.24
C ASN I 17 -40.52 -1.47 6.84
N GLU I 18 -39.38 -0.87 6.49
CA GLU I 18 -38.20 -1.66 6.14
C GLU I 18 -37.72 -2.52 7.30
N LEU I 19 -37.79 -2.00 8.54
CA LEU I 19 -37.35 -2.80 9.69
C LEU I 19 -38.25 -4.02 9.92
N ILE I 20 -39.56 -3.87 9.75
CA ILE I 20 -40.42 -5.05 9.78
C ILE I 20 -40.01 -6.02 8.69
N ALA I 21 -39.87 -5.53 7.46
CA ALA I 21 -39.56 -6.40 6.33
C ALA I 21 -38.25 -7.15 6.55
N ILE I 22 -37.23 -6.49 7.09
CA ILE I 22 -35.96 -7.17 7.34
C ILE I 22 -36.20 -8.43 8.16
N ASN I 23 -36.87 -8.27 9.29
CA ASN I 23 -37.04 -9.39 10.21
C ASN I 23 -37.99 -10.42 9.64
N GLN I 24 -39.08 -9.96 9.02
CA GLN I 24 -40.04 -10.90 8.45
C GLN I 24 -39.38 -11.74 7.35
N TYR I 25 -38.66 -11.08 6.45
CA TYR I 25 -38.01 -11.83 5.37
C TYR I 25 -36.89 -12.70 5.91
N PHE I 26 -36.16 -12.22 6.92
CA PHE I 26 -35.10 -13.06 7.45
C PHE I 26 -35.67 -14.31 8.10
N LEU I 27 -36.72 -14.16 8.91
CA LEU I 27 -37.30 -15.34 9.56
C LEU I 27 -37.87 -16.30 8.52
N HIS I 28 -38.61 -15.77 7.54
CA HIS I 28 -39.14 -16.63 6.47
C HIS I 28 -38.01 -17.39 5.77
N SER I 29 -36.91 -16.71 5.45
CA SER I 29 -35.76 -17.37 4.83
C SER I 29 -35.30 -18.56 5.66
N ARG I 30 -35.14 -18.37 6.97
CA ARG I 30 -34.59 -19.44 7.79
C ARG I 30 -35.61 -20.54 8.04
N MET I 31 -36.91 -20.20 7.99
CA MET I 31 -37.93 -21.23 8.05
C MET I 31 -37.86 -22.12 6.83
N TRP I 32 -37.80 -21.51 5.64
CA TRP I 32 -37.71 -22.29 4.41
C TRP I 32 -36.45 -23.15 4.40
N ASN I 33 -35.31 -22.60 4.83
CA ASN I 33 -34.10 -23.42 4.90
C ASN I 33 -34.30 -24.60 5.85
N ASP I 34 -34.89 -24.36 7.03
CA ASP I 34 -35.13 -25.44 7.99
C ASP I 34 -36.00 -26.53 7.36
N TRP I 35 -36.96 -26.14 6.51
CA TRP I 35 -37.83 -27.12 5.86
C TRP I 35 -37.20 -27.79 4.64
N GLY I 36 -35.98 -27.41 4.26
CA GLY I 36 -35.36 -27.99 3.08
C GLY I 36 -35.75 -27.34 1.78
N LEU I 37 -36.41 -26.19 1.83
CA LEU I 37 -36.77 -25.43 0.63
C LEU I 37 -35.70 -24.35 0.40
N LYS I 38 -34.51 -24.83 0.06
CA LYS I 38 -33.32 -23.98 0.06
C LYS I 38 -33.36 -22.91 -1.02
N ARG I 39 -34.04 -23.13 -2.13
CA ARG I 39 -34.09 -22.11 -3.16
C ARG I 39 -34.93 -20.91 -2.72
N LEU I 40 -36.06 -21.19 -2.06
CA LEU I 40 -36.84 -20.12 -1.45
C LEU I 40 -36.06 -19.46 -0.32
N GLY I 41 -35.38 -20.25 0.50
CA GLY I 41 -34.62 -19.66 1.58
C GLY I 41 -33.56 -18.70 1.10
N ALA I 42 -32.85 -19.06 0.02
CA ALA I 42 -31.79 -18.20 -0.51
C ALA I 42 -32.37 -16.92 -1.09
N HIS I 43 -33.44 -17.06 -1.87
CA HIS I 43 -34.04 -15.88 -2.47
C HIS I 43 -34.58 -14.93 -1.40
N GLU I 44 -35.24 -15.47 -0.37
CA GLU I 44 -35.80 -14.64 0.69
C GLU I 44 -34.70 -13.98 1.53
N TYR I 45 -33.56 -14.67 1.69
CA TYR I 45 -32.42 -14.05 2.32
C TYR I 45 -31.97 -12.82 1.54
N HIS I 46 -31.90 -12.93 0.21
CA HIS I 46 -31.48 -11.78 -0.58
C HIS I 46 -32.50 -10.66 -0.55
N GLU I 47 -33.79 -10.99 -0.42
CA GLU I 47 -34.80 -9.95 -0.17
C GLU I 47 -34.56 -9.23 1.17
N SER I 48 -34.19 -9.96 2.21
CA SER I 48 -33.94 -9.34 3.52
C SER I 48 -32.76 -8.38 3.44
N ILE I 49 -31.68 -8.83 2.81
CA ILE I 49 -30.48 -8.01 2.61
C ILE I 49 -30.82 -6.74 1.86
N ASP I 50 -31.64 -6.85 0.81
CA ASP I 50 -32.00 -5.66 0.04
CA ASP I 50 -32.03 -5.68 0.05
C ASP I 50 -32.75 -4.64 0.91
N GLU I 51 -33.60 -5.12 1.84
CA GLU I 51 -34.30 -4.21 2.74
C GLU I 51 -33.34 -3.59 3.77
N MET I 52 -32.36 -4.37 4.20
CA MET I 52 -31.30 -3.82 5.04
C MET I 52 -30.60 -2.66 4.35
N LYS I 53 -30.33 -2.81 3.06
CA LYS I 53 -29.66 -1.75 2.31
C LYS I 53 -30.53 -0.50 2.18
N HIS I 54 -31.84 -0.68 1.95
CA HIS I 54 -32.75 0.47 1.94
C HIS I 54 -32.79 1.16 3.31
N ALA I 55 -32.92 0.40 4.39
CA ALA I 55 -32.92 0.99 5.71
C ALA I 55 -31.66 1.81 5.96
N ASP I 56 -30.51 1.28 5.56
CA ASP I 56 -29.25 2.01 5.70
C ASP I 56 -29.33 3.37 5.02
N LYS I 57 -29.81 3.40 3.77
CA LYS I 57 -29.88 4.68 3.07
C LYS I 57 -30.88 5.63 3.73
N LEU I 58 -31.97 5.09 4.26
CA LEU I 58 -32.94 5.95 4.95
C LEU I 58 -32.34 6.55 6.20
N ILE I 59 -31.67 5.71 6.99
CA ILE I 59 -30.99 6.17 8.20
C ILE I 59 -30.01 7.29 7.87
N GLU I 60 -29.20 7.08 6.83
CA GLU I 60 -28.21 8.06 6.44
C GLU I 60 -28.85 9.36 6.01
N ARG I 61 -29.95 9.30 5.27
CA ARG I 61 -30.61 10.50 4.82
C ARG I 61 -31.22 11.26 5.99
N ILE I 62 -31.85 10.54 6.92
CA ILE I 62 -32.46 11.17 8.08
C ILE I 62 -31.40 11.90 8.91
N LEU I 63 -30.24 11.26 9.12
CA LEU I 63 -29.16 11.89 9.89
C LEU I 63 -28.64 13.13 9.19
N PHE I 64 -28.53 13.08 7.87
CA PHE I 64 -28.07 14.26 7.14
C PHE I 64 -29.07 15.40 7.30
N LEU I 65 -30.36 15.10 7.27
CA LEU I 65 -31.41 16.10 7.47
C LEU I 65 -31.61 16.47 8.94
N GLU I 66 -30.73 16.02 9.82
CA GLU I 66 -30.71 16.39 11.23
C GLU I 66 -31.94 15.89 11.98
N GLY I 67 -32.49 14.74 11.57
CA GLY I 67 -33.48 14.04 12.34
C GLY I 67 -32.91 12.84 13.09
N LEU I 68 -33.79 12.20 13.86
CA LEU I 68 -33.44 11.04 14.64
C LEU I 68 -34.03 9.80 13.96
N PRO I 69 -33.19 8.88 13.46
CA PRO I 69 -33.75 7.68 12.83
C PRO I 69 -34.34 6.77 13.89
N ASN I 70 -35.58 6.36 13.68
CA ASN I 70 -36.29 5.53 14.65
C ASN I 70 -36.00 4.06 14.35
N LEU I 71 -35.07 3.48 15.10
CA LEU I 71 -34.84 2.04 15.07
C LEU I 71 -35.48 1.32 16.26
N GLN I 72 -36.24 2.04 17.09
CA GLN I 72 -36.76 1.46 18.33
C GLN I 72 -38.14 0.84 18.18
N ASP I 73 -38.99 1.42 17.33
CA ASP I 73 -40.38 1.03 17.23
C ASP I 73 -40.55 0.02 16.09
N LEU I 74 -40.73 -1.23 16.44
CA LEU I 74 -40.89 -2.30 15.46
C LEU I 74 -42.37 -2.68 15.41
N GLY I 75 -43.00 -2.43 14.26
CA GLY I 75 -44.36 -2.85 14.06
C GLY I 75 -44.52 -4.37 13.87
N LYS I 76 -45.74 -4.75 13.55
CA LYS I 76 -46.15 -6.15 13.64
C LYS I 76 -45.57 -6.93 12.47
N LEU I 77 -44.86 -8.03 12.78
CA LEU I 77 -44.39 -8.91 11.73
C LEU I 77 -45.51 -9.85 11.28
N LEU I 78 -45.60 -10.09 9.97
CA LEU I 78 -46.60 -10.98 9.39
C LEU I 78 -45.88 -12.27 8.99
N ILE I 79 -45.96 -13.29 9.84
CA ILE I 79 -45.24 -14.53 9.65
C ILE I 79 -46.25 -15.59 9.23
N GLY I 80 -45.99 -16.23 8.08
CA GLY I 80 -46.88 -17.28 7.65
C GLY I 80 -46.56 -18.61 8.32
N GLU I 81 -47.49 -19.56 8.19
CA GLU I 81 -47.29 -20.91 8.70
C GLU I 81 -47.04 -21.95 7.63
N ASN I 82 -47.12 -21.58 6.36
CA ASN I 82 -46.74 -22.45 5.25
C ASN I 82 -46.32 -21.54 4.10
N THR I 83 -45.81 -22.14 3.03
CA THR I 83 -45.17 -21.36 1.96
C THR I 83 -46.12 -20.36 1.35
N GLN I 84 -47.35 -20.80 1.01
CA GLN I 84 -48.29 -19.87 0.38
C GLN I 84 -48.57 -18.68 1.27
N GLU I 85 -48.77 -18.92 2.57
CA GLU I 85 -49.07 -17.84 3.51
C GLU I 85 -47.88 -16.90 3.66
N MET I 86 -46.67 -17.46 3.72
CA MET I 86 -45.48 -16.63 3.87
C MET I 86 -45.34 -15.67 2.68
N LEU I 87 -45.52 -16.19 1.46
CA LEU I 87 -45.47 -15.35 0.28
C LEU I 87 -46.55 -14.26 0.33
N GLN I 88 -47.76 -14.63 0.76
CA GLN I 88 -48.85 -13.66 0.87
C GLN I 88 -48.57 -12.62 1.96
N CYS I 89 -47.98 -13.06 3.07
CA CYS I 89 -47.61 -12.13 4.12
C CYS I 89 -46.59 -11.10 3.61
N ASP I 90 -45.60 -11.58 2.86
CA ASP I 90 -44.63 -10.66 2.28
C ASP I 90 -45.34 -9.69 1.32
N LEU I 91 -46.27 -10.21 0.51
CA LEU I 91 -46.96 -9.37 -0.46
C LEU I 91 -47.81 -8.31 0.24
N ASN I 92 -48.53 -8.70 1.29
CA ASN I 92 -49.35 -7.72 2.01
C ASN I 92 -48.47 -6.63 2.61
N LEU I 93 -47.33 -6.99 3.19
CA LEU I 93 -46.40 -5.99 3.70
C LEU I 93 -45.94 -5.05 2.58
N GLU I 94 -45.54 -5.61 1.43
CA GLU I 94 -45.05 -4.78 0.33
C GLU I 94 -46.12 -3.81 -0.18
N LEU I 95 -47.37 -4.26 -0.21
CA LEU I 95 -48.42 -3.38 -0.72
C LEU I 95 -48.64 -2.21 0.24
N LYS I 96 -48.50 -2.45 1.54
CA LYS I 96 -48.53 -1.36 2.51
C LYS I 96 -47.32 -0.46 2.34
N ALA I 97 -46.14 -1.05 2.12
CA ALA I 97 -44.92 -0.26 1.96
C ALA I 97 -45.00 0.68 0.76
N THR I 98 -45.52 0.19 -0.37
CA THR I 98 -45.56 1.04 -1.56
C THR I 98 -46.59 2.15 -1.40
N LYS I 99 -47.70 1.88 -0.74
CA LYS I 99 -48.63 2.95 -0.44
C LYS I 99 -47.97 4.06 0.40
N ASP I 100 -47.19 3.69 1.42
CA ASP I 100 -46.56 4.72 2.24
C ASP I 100 -45.46 5.46 1.47
N LEU I 101 -44.78 4.75 0.57
CA LEU I 101 -43.77 5.40 -0.24
C LEU I 101 -44.39 6.46 -1.14
N ARG I 102 -45.51 6.12 -1.77
CA ARG I 102 -46.16 7.09 -2.63
C ARG I 102 -46.57 8.33 -1.86
N GLU I 103 -47.16 8.15 -0.67
CA GLU I 103 -47.55 9.29 0.14
C GLU I 103 -46.34 10.12 0.53
N ALA I 104 -45.22 9.47 0.83
CA ALA I 104 -44.01 10.20 1.20
C ALA I 104 -43.48 11.00 0.01
N ILE I 105 -43.51 10.42 -1.20
CA ILE I 105 -43.04 11.13 -2.38
C ILE I 105 -43.90 12.36 -2.65
N VAL I 106 -45.24 12.22 -2.55
CA VAL I 106 -46.11 13.39 -2.69
C VAL I 106 -45.62 14.53 -1.83
N HIS I 107 -45.33 14.25 -0.56
CA HIS I 107 -44.96 15.32 0.33
C HIS I 107 -43.57 15.88 -0.01
N CYS I 108 -42.59 15.01 -0.27
CA CYS I 108 -41.29 15.50 -0.71
C CYS I 108 -41.42 16.44 -1.90
N GLU I 109 -42.25 16.08 -2.88
CA GLU I 109 -42.43 16.95 -4.04
C GLU I 109 -43.01 18.30 -3.62
N GLN I 110 -43.99 18.30 -2.71
CA GLN I 110 -44.62 19.55 -2.27
C GLN I 110 -43.63 20.50 -1.59
N VAL I 111 -42.69 19.98 -0.82
CA VAL I 111 -41.75 20.84 -0.10
C VAL I 111 -40.41 20.96 -0.80
N HIS I 112 -40.30 20.46 -2.04
CA HIS I 112 -39.13 20.62 -2.91
C HIS I 112 -37.91 19.83 -2.43
N ASP I 113 -38.13 18.77 -1.66
CA ASP I 113 -37.05 17.87 -1.27
C ASP I 113 -36.88 16.81 -2.35
N TYR I 114 -36.28 17.25 -3.44
CA TYR I 114 -36.19 16.40 -4.62
C TYR I 114 -35.19 15.26 -4.42
N VAL I 115 -34.20 15.43 -3.55
CA VAL I 115 -33.25 14.35 -3.32
C VAL I 115 -33.88 13.25 -2.50
N SER I 116 -34.64 13.62 -1.46
CA SER I 116 -35.39 12.60 -0.72
C SER I 116 -36.38 11.89 -1.65
N ARG I 117 -37.00 12.62 -2.57
CA ARG I 117 -37.93 11.98 -3.47
C ARG I 117 -37.21 10.96 -4.34
N ASP I 118 -36.05 11.33 -4.87
CA ASP I 118 -35.29 10.43 -5.72
C ASP I 118 -34.93 9.15 -4.96
N LEU I 119 -34.54 9.26 -3.69
CA LEU I 119 -34.23 8.07 -2.92
C LEU I 119 -35.44 7.18 -2.76
N LEU I 120 -36.59 7.79 -2.45
CA LEU I 120 -37.80 7.01 -2.23
C LEU I 120 -38.27 6.35 -3.52
N LYS I 121 -38.11 7.03 -4.66
CA LYS I 121 -38.43 6.45 -5.95
C LYS I 121 -37.60 5.19 -6.21
N ASP I 122 -36.30 5.25 -5.92
CA ASP I 122 -35.44 4.09 -6.10
C ASP I 122 -35.90 2.94 -5.21
N ILE I 123 -36.19 3.22 -3.94
CA ILE I 123 -36.71 2.18 -3.05
C ILE I 123 -38.02 1.62 -3.61
N LEU I 124 -38.90 2.51 -4.09
CA LEU I 124 -40.17 2.05 -4.64
C LEU I 124 -39.96 1.15 -5.86
N GLU I 125 -38.97 1.48 -6.70
CA GLU I 125 -38.67 0.59 -7.82
C GLU I 125 -38.29 -0.81 -7.33
N SER I 126 -37.47 -0.87 -6.28
CA SER I 126 -37.10 -2.16 -5.71
CA SER I 126 -37.11 -2.18 -5.72
C SER I 126 -38.32 -2.89 -5.13
N GLU I 127 -39.20 -2.16 -4.44
CA GLU I 127 -40.34 -2.83 -3.83
C GLU I 127 -41.32 -3.35 -4.89
N GLU I 128 -41.51 -2.63 -6.01
CA GLU I 128 -42.37 -3.14 -7.07
C GLU I 128 -41.76 -4.38 -7.73
N GLU I 129 -40.43 -4.44 -7.86
CA GLU I 129 -39.82 -5.67 -8.34
C GLU I 129 -40.11 -6.82 -7.40
N HIS I 130 -40.08 -6.57 -6.08
CA HIS I 130 -40.36 -7.62 -5.12
C HIS I 130 -41.82 -8.06 -5.23
N ILE I 131 -42.74 -7.11 -5.40
CA ILE I 131 -44.13 -7.45 -5.68
C ILE I 131 -44.26 -8.33 -6.91
N ASP I 132 -43.54 -7.99 -7.99
CA ASP I 132 -43.57 -8.83 -9.18
C ASP I 132 -43.16 -10.26 -8.86
N TYR I 133 -42.05 -10.41 -8.14
CA TYR I 133 -41.60 -11.74 -7.73
C TYR I 133 -42.69 -12.48 -6.96
N LEU I 134 -43.27 -11.83 -5.95
CA LEU I 134 -44.22 -12.50 -5.07
C LEU I 134 -45.49 -12.89 -5.80
N GLU I 135 -46.04 -11.96 -6.59
CA GLU I 135 -47.23 -12.28 -7.37
C GLU I 135 -46.96 -13.43 -8.32
N THR I 136 -45.79 -13.43 -8.96
CA THR I 136 -45.44 -14.49 -9.90
C THR I 136 -45.37 -15.84 -9.19
N GLN I 137 -44.81 -15.89 -7.98
CA GLN I 137 -44.72 -17.16 -7.27
C GLN I 137 -46.10 -17.67 -6.89
N LEU I 138 -47.00 -16.77 -6.45
CA LEU I 138 -48.35 -17.20 -6.09
C LEU I 138 -49.09 -17.67 -7.32
N GLY I 139 -48.84 -17.05 -8.46
CA GLY I 139 -49.41 -17.52 -9.72
C GLY I 139 -48.86 -18.87 -10.13
N LEU I 140 -47.57 -19.11 -9.89
CA LEU I 140 -46.97 -20.41 -10.23
C LEU I 140 -47.52 -21.53 -9.36
N ILE I 141 -47.77 -21.26 -8.07
CA ILE I 141 -48.41 -22.28 -7.23
C ILE I 141 -49.70 -22.78 -7.87
N GLN I 142 -50.47 -21.88 -8.46
CA GLN I 142 -51.73 -22.27 -9.11
C GLN I 142 -51.47 -23.00 -10.42
N LYS I 143 -50.44 -22.59 -11.16
CA LYS I 143 -50.22 -23.15 -12.48
C LYS I 143 -49.57 -24.53 -12.44
N VAL I 144 -48.59 -24.74 -11.57
CA VAL I 144 -47.89 -26.03 -11.54
C VAL I 144 -48.34 -26.91 -10.39
N GLY I 145 -49.15 -26.40 -9.47
CA GLY I 145 -49.55 -27.12 -8.26
C GLY I 145 -48.55 -26.97 -7.14
N LEU I 146 -49.04 -27.03 -5.90
CA LEU I 146 -48.19 -26.75 -4.75
C LEU I 146 -47.04 -27.75 -4.65
N GLU I 147 -47.32 -29.04 -4.88
CA GLU I 147 -46.30 -30.07 -4.70
C GLU I 147 -45.14 -29.88 -5.67
N ASN I 148 -45.45 -29.63 -6.95
CA ASN I 148 -44.41 -29.27 -7.93
C ASN I 148 -43.73 -27.95 -7.56
N TYR I 149 -44.51 -26.96 -7.13
CA TYR I 149 -43.90 -25.68 -6.82
C TYR I 149 -42.85 -25.83 -5.72
N LEU I 150 -43.18 -26.57 -4.66
CA LEU I 150 -42.24 -26.78 -3.56
C LEU I 150 -41.07 -27.62 -4.01
N GLN I 151 -41.33 -28.63 -4.84
CA GLN I 151 -40.29 -29.49 -5.35
C GLN I 151 -39.23 -28.68 -6.09
N SER I 152 -39.67 -27.74 -6.93
CA SER I 152 -38.78 -26.86 -7.67
C SER I 152 -38.00 -25.88 -6.79
N HIS I 153 -38.32 -25.78 -5.50
CA HIS I 153 -37.58 -24.86 -4.64
C HIS I 153 -36.82 -25.58 -3.54
N MET I 154 -36.62 -26.90 -3.69
CA MET I 154 -35.83 -27.65 -2.70
C MET I 154 -34.35 -27.34 -2.81
N HIS I 155 -33.82 -27.37 -4.02
CA HIS I 155 -32.38 -27.27 -4.24
C HIS I 155 -32.06 -25.94 -4.90
N GLU I 156 -30.94 -25.33 -4.51
CA GLU I 156 -30.57 -24.04 -5.12
C GLU I 156 -30.18 -24.13 -6.60
N MET J 1 7.61 33.61 -0.44
CA MET J 1 8.80 34.44 -0.78
C MET J 1 8.28 35.74 -1.41
N LYS J 2 8.61 36.91 -0.87
CA LYS J 2 7.88 38.09 -1.32
C LYS J 2 8.33 38.48 -2.73
N GLY J 3 7.39 38.52 -3.66
CA GLY J 3 7.71 38.87 -5.02
C GLY J 3 7.62 40.36 -5.29
N ASP J 4 8.07 40.73 -6.48
CA ASP J 4 7.97 42.10 -6.97
C ASP J 4 6.50 42.42 -7.29
N LYS J 5 6.02 43.56 -6.77
CA LYS J 5 4.61 43.89 -6.94
C LYS J 5 4.21 43.98 -8.41
N LYS J 6 5.06 44.56 -9.26
CA LYS J 6 4.70 44.70 -10.66
C LYS J 6 4.76 43.36 -11.39
N VAL J 7 5.68 42.47 -11.01
CA VAL J 7 5.62 41.09 -11.54
C VAL J 7 4.27 40.47 -11.23
N ILE J 8 3.82 40.60 -9.97
CA ILE J 8 2.56 40.02 -9.58
C ILE J 8 1.41 40.65 -10.37
N GLN J 9 1.49 41.96 -10.62
CA GLN J 9 0.48 42.59 -11.47
C GLN J 9 0.51 41.99 -12.87
N HIS J 10 1.70 41.79 -13.43
CA HIS J 10 1.77 41.16 -14.76
C HIS J 10 1.20 39.75 -14.74
N LEU J 11 1.59 38.94 -13.74
CA LEU J 11 1.08 37.58 -13.66
C LEU J 11 -0.43 37.55 -13.57
N ASN J 12 -1.03 38.50 -12.82
CA ASN J 12 -2.48 38.57 -12.77
C ASN J 12 -3.08 39.02 -14.09
N LYS J 13 -2.36 39.84 -14.85
CA LYS J 13 -2.85 40.22 -16.18
C LYS J 13 -2.85 39.02 -17.10
N ILE J 14 -1.76 38.23 -17.07
CA ILE J 14 -1.71 37.00 -17.86
C ILE J 14 -2.81 36.04 -17.42
N LEU J 15 -2.97 35.85 -16.10
CA LEU J 15 -4.05 35.02 -15.59
C LEU J 15 -5.41 35.48 -16.11
N GLY J 16 -5.65 36.79 -16.10
CA GLY J 16 -6.91 37.29 -16.65
C GLY J 16 -7.13 36.93 -18.10
N ASN J 17 -6.07 36.95 -18.91
CA ASN J 17 -6.22 36.54 -20.31
C ASN J 17 -6.56 35.05 -20.41
N GLU J 18 -5.90 34.23 -19.59
CA GLU J 18 -6.17 32.80 -19.58
C GLU J 18 -7.60 32.51 -19.16
N LEU J 19 -8.14 33.26 -18.19
CA LEU J 19 -9.51 33.01 -17.73
C LEU J 19 -10.51 33.33 -18.84
N ILE J 20 -10.26 34.39 -19.63
CA ILE J 20 -11.08 34.64 -20.80
C ILE J 20 -10.98 33.47 -21.76
N ALA J 21 -9.75 33.03 -22.05
CA ALA J 21 -9.53 31.97 -23.03
C ALA J 21 -10.17 30.65 -22.59
N ILE J 22 -10.13 30.34 -21.28
CA ILE J 22 -10.77 29.11 -20.84
C ILE J 22 -12.23 29.08 -21.27
N ASN J 23 -12.97 30.15 -20.94
CA ASN J 23 -14.41 30.21 -21.20
C ASN J 23 -14.70 30.34 -22.69
N GLN J 24 -13.93 31.16 -23.39
CA GLN J 24 -14.16 31.31 -24.82
C GLN J 24 -13.93 30.00 -25.55
N TYR J 25 -12.83 29.31 -25.26
CA TYR J 25 -12.54 28.08 -25.96
C TYR J 25 -13.53 26.98 -25.55
N PHE J 26 -13.92 26.94 -24.28
CA PHE J 26 -14.90 25.95 -23.85
C PHE J 26 -16.24 26.14 -24.56
N LEU J 27 -16.71 27.38 -24.63
CA LEU J 27 -17.97 27.62 -25.33
C LEU J 27 -17.86 27.30 -26.82
N HIS J 28 -16.76 27.74 -27.47
CA HIS J 28 -16.57 27.39 -28.87
C HIS J 28 -16.55 25.88 -29.08
N SER J 29 -15.88 25.14 -28.17
CA SER J 29 -15.85 23.68 -28.28
C SER J 29 -17.27 23.11 -28.28
N ARG J 30 -18.09 23.58 -27.35
CA ARG J 30 -19.41 23.00 -27.17
C ARG J 30 -20.37 23.45 -28.27
N MET J 31 -20.17 24.65 -28.82
CA MET J 31 -20.88 25.05 -30.03
C MET J 31 -20.54 24.12 -31.19
N TRP J 32 -19.25 23.89 -31.43
CA TRP J 32 -18.86 22.99 -32.51
C TRP J 32 -19.41 21.59 -32.30
N ASN J 33 -19.41 21.10 -31.06
CA ASN J 33 -19.97 19.78 -30.80
C ASN J 33 -21.46 19.78 -31.09
N ASP J 34 -22.17 20.83 -30.64
CA ASP J 34 -23.60 20.93 -30.91
C ASP J 34 -23.89 20.91 -32.41
N TRP J 35 -23.01 21.51 -33.23
CA TRP J 35 -23.19 21.55 -34.68
C TRP J 35 -22.74 20.27 -35.38
N GLY J 36 -22.25 19.27 -34.66
CA GLY J 36 -21.77 18.05 -35.29
C GLY J 36 -20.36 18.13 -35.83
N LEU J 37 -19.63 19.19 -35.50
CA LEU J 37 -18.26 19.35 -35.95
C LEU J 37 -17.32 18.91 -34.84
N LYS J 38 -17.29 17.60 -34.62
CA LYS J 38 -16.76 17.03 -33.39
C LYS J 38 -15.25 17.03 -33.37
N ARG J 39 -14.60 17.06 -34.54
CA ARG J 39 -13.15 17.17 -34.55
C ARG J 39 -12.71 18.57 -34.08
N LEU J 40 -13.39 19.61 -34.56
CA LEU J 40 -13.13 20.95 -34.03
C LEU J 40 -13.50 21.04 -32.55
N GLY J 41 -14.65 20.45 -32.18
CA GLY J 41 -15.05 20.49 -30.78
C GLY J 41 -14.03 19.87 -29.85
N ALA J 42 -13.48 18.71 -30.23
CA ALA J 42 -12.52 18.06 -29.37
C ALA J 42 -11.21 18.82 -29.32
N HIS J 43 -10.77 19.35 -30.46
CA HIS J 43 -9.53 20.11 -30.45
C HIS J 43 -9.66 21.36 -29.59
N GLU J 44 -10.79 22.06 -29.70
CA GLU J 44 -11.00 23.28 -28.93
C GLU J 44 -11.14 22.97 -27.43
N TYR J 45 -11.72 21.82 -27.09
CA TYR J 45 -11.76 21.38 -25.70
C TYR J 45 -10.34 21.25 -25.14
N HIS J 46 -9.47 20.59 -25.88
CA HIS J 46 -8.09 20.45 -25.44
C HIS J 46 -7.40 21.80 -25.34
N GLU J 47 -7.76 22.78 -26.19
CA GLU J 47 -7.16 24.10 -26.06
C GLU J 47 -7.62 24.76 -24.77
N SER J 48 -8.90 24.59 -24.41
CA SER J 48 -9.41 25.12 -23.16
C SER J 48 -8.73 24.47 -21.95
N ILE J 49 -8.57 23.15 -22.00
CA ILE J 49 -7.89 22.44 -20.92
C ILE J 49 -6.45 22.94 -20.76
N ASP J 50 -5.75 23.17 -21.87
CA ASP J 50 -4.39 23.71 -21.78
CA ASP J 50 -4.39 23.70 -21.78
C ASP J 50 -4.38 25.06 -21.08
N GLU J 51 -5.35 25.93 -21.41
CA GLU J 51 -5.42 27.22 -20.76
C GLU J 51 -5.70 27.07 -19.28
N MET J 52 -6.51 26.07 -18.89
CA MET J 52 -6.76 25.82 -17.48
C MET J 52 -5.48 25.45 -16.75
N LYS J 53 -4.65 24.63 -17.40
CA LYS J 53 -3.39 24.24 -16.79
C LYS J 53 -2.45 25.44 -16.63
N HIS J 54 -2.41 26.33 -17.62
CA HIS J 54 -1.61 27.56 -17.49
C HIS J 54 -2.11 28.41 -16.34
N ALA J 55 -3.43 28.60 -16.25
CA ALA J 55 -4.00 29.39 -15.18
C ALA J 55 -3.59 28.82 -13.82
N ASP J 56 -3.64 27.48 -13.70
CA ASP J 56 -3.28 26.83 -12.45
C ASP J 56 -1.85 27.20 -12.06
N LYS J 57 -0.91 27.09 -13.01
CA LYS J 57 0.48 27.41 -12.68
C LYS J 57 0.66 28.88 -12.33
N LEU J 58 -0.10 29.77 -12.97
CA LEU J 58 0.02 31.18 -12.64
C LEU J 58 -0.52 31.45 -11.24
N ILE J 59 -1.66 30.86 -10.92
CA ILE J 59 -2.22 30.99 -9.58
C ILE J 59 -1.22 30.49 -8.54
N GLU J 60 -0.60 29.33 -8.79
CA GLU J 60 0.36 28.80 -7.84
C GLU J 60 1.55 29.73 -7.66
N ARG J 61 2.06 30.29 -8.78
CA ARG J 61 3.20 31.21 -8.72
C ARG J 61 2.86 32.47 -7.95
N ILE J 62 1.68 33.06 -8.20
CA ILE J 62 1.28 34.28 -7.52
C ILE J 62 1.20 34.04 -6.01
N LEU J 63 0.64 32.90 -5.59
CA LEU J 63 0.52 32.62 -4.17
C LEU J 63 1.89 32.41 -3.53
N PHE J 64 2.80 31.72 -4.23
CA PHE J 64 4.16 31.55 -3.73
C PHE J 64 4.84 32.92 -3.51
N LEU J 65 4.61 33.86 -4.43
CA LEU J 65 5.15 35.22 -4.37
C LEU J 65 4.36 36.11 -3.41
N GLU J 66 3.41 35.53 -2.67
CA GLU J 66 2.65 36.21 -1.65
C GLU J 66 1.75 37.30 -2.22
N GLY J 67 1.24 37.08 -3.43
CA GLY J 67 0.23 37.95 -3.99
C GLY J 67 -1.14 37.29 -3.93
N LEU J 68 -2.14 38.05 -4.38
CA LEU J 68 -3.53 37.59 -4.41
C LEU J 68 -3.93 37.29 -5.84
N PRO J 69 -4.20 36.03 -6.22
CA PRO J 69 -4.59 35.74 -7.61
C PRO J 69 -5.98 36.28 -7.89
N ASN J 70 -6.14 36.97 -9.02
CA ASN J 70 -7.42 37.62 -9.34
C ASN J 70 -8.22 36.68 -10.23
N LEU J 71 -9.18 35.95 -9.63
CA LEU J 71 -10.11 35.15 -10.42
C LEU J 71 -11.48 35.78 -10.53
N GLN J 72 -11.64 37.02 -10.05
CA GLN J 72 -12.92 37.72 -10.03
C GLN J 72 -13.20 38.50 -11.31
N ASP J 73 -12.19 39.13 -11.87
CA ASP J 73 -12.40 40.05 -12.99
C ASP J 73 -12.25 39.23 -14.26
N LEU J 74 -13.34 39.14 -15.01
CA LEU J 74 -13.36 38.41 -16.27
C LEU J 74 -13.57 39.43 -17.38
N GLY J 75 -12.61 39.51 -18.30
CA GLY J 75 -12.71 40.37 -19.47
C GLY J 75 -13.68 39.84 -20.52
N LYS J 76 -13.70 40.54 -21.65
CA LYS J 76 -14.69 40.29 -22.70
C LYS J 76 -14.38 39.02 -23.49
N LEU J 77 -15.33 38.08 -23.48
CA LEU J 77 -15.28 36.92 -24.37
C LEU J 77 -15.55 37.34 -25.81
N LEU J 78 -14.78 36.80 -26.75
CA LEU J 78 -14.95 37.02 -28.19
C LEU J 78 -15.57 35.74 -28.75
N ILE J 79 -16.88 35.72 -28.90
CA ILE J 79 -17.59 34.53 -29.32
C ILE J 79 -18.00 34.73 -30.77
N GLY J 80 -17.59 33.79 -31.65
CA GLY J 80 -17.99 33.89 -33.04
C GLY J 80 -19.38 33.31 -33.28
N GLU J 81 -19.91 33.58 -34.47
CA GLU J 81 -21.22 33.09 -34.88
C GLU J 81 -21.12 31.99 -35.93
N ASN J 82 -19.95 31.80 -36.53
CA ASN J 82 -19.71 30.68 -37.41
C ASN J 82 -18.25 30.28 -37.27
N THR J 83 -17.90 29.18 -37.93
CA THR J 83 -16.59 28.57 -37.72
C THR J 83 -15.47 29.54 -38.04
N GLN J 84 -15.56 30.25 -39.16
CA GLN J 84 -14.48 31.15 -39.53
C GLN J 84 -14.34 32.26 -38.48
N GLU J 85 -15.46 32.80 -38.01
CA GLU J 85 -15.39 33.88 -37.03
C GLU J 85 -14.86 33.37 -35.70
N MET J 86 -15.27 32.17 -35.30
CA MET J 86 -14.78 31.61 -34.04
C MET J 86 -13.28 31.45 -34.06
N LEU J 87 -12.74 30.85 -35.13
CA LEU J 87 -11.29 30.75 -35.29
C LEU J 87 -10.62 32.11 -35.24
N GLN J 88 -11.19 33.10 -35.93
CA GLN J 88 -10.56 34.43 -35.91
C GLN J 88 -10.63 35.08 -34.52
N CYS J 89 -11.73 34.90 -33.79
CA CYS J 89 -11.82 35.39 -32.42
C CYS J 89 -10.76 34.73 -31.52
N ASP J 90 -10.56 33.41 -31.67
CA ASP J 90 -9.49 32.77 -30.91
C ASP J 90 -8.13 33.36 -31.27
N LEU J 91 -7.90 33.60 -32.56
CA LEU J 91 -6.63 34.16 -32.99
C LEU J 91 -6.43 35.57 -32.45
N ASN J 92 -7.47 36.40 -32.48
CA ASN J 92 -7.36 37.75 -31.93
C ASN J 92 -7.03 37.69 -30.43
N LEU J 93 -7.68 36.78 -29.72
CA LEU J 93 -7.38 36.65 -28.29
C LEU J 93 -5.94 36.22 -28.04
N GLU J 94 -5.46 35.24 -28.81
CA GLU J 94 -4.10 34.72 -28.63
C GLU J 94 -3.05 35.78 -28.91
N LEU J 95 -3.29 36.63 -29.91
CA LEU J 95 -2.33 37.67 -30.25
C LEU J 95 -2.25 38.73 -29.16
N LYS J 96 -3.37 39.08 -28.54
CA LYS J 96 -3.33 39.92 -27.34
C LYS J 96 -2.59 39.21 -26.21
N ALA J 97 -2.83 37.90 -26.05
CA ALA J 97 -2.17 37.15 -24.97
C ALA J 97 -0.65 37.13 -25.14
N THR J 98 -0.16 36.91 -26.35
CA THR J 98 1.29 36.81 -26.53
C THR J 98 1.94 38.17 -26.36
N LYS J 99 1.25 39.25 -26.75
CA LYS J 99 1.76 40.59 -26.49
C LYS J 99 1.98 40.82 -25.00
N ASP J 100 0.98 40.47 -24.19
CA ASP J 100 1.10 40.63 -22.76
C ASP J 100 2.17 39.73 -22.17
N LEU J 101 2.29 38.50 -22.68
CA LEU J 101 3.34 37.61 -22.20
C LEU J 101 4.71 38.21 -22.42
N ARG J 102 4.94 38.81 -23.59
CA ARG J 102 6.24 39.39 -23.89
C ARG J 102 6.54 40.57 -22.97
N GLU J 103 5.53 41.41 -22.71
CA GLU J 103 5.73 42.56 -21.83
C GLU J 103 6.01 42.10 -20.40
N ALA J 104 5.35 41.02 -19.98
CA ALA J 104 5.59 40.44 -18.67
C ALA J 104 7.01 39.87 -18.57
N ILE J 105 7.48 39.22 -19.63
CA ILE J 105 8.82 38.65 -19.60
C ILE J 105 9.86 39.74 -19.47
N VAL J 106 9.67 40.86 -20.17
CA VAL J 106 10.62 41.95 -20.06
C VAL J 106 10.75 42.39 -18.60
N HIS J 107 9.61 42.57 -17.94
CA HIS J 107 9.67 43.06 -16.57
C HIS J 107 10.29 42.03 -15.62
N CYS J 108 9.94 40.73 -15.78
CA CYS J 108 10.59 39.70 -14.97
C CYS J 108 12.10 39.77 -15.11
N GLU J 109 12.58 39.95 -16.34
CA GLU J 109 14.02 39.98 -16.57
C GLU J 109 14.65 41.17 -15.89
N GLN J 110 13.99 42.33 -15.98
CA GLN J 110 14.52 43.56 -15.39
C GLN J 110 14.69 43.44 -13.86
N VAL J 111 13.74 42.77 -13.18
CA VAL J 111 13.84 42.64 -11.73
C VAL J 111 14.42 41.29 -11.31
N HIS J 112 14.97 40.55 -12.25
CA HIS J 112 15.70 39.31 -11.97
C HIS J 112 14.81 38.19 -11.45
N ASP J 113 13.50 38.19 -11.75
CA ASP J 113 12.64 37.05 -11.41
C ASP J 113 12.69 36.05 -12.57
N TYR J 114 13.80 35.31 -12.61
CA TYR J 114 14.08 34.43 -13.71
C TYR J 114 13.17 33.21 -13.71
N VAL J 115 12.66 32.80 -12.54
CA VAL J 115 11.76 31.64 -12.52
C VAL J 115 10.40 32.02 -13.08
N SER J 116 9.87 33.19 -12.71
CA SER J 116 8.64 33.66 -13.34
C SER J 116 8.81 33.81 -14.86
N ARG J 117 9.94 34.33 -15.31
CA ARG J 117 10.20 34.42 -16.75
C ARG J 117 10.12 33.04 -17.41
N ASP J 118 10.77 32.03 -16.83
CA ASP J 118 10.76 30.69 -17.42
C ASP J 118 9.35 30.14 -17.55
N LEU J 119 8.53 30.33 -16.51
CA LEU J 119 7.13 29.92 -16.55
C LEU J 119 6.37 30.64 -17.67
N LEU J 120 6.55 31.95 -17.79
CA LEU J 120 5.89 32.69 -18.87
C LEU J 120 6.42 32.28 -20.25
N LYS J 121 7.71 31.95 -20.35
CA LYS J 121 8.22 31.49 -21.63
C LYS J 121 7.56 30.17 -22.04
N ASP J 122 7.41 29.23 -21.10
CA ASP J 122 6.74 27.97 -21.42
C ASP J 122 5.30 28.20 -21.86
N ILE J 123 4.59 29.12 -21.20
CA ILE J 123 3.23 29.45 -21.61
C ILE J 123 3.24 30.07 -23.00
N LEU J 124 4.20 30.96 -23.26
CA LEU J 124 4.27 31.58 -24.58
C LEU J 124 4.52 30.54 -25.66
N GLU J 125 5.34 29.53 -25.38
CA GLU J 125 5.53 28.46 -26.36
C GLU J 125 4.22 27.77 -26.67
N SER J 126 3.39 27.53 -25.65
CA SER J 126 2.08 26.91 -25.88
CA SER J 126 2.09 26.91 -25.90
C SER J 126 1.17 27.83 -26.67
N GLU J 127 1.19 29.13 -26.36
CA GLU J 127 0.31 30.05 -27.09
C GLU J 127 0.75 30.19 -28.55
N GLU J 128 2.06 30.18 -28.84
CA GLU J 128 2.50 30.24 -30.23
C GLU J 128 2.11 28.98 -30.98
N GLU J 129 2.09 27.83 -30.30
CA GLU J 129 1.58 26.61 -30.96
C GLU J 129 0.10 26.76 -31.28
N HIS J 130 -0.65 27.39 -30.38
CA HIS J 130 -2.07 27.60 -30.66
C HIS J 130 -2.25 28.55 -31.85
N ILE J 131 -1.46 29.63 -31.91
CA ILE J 131 -1.51 30.55 -33.04
C ILE J 131 -1.19 29.82 -34.34
N ASP J 132 -0.16 28.96 -34.34
CA ASP J 132 0.12 28.15 -35.52
C ASP J 132 -1.11 27.34 -35.96
N TYR J 133 -1.74 26.63 -35.01
CA TYR J 133 -2.93 25.86 -35.32
C TYR J 133 -4.00 26.74 -35.94
N LEU J 134 -4.28 27.89 -35.31
CA LEU J 134 -5.37 28.75 -35.77
C LEU J 134 -5.07 29.34 -37.14
N GLU J 135 -3.87 29.90 -37.32
CA GLU J 135 -3.51 30.43 -38.62
C GLU J 135 -3.59 29.34 -39.68
N THR J 136 -3.21 28.12 -39.32
CA THR J 136 -3.26 27.03 -40.29
C THR J 136 -4.68 26.66 -40.66
N GLN J 137 -5.59 26.61 -39.69
CA GLN J 137 -6.99 26.32 -40.01
C GLN J 137 -7.58 27.37 -40.95
N LEU J 138 -7.30 28.65 -40.68
CA LEU J 138 -7.84 29.71 -41.53
C LEU J 138 -7.31 29.60 -42.94
N GLY J 139 -6.02 29.24 -43.08
CA GLY J 139 -5.46 29.02 -44.40
C GLY J 139 -6.06 27.81 -45.09
N LEU J 140 -6.35 26.75 -44.33
CA LEU J 140 -6.93 25.56 -44.94
C LEU J 140 -8.31 25.87 -45.49
N ILE J 141 -9.08 26.71 -44.80
CA ILE J 141 -10.39 27.10 -45.31
C ILE J 141 -10.24 27.71 -46.70
N GLN J 142 -9.18 28.50 -46.92
CA GLN J 142 -8.98 29.11 -48.24
C GLN J 142 -8.49 28.08 -49.24
N LYS J 143 -7.71 27.09 -48.82
CA LYS J 143 -7.15 26.12 -49.76
C LYS J 143 -8.15 25.05 -50.17
N VAL J 144 -8.94 24.51 -49.24
CA VAL J 144 -9.83 23.40 -49.57
C VAL J 144 -11.28 23.84 -49.72
N GLY J 145 -11.58 25.09 -49.40
CA GLY J 145 -12.96 25.55 -49.36
C GLY J 145 -13.63 25.24 -48.03
N LEU J 146 -14.60 26.10 -47.68
CA LEU J 146 -15.23 26.00 -46.36
C LEU J 146 -16.01 24.71 -46.22
N GLU J 147 -16.76 24.29 -47.24
CA GLU J 147 -17.54 23.06 -47.12
C GLU J 147 -16.64 21.84 -46.88
N ASN J 148 -15.57 21.69 -47.66
CA ASN J 148 -14.62 20.61 -47.40
C ASN J 148 -14.00 20.74 -46.02
N TYR J 149 -13.60 21.94 -45.63
CA TYR J 149 -12.98 22.15 -44.33
C TYR J 149 -13.90 21.67 -43.21
N LEU J 150 -15.17 22.07 -43.26
CA LEU J 150 -16.11 21.62 -42.25
C LEU J 150 -16.33 20.11 -42.34
N GLN J 151 -16.45 19.57 -43.56
CA GLN J 151 -16.59 18.13 -43.74
C GLN J 151 -15.48 17.39 -43.02
N SER J 152 -14.24 17.86 -43.19
CA SER J 152 -13.08 17.22 -42.58
C SER J 152 -13.05 17.35 -41.06
N HIS J 153 -13.95 18.12 -40.45
CA HIS J 153 -13.95 18.25 -38.99
C HIS J 153 -15.25 17.78 -38.37
N MET J 154 -16.02 16.98 -39.10
CA MET J 154 -17.23 16.40 -38.54
C MET J 154 -16.88 15.26 -37.58
N HIS J 155 -16.04 14.34 -38.01
CA HIS J 155 -15.77 13.11 -37.28
C HIS J 155 -14.43 13.20 -36.57
N GLU J 156 -14.36 12.61 -35.39
CA GLU J 156 -13.20 12.77 -34.52
C GLU J 156 -12.03 11.89 -34.93
N MET K 1 -35.86 -31.63 15.83
CA MET K 1 -35.49 -32.37 17.07
C MET K 1 -35.99 -31.56 18.24
N LYS K 2 -36.89 -32.11 19.06
CA LYS K 2 -37.57 -31.27 20.06
C LYS K 2 -36.59 -30.85 21.15
N GLY K 3 -36.44 -29.53 21.31
CA GLY K 3 -35.52 -29.02 22.30
C GLY K 3 -36.20 -28.82 23.65
N ASP K 4 -35.37 -28.62 24.66
CA ASP K 4 -35.84 -28.24 25.98
C ASP K 4 -36.51 -26.87 25.96
N LYS K 5 -37.71 -26.77 26.55
CA LYS K 5 -38.47 -25.54 26.48
C LYS K 5 -37.68 -24.37 27.06
N LYS K 6 -37.00 -24.60 28.18
CA LYS K 6 -36.29 -23.50 28.82
C LYS K 6 -35.00 -23.15 28.08
N VAL K 7 -34.32 -24.14 27.47
CA VAL K 7 -33.25 -23.81 26.52
C VAL K 7 -33.77 -22.83 25.48
N ILE K 8 -34.92 -23.14 24.89
CA ILE K 8 -35.42 -22.30 23.82
C ILE K 8 -35.72 -20.88 24.33
N GLN K 9 -36.26 -20.78 25.54
CA GLN K 9 -36.49 -19.47 26.12
C GLN K 9 -35.18 -18.71 26.29
N HIS K 10 -34.14 -19.39 26.76
CA HIS K 10 -32.85 -18.73 26.91
C HIS K 10 -32.32 -18.29 25.56
N LEU K 11 -32.39 -19.16 24.54
CA LEU K 11 -31.93 -18.78 23.21
C LEU K 11 -32.70 -17.59 22.67
N ASN K 12 -34.01 -17.52 22.92
CA ASN K 12 -34.75 -16.34 22.50
C ASN K 12 -34.37 -15.10 23.30
N LYS K 13 -33.94 -15.27 24.56
CA LYS K 13 -33.52 -14.10 25.31
C LYS K 13 -32.18 -13.57 24.75
N ILE K 14 -31.26 -14.49 24.47
CA ILE K 14 -30.01 -14.10 23.83
C ILE K 14 -30.28 -13.44 22.48
N LEU K 15 -31.17 -14.03 21.69
CA LEU K 15 -31.53 -13.42 20.41
C LEU K 15 -32.07 -12.01 20.57
N GLY K 16 -32.96 -11.79 21.54
CA GLY K 16 -33.44 -10.43 21.79
C GLY K 16 -32.33 -9.45 22.10
N ASN K 17 -31.32 -9.87 22.88
CA ASN K 17 -30.16 -9.01 23.12
C ASN K 17 -29.42 -8.71 21.83
N GLU K 18 -29.20 -9.73 20.99
CA GLU K 18 -28.53 -9.51 19.70
C GLU K 18 -29.31 -8.53 18.84
N LEU K 19 -30.65 -8.63 18.85
CA LEU K 19 -31.46 -7.74 18.01
C LEU K 19 -31.33 -6.29 18.47
N ILE K 20 -31.27 -6.06 19.78
CA ILE K 20 -30.99 -4.71 20.28
C ILE K 20 -29.63 -4.25 19.79
N ALA K 21 -28.63 -5.10 19.94
CA ALA K 21 -27.26 -4.71 19.59
C ALA K 21 -27.13 -4.40 18.10
N ILE K 22 -27.76 -5.20 17.24
CA ILE K 22 -27.74 -4.92 15.80
C ILE K 22 -28.16 -3.48 15.54
N ASN K 23 -29.31 -3.07 16.07
CA ASN K 23 -29.83 -1.75 15.78
C ASN K 23 -29.02 -0.66 16.46
N GLN K 24 -28.65 -0.87 17.71
CA GLN K 24 -27.88 0.12 18.45
C GLN K 24 -26.54 0.39 17.74
N TYR K 25 -25.85 -0.70 17.37
CA TYR K 25 -24.55 -0.53 16.73
C TYR K 25 -24.69 0.04 15.34
N PHE K 26 -25.73 -0.35 14.60
CA PHE K 26 -25.88 0.20 13.25
C PHE K 26 -26.13 1.70 13.33
N LEU K 27 -27.00 2.14 14.24
CA LEU K 27 -27.27 3.56 14.39
C LEU K 27 -26.03 4.30 14.85
N HIS K 28 -25.31 3.75 15.84
CA HIS K 28 -24.07 4.42 16.27
C HIS K 28 -23.09 4.54 15.11
N SER K 29 -22.97 3.49 14.29
CA SER K 29 -22.10 3.53 13.13
C SER K 29 -22.43 4.69 12.23
N ARG K 30 -23.72 4.84 11.91
CA ARG K 30 -24.14 5.85 10.94
C ARG K 30 -24.07 7.25 11.54
N MET K 31 -24.26 7.37 12.85
CA MET K 31 -24.04 8.66 13.50
C MET K 31 -22.58 9.07 13.38
N TRP K 32 -21.66 8.15 13.67
CA TRP K 32 -20.24 8.44 13.57
C TRP K 32 -19.84 8.81 12.16
N ASN K 33 -20.38 8.09 11.16
CA ASN K 33 -20.11 8.48 9.77
C ASN K 33 -20.63 9.86 9.48
N ASP K 34 -21.83 10.17 9.94
CA ASP K 34 -22.41 11.48 9.70
C ASP K 34 -21.55 12.59 10.29
N TRP K 35 -20.92 12.31 11.43
CA TRP K 35 -20.03 13.27 12.10
C TRP K 35 -18.63 13.31 11.49
N GLY K 36 -18.34 12.46 10.52
CA GLY K 36 -17.03 12.43 9.94
C GLY K 36 -16.03 11.61 10.69
N LEU K 37 -16.48 10.77 11.61
CA LEU K 37 -15.59 9.88 12.34
C LEU K 37 -15.66 8.48 11.72
N LYS K 38 -15.13 8.40 10.49
CA LYS K 38 -15.42 7.27 9.62
C LYS K 38 -14.73 6.01 10.09
N ARG K 39 -13.63 6.13 10.81
CA ARG K 39 -12.99 4.91 11.27
C ARG K 39 -13.83 4.26 12.37
N LEU K 40 -14.39 5.06 13.27
CA LEU K 40 -15.33 4.54 14.26
C LEU K 40 -16.57 4.01 13.56
N GLY K 41 -17.04 4.73 12.55
CA GLY K 41 -18.23 4.28 11.85
C GLY K 41 -18.03 2.93 11.19
N ALA K 42 -16.86 2.72 10.57
CA ALA K 42 -16.59 1.44 9.91
C ALA K 42 -16.47 0.31 10.93
N HIS K 43 -15.75 0.58 12.03
CA HIS K 43 -15.59 -0.45 13.04
C HIS K 43 -16.93 -0.84 13.64
N GLU K 44 -17.78 0.16 13.92
CA GLU K 44 -19.07 -0.11 14.55
C GLU K 44 -20.02 -0.81 13.59
N TYR K 45 -19.92 -0.49 12.29
CA TYR K 45 -20.64 -1.23 11.28
C TYR K 45 -20.27 -2.71 11.34
N HIS K 46 -18.97 -3.01 11.47
CA HIS K 46 -18.57 -4.42 11.52
C HIS K 46 -19.07 -5.10 12.80
N GLU K 47 -19.13 -4.38 13.92
CA GLU K 47 -19.73 -4.95 15.12
C GLU K 47 -21.20 -5.30 14.90
N SER K 48 -21.93 -4.40 14.22
CA SER K 48 -23.34 -4.68 13.93
C SER K 48 -23.49 -5.95 13.08
N ILE K 49 -22.66 -6.07 12.04
CA ILE K 49 -22.69 -7.26 11.18
C ILE K 49 -22.40 -8.51 11.99
N ASP K 50 -21.42 -8.44 12.90
CA ASP K 50 -21.11 -9.60 13.73
CA ASP K 50 -21.11 -9.60 13.73
C ASP K 50 -22.33 -10.03 14.54
N GLU K 51 -23.09 -9.07 15.08
CA GLU K 51 -24.30 -9.40 15.83
C GLU K 51 -25.36 -9.98 14.90
N MET K 52 -25.44 -9.46 13.68
CA MET K 52 -26.33 -10.04 12.69
C MET K 52 -26.02 -11.52 12.46
N LYS K 53 -24.73 -11.87 12.39
CA LYS K 53 -24.35 -13.27 12.19
C LYS K 53 -24.72 -14.13 13.40
N HIS K 54 -24.53 -13.62 14.63
CA HIS K 54 -24.95 -14.38 15.82
C HIS K 54 -26.46 -14.59 15.83
N ALA K 55 -27.22 -13.54 15.52
CA ALA K 55 -28.66 -13.65 15.47
C ALA K 55 -29.08 -14.75 14.49
N ASP K 56 -28.47 -14.76 13.31
CA ASP K 56 -28.74 -15.80 12.34
C ASP K 56 -28.55 -17.18 12.94
N LYS K 57 -27.42 -17.40 13.60
CA LYS K 57 -27.14 -18.72 14.14
C LYS K 57 -28.16 -19.10 15.21
N LEU K 58 -28.57 -18.13 16.03
CA LEU K 58 -29.54 -18.43 17.08
C LEU K 58 -30.88 -18.77 16.48
N ILE K 59 -31.31 -18.00 15.49
CA ILE K 59 -32.56 -18.29 14.79
C ILE K 59 -32.54 -19.71 14.21
N GLU K 60 -31.44 -20.06 13.55
CA GLU K 60 -31.33 -21.38 12.96
C GLU K 60 -31.42 -22.47 14.02
N ARG K 61 -30.77 -22.25 15.17
CA ARG K 61 -30.78 -23.25 16.22
C ARG K 61 -32.17 -23.40 16.82
N ILE K 62 -32.85 -22.29 17.07
CA ILE K 62 -34.20 -22.34 17.64
C ILE K 62 -35.15 -23.11 16.71
N LEU K 63 -35.09 -22.85 15.41
CA LEU K 63 -35.94 -23.56 14.45
C LEU K 63 -35.63 -25.05 14.43
N PHE K 64 -34.35 -25.42 14.43
CA PHE K 64 -34.00 -26.84 14.50
C PHE K 64 -34.56 -27.50 15.75
N LEU K 65 -34.60 -26.77 16.86
CA LEU K 65 -35.13 -27.29 18.11
C LEU K 65 -36.65 -27.19 18.20
N GLU K 66 -37.30 -26.81 17.10
CA GLU K 66 -38.75 -26.77 16.97
C GLU K 66 -39.37 -25.66 17.82
N GLY K 67 -38.62 -24.60 18.09
CA GLY K 67 -39.16 -23.42 18.72
C GLY K 67 -39.48 -22.32 17.72
N LEU K 68 -40.06 -21.24 18.25
CA LEU K 68 -40.38 -20.08 17.45
C LEU K 68 -39.40 -18.95 17.76
N PRO K 69 -38.53 -18.55 16.83
CA PRO K 69 -37.63 -17.42 17.08
C PRO K 69 -38.41 -16.12 17.20
N ASN K 70 -38.15 -15.38 18.27
CA ASN K 70 -38.86 -14.11 18.54
C ASN K 70 -38.06 -12.96 17.94
N LEU K 71 -38.46 -12.50 16.77
CA LEU K 71 -37.91 -11.27 16.19
C LEU K 71 -38.86 -10.10 16.34
N GLN K 72 -39.92 -10.26 17.15
CA GLN K 72 -40.94 -9.24 17.25
C GLN K 72 -40.68 -8.30 18.41
N ASP K 73 -40.13 -8.81 19.49
CA ASP K 73 -39.98 -8.02 20.71
C ASP K 73 -38.58 -7.39 20.66
N LEU K 74 -38.55 -6.08 20.58
CA LEU K 74 -37.30 -5.34 20.57
C LEU K 74 -37.20 -4.55 21.86
N GLY K 75 -36.20 -4.85 22.68
CA GLY K 75 -35.93 -4.11 23.90
C GLY K 75 -35.30 -2.74 23.65
N LYS K 76 -34.90 -2.12 24.76
CA LYS K 76 -34.54 -0.71 24.76
C LYS K 76 -33.14 -0.52 24.15
N LEU K 77 -33.05 0.28 23.12
CA LEU K 77 -31.75 0.69 22.60
C LEU K 77 -31.10 1.74 23.50
N LEU K 78 -29.79 1.59 23.75
CA LEU K 78 -29.00 2.55 24.52
C LEU K 78 -28.20 3.39 23.53
N ILE K 79 -28.71 4.57 23.19
CA ILE K 79 -28.11 5.43 22.18
C ILE K 79 -27.43 6.59 22.89
N GLY K 80 -26.15 6.77 22.66
CA GLY K 80 -25.47 7.91 23.27
C GLY K 80 -25.64 9.20 22.47
N GLU K 81 -25.22 10.31 23.08
CA GLU K 81 -25.22 11.62 22.42
C GLU K 81 -23.83 12.12 22.04
N ASN K 82 -22.79 11.39 22.42
CA ASN K 82 -21.45 11.73 21.95
C ASN K 82 -20.63 10.45 21.95
N THR K 83 -19.40 10.54 21.42
CA THR K 83 -18.59 9.32 21.25
C THR K 83 -18.42 8.57 22.56
N GLN K 84 -18.10 9.30 23.63
CA GLN K 84 -17.82 8.62 24.90
C GLN K 84 -19.06 7.88 25.41
N GLU K 85 -20.23 8.50 25.30
CA GLU K 85 -21.49 7.86 25.71
C GLU K 85 -21.86 6.69 24.82
N MET K 86 -21.63 6.81 23.51
CA MET K 86 -21.98 5.72 22.60
C MET K 86 -21.17 4.48 22.94
N LEU K 87 -19.86 4.65 23.17
CA LEU K 87 -19.02 3.54 23.58
C LEU K 87 -19.48 2.96 24.92
N GLN K 88 -19.83 3.81 25.88
CA GLN K 88 -20.25 3.27 27.17
C GLN K 88 -21.60 2.57 27.06
N CYS K 89 -22.50 3.08 26.21
CA CYS K 89 -23.79 2.42 25.97
C CYS K 89 -23.60 1.05 25.37
N ASP K 90 -22.67 0.93 24.40
CA ASP K 90 -22.34 -0.38 23.85
C ASP K 90 -21.77 -1.30 24.93
N LEU K 91 -20.89 -0.77 25.79
CA LEU K 91 -20.30 -1.62 26.82
C LEU K 91 -21.35 -2.06 27.84
N ASN K 92 -22.26 -1.16 28.21
CA ASN K 92 -23.34 -1.55 29.12
C ASN K 92 -24.18 -2.66 28.51
N LEU K 93 -24.52 -2.55 27.22
CA LEU K 93 -25.30 -3.59 26.59
C LEU K 93 -24.55 -4.92 26.54
N GLU K 94 -23.25 -4.87 26.21
CA GLU K 94 -22.44 -6.08 26.16
C GLU K 94 -22.37 -6.76 27.52
N LEU K 95 -22.35 -5.98 28.60
CA LEU K 95 -22.20 -6.62 29.89
C LEU K 95 -23.50 -7.30 30.33
N LYS K 96 -24.65 -6.76 29.94
CA LYS K 96 -25.89 -7.50 30.14
C LYS K 96 -25.92 -8.76 29.27
N ALA K 97 -25.43 -8.65 28.02
CA ALA K 97 -25.46 -9.79 27.11
C ALA K 97 -24.63 -10.94 27.64
N THR K 98 -23.49 -10.65 28.24
CA THR K 98 -22.64 -11.75 28.68
C THR K 98 -23.20 -12.36 29.96
N LYS K 99 -23.82 -11.54 30.81
CA LYS K 99 -24.52 -12.13 31.96
C LYS K 99 -25.57 -13.12 31.49
N ASP K 100 -26.37 -12.72 30.51
CA ASP K 100 -27.43 -13.58 30.02
C ASP K 100 -26.88 -14.82 29.33
N LEU K 101 -25.72 -14.68 28.65
CA LEU K 101 -25.10 -15.83 27.99
C LEU K 101 -24.63 -16.84 29.02
N ARG K 102 -24.03 -16.36 30.11
CA ARG K 102 -23.57 -17.25 31.16
C ARG K 102 -24.73 -18.03 31.76
N GLU K 103 -25.84 -17.34 32.05
CA GLU K 103 -27.00 -18.04 32.63
C GLU K 103 -27.59 -19.06 31.65
N ALA K 104 -27.56 -18.76 30.34
CA ALA K 104 -28.05 -19.71 29.35
C ALA K 104 -27.14 -20.92 29.28
N ILE K 105 -25.83 -20.71 29.36
CA ILE K 105 -24.91 -21.84 29.28
C ILE K 105 -25.10 -22.77 30.48
N VAL K 106 -25.29 -22.19 31.67
CA VAL K 106 -25.57 -23.01 32.86
C VAL K 106 -26.74 -23.95 32.59
N HIS K 107 -27.82 -23.41 32.02
CA HIS K 107 -28.99 -24.26 31.84
C HIS K 107 -28.77 -25.31 30.74
N CYS K 108 -28.13 -24.91 29.62
CA CYS K 108 -27.78 -25.88 28.59
C CYS K 108 -27.01 -27.04 29.17
N GLU K 109 -26.01 -26.74 30.00
CA GLU K 109 -25.22 -27.81 30.63
C GLU K 109 -26.10 -28.72 31.49
N GLN K 110 -27.02 -28.13 32.25
CA GLN K 110 -27.84 -28.94 33.17
C GLN K 110 -28.73 -29.91 32.41
N VAL K 111 -29.26 -29.52 31.26
CA VAL K 111 -30.12 -30.41 30.49
C VAL K 111 -29.37 -31.15 29.38
N HIS K 112 -28.03 -31.07 29.35
CA HIS K 112 -27.21 -31.82 28.41
C HIS K 112 -27.39 -31.38 26.96
N ASP K 113 -27.79 -30.12 26.73
CA ASP K 113 -27.83 -29.57 25.36
C ASP K 113 -26.46 -28.98 25.07
N TYR K 114 -25.51 -29.88 24.86
CA TYR K 114 -24.12 -29.49 24.70
C TYR K 114 -23.88 -28.74 23.38
N VAL K 115 -24.69 -28.99 22.34
CA VAL K 115 -24.48 -28.23 21.09
C VAL K 115 -24.99 -26.79 21.23
N SER K 116 -26.12 -26.58 21.91
CA SER K 116 -26.52 -25.20 22.19
C SER K 116 -25.48 -24.50 23.05
N ARG K 117 -24.93 -25.20 24.05
CA ARG K 117 -23.89 -24.60 24.88
C ARG K 117 -22.70 -24.14 24.05
N ASP K 118 -22.26 -24.98 23.10
CA ASP K 118 -21.08 -24.67 22.28
C ASP K 118 -21.32 -23.44 21.42
N LEU K 119 -22.54 -23.31 20.87
CA LEU K 119 -22.91 -22.11 20.12
C LEU K 119 -22.86 -20.86 21.00
N LEU K 120 -23.42 -20.96 22.22
CA LEU K 120 -23.44 -19.82 23.13
C LEU K 120 -22.05 -19.44 23.58
N LYS K 121 -21.19 -20.45 23.79
CA LYS K 121 -19.82 -20.20 24.18
C LYS K 121 -19.08 -19.43 23.07
N ASP K 122 -19.29 -19.83 21.81
CA ASP K 122 -18.66 -19.09 20.70
C ASP K 122 -19.16 -17.64 20.66
N ILE K 123 -20.46 -17.43 20.87
CA ILE K 123 -20.98 -16.07 20.86
C ILE K 123 -20.38 -15.27 22.03
N LEU K 124 -20.30 -15.91 23.20
CA LEU K 124 -19.68 -15.30 24.37
C LEU K 124 -18.24 -14.90 24.10
N GLU K 125 -17.49 -15.73 23.37
CA GLU K 125 -16.12 -15.34 23.02
C GLU K 125 -16.11 -14.07 22.17
N SER K 126 -17.02 -13.98 21.20
CA SER K 126 -17.13 -12.78 20.38
CA SER K 126 -17.13 -12.78 20.38
C SER K 126 -17.52 -11.58 21.22
N GLU K 127 -18.47 -11.75 22.16
CA GLU K 127 -18.88 -10.62 22.98
C GLU K 127 -17.75 -10.19 23.91
N GLU K 128 -16.97 -11.11 24.46
CA GLU K 128 -15.84 -10.67 25.29
C GLU K 128 -14.79 -9.93 24.45
N GLU K 129 -14.62 -10.31 23.18
CA GLU K 129 -13.74 -9.56 22.30
C GLU K 129 -14.27 -8.14 22.08
N HIS K 130 -15.59 -8.01 21.91
CA HIS K 130 -16.18 -6.68 21.81
C HIS K 130 -15.97 -5.86 23.08
N ILE K 131 -16.12 -6.47 24.26
CA ILE K 131 -15.90 -5.77 25.52
C ILE K 131 -14.45 -5.29 25.61
N ASP K 132 -13.52 -6.15 25.20
CA ASP K 132 -12.11 -5.76 25.18
C ASP K 132 -11.90 -4.53 24.29
N TYR K 133 -12.47 -4.55 23.08
CA TYR K 133 -12.34 -3.40 22.19
C TYR K 133 -12.92 -2.14 22.85
N LEU K 134 -14.10 -2.27 23.47
CA LEU K 134 -14.78 -1.12 24.03
C LEU K 134 -14.02 -0.55 25.23
N GLU K 135 -13.59 -1.42 26.15
CA GLU K 135 -12.80 -0.99 27.29
C GLU K 135 -11.51 -0.32 26.84
N THR K 136 -10.89 -0.87 25.80
CA THR K 136 -9.67 -0.28 25.26
C THR K 136 -9.91 1.12 24.69
N GLN K 137 -11.03 1.30 23.97
CA GLN K 137 -11.31 2.62 23.42
C GLN K 137 -11.50 3.64 24.53
N LEU K 138 -12.25 3.25 25.57
CA LEU K 138 -12.46 4.18 26.68
C LEU K 138 -11.14 4.48 27.37
N GLY K 139 -10.25 3.49 27.45
CA GLY K 139 -8.93 3.75 28.01
C GLY K 139 -8.07 4.66 27.14
N LEU K 140 -8.18 4.50 25.81
CA LEU K 140 -7.41 5.36 24.91
C LEU K 140 -7.88 6.80 24.98
N ILE K 141 -9.20 7.02 25.10
CA ILE K 141 -9.70 8.38 25.28
C ILE K 141 -9.01 9.06 26.45
N GLN K 142 -8.76 8.32 27.54
CA GLN K 142 -8.01 8.87 28.66
C GLN K 142 -6.53 9.08 28.32
N LYS K 143 -5.89 8.10 27.70
CA LYS K 143 -4.45 8.17 27.52
C LYS K 143 -4.04 9.16 26.42
N VAL K 144 -4.79 9.29 25.33
CA VAL K 144 -4.38 10.23 24.27
C VAL K 144 -5.19 11.52 24.32
N GLY K 145 -6.22 11.60 25.15
CA GLY K 145 -7.10 12.75 25.20
C GLY K 145 -8.20 12.64 24.17
N LEU K 146 -9.31 13.31 24.46
CA LEU K 146 -10.49 13.13 23.61
C LEU K 146 -10.26 13.70 22.23
N GLU K 147 -9.62 14.88 22.13
CA GLU K 147 -9.42 15.48 20.81
C GLU K 147 -8.55 14.60 19.91
N ASN K 148 -7.45 14.08 20.45
CA ASN K 148 -6.62 13.17 19.67
C ASN K 148 -7.38 11.90 19.33
N TYR K 149 -8.14 11.37 20.28
CA TYR K 149 -8.84 10.12 20.03
C TYR K 149 -9.81 10.29 18.88
N LEU K 150 -10.53 11.40 18.86
CA LEU K 150 -11.46 11.63 17.77
C LEU K 150 -10.70 11.86 16.47
N GLN K 151 -9.63 12.64 16.55
CA GLN K 151 -8.80 12.91 15.37
C GLN K 151 -8.34 11.60 14.72
N SER K 152 -7.88 10.65 15.55
CA SER K 152 -7.39 9.37 15.04
C SER K 152 -8.50 8.50 14.47
N HIS K 153 -9.76 8.90 14.57
CA HIS K 153 -10.85 8.09 14.02
C HIS K 153 -11.62 8.82 12.94
N MET K 154 -11.06 9.91 12.41
CA MET K 154 -11.71 10.62 11.32
C MET K 154 -11.60 9.85 10.01
N HIS K 155 -10.41 9.35 9.70
CA HIS K 155 -10.11 8.81 8.39
C HIS K 155 -9.99 7.30 8.46
N GLU K 156 -10.59 6.61 7.51
CA GLU K 156 -10.38 5.17 7.39
C GLU K 156 -8.96 4.88 6.88
N MET L 1 51.21 -2.61 0.10
CA MET L 1 51.29 -1.91 1.43
C MET L 1 52.18 -2.77 2.34
N LYS L 2 53.31 -2.26 2.83
CA LYS L 2 54.30 -3.15 3.43
C LYS L 2 53.82 -3.60 4.81
N GLY L 3 53.68 -4.91 4.99
CA GLY L 3 53.22 -5.43 6.26
C GLY L 3 54.35 -5.66 7.26
N ASP L 4 53.93 -5.86 8.51
CA ASP L 4 54.84 -6.28 9.57
C ASP L 4 55.41 -7.66 9.25
N LYS L 5 56.74 -7.77 9.40
CA LYS L 5 57.43 -9.01 9.02
C LYS L 5 56.90 -10.20 9.78
N LYS L 6 56.73 -10.06 11.10
CA LYS L 6 56.26 -11.18 11.90
C LYS L 6 54.78 -11.50 11.64
N VAL L 7 53.96 -10.49 11.35
CA VAL L 7 52.59 -10.79 10.89
C VAL L 7 52.63 -11.72 9.68
N ILE L 8 53.46 -11.41 8.69
CA ILE L 8 53.54 -12.22 7.46
C ILE L 8 54.04 -13.61 7.78
N GLN L 9 55.01 -13.73 8.68
CA GLN L 9 55.44 -15.05 9.14
C GLN L 9 54.28 -15.81 9.78
N HIS L 10 53.50 -15.14 10.62
CA HIS L 10 52.32 -15.81 11.19
C HIS L 10 51.33 -16.21 10.11
N LEU L 11 51.06 -15.33 9.14
CA LEU L 11 50.12 -15.68 8.07
C LEU L 11 50.62 -16.89 7.28
N ASN L 12 51.93 -16.95 7.00
CA ASN L 12 52.46 -18.12 6.30
C ASN L 12 52.36 -19.38 7.15
N LYS L 13 52.46 -19.26 8.47
CA LYS L 13 52.27 -20.46 9.31
C LYS L 13 50.83 -20.94 9.26
N ILE L 14 49.87 -20.03 9.33
CA ILE L 14 48.47 -20.41 9.19
C ILE L 14 48.24 -21.03 7.82
N LEU L 15 48.75 -20.39 6.74
CA LEU L 15 48.62 -20.97 5.41
C LEU L 15 49.21 -22.39 5.35
N GLY L 16 50.38 -22.60 5.95
CA GLY L 16 50.93 -23.94 6.05
C GLY L 16 49.97 -24.95 6.65
N ASN L 17 49.28 -24.58 7.74
CA ASN L 17 48.29 -25.46 8.34
C ASN L 17 47.15 -25.73 7.39
N GLU L 18 46.69 -24.71 6.66
CA GLU L 18 45.57 -24.88 5.74
C GLU L 18 45.94 -25.84 4.61
N LEU L 19 47.18 -25.77 4.13
CA LEU L 19 47.63 -26.61 3.03
C LEU L 19 47.68 -28.08 3.46
N ILE L 20 48.07 -28.34 4.70
CA ILE L 20 47.98 -29.69 5.25
C ILE L 20 46.53 -30.13 5.28
N ALA L 21 45.65 -29.28 5.81
CA ALA L 21 44.25 -29.65 5.97
C ALA L 21 43.60 -29.94 4.63
N ILE L 22 43.86 -29.11 3.61
CA ILE L 22 43.32 -29.34 2.26
C ILE L 22 43.60 -30.77 1.83
N ASN L 23 44.87 -31.18 1.88
CA ASN L 23 45.25 -32.50 1.38
C ASN L 23 44.73 -33.61 2.28
N GLN L 24 44.83 -33.40 3.59
CA GLN L 24 44.36 -34.41 4.55
C GLN L 24 42.86 -34.65 4.38
N TYR L 25 42.08 -33.58 4.31
CA TYR L 25 40.65 -33.73 4.17
C TYR L 25 40.29 -34.28 2.79
N PHE L 26 40.99 -33.85 1.75
CA PHE L 26 40.64 -34.37 0.42
C PHE L 26 40.91 -35.86 0.34
N LEU L 27 42.04 -36.33 0.87
CA LEU L 27 42.29 -37.77 0.86
C LEU L 27 41.27 -38.53 1.73
N HIS L 28 40.98 -38.05 2.95
CA HIS L 28 39.97 -38.71 3.75
C HIS L 28 38.64 -38.79 3.02
N SER L 29 38.27 -37.72 2.32
CA SER L 29 37.04 -37.71 1.53
C SER L 29 37.03 -38.85 0.52
N ARG L 30 38.11 -38.98 -0.22
CA ARG L 30 38.14 -39.96 -1.29
C ARG L 30 38.28 -41.36 -0.73
N MET L 31 38.92 -41.52 0.43
CA MET L 31 38.92 -42.81 1.09
C MET L 31 37.50 -43.22 1.48
N TRP L 32 36.77 -42.31 2.11
CA TRP L 32 35.40 -42.63 2.52
C TRP L 32 34.52 -42.95 1.31
N ASN L 33 34.67 -42.21 0.20
CA ASN L 33 33.95 -42.54 -1.01
C ASN L 33 34.32 -43.91 -1.53
N ASP L 34 35.62 -44.23 -1.53
CA ASP L 34 36.06 -45.55 -1.96
C ASP L 34 35.43 -46.66 -1.12
N TRP L 35 35.22 -46.40 0.17
CA TRP L 35 34.65 -47.39 1.08
C TRP L 35 33.13 -47.45 1.05
N GLY L 36 32.50 -46.57 0.28
CA GLY L 36 31.06 -46.58 0.19
C GLY L 36 30.38 -45.76 1.27
N LEU L 37 31.14 -44.95 1.99
CA LEU L 37 30.59 -44.07 3.03
C LEU L 37 30.43 -42.66 2.45
N LYS L 38 29.49 -42.54 1.51
CA LYS L 38 29.49 -41.37 0.66
C LYS L 38 29.01 -40.11 1.37
N ARG L 39 28.25 -40.24 2.46
CA ARG L 39 27.85 -39.05 3.19
C ARG L 39 29.03 -38.42 3.91
N LEU L 40 29.91 -39.25 4.49
CA LEU L 40 31.16 -38.74 5.04
C LEU L 40 32.05 -38.18 3.95
N GLY L 41 32.10 -38.89 2.81
CA GLY L 41 32.94 -38.43 1.72
C GLY L 41 32.55 -37.06 1.24
N ALA L 42 31.25 -36.81 1.12
CA ALA L 42 30.77 -35.52 0.63
C ALA L 42 31.02 -34.44 1.64
N HIS L 43 30.80 -34.74 2.92
CA HIS L 43 30.99 -33.73 3.94
C HIS L 43 32.47 -33.36 4.06
N GLU L 44 33.36 -34.35 3.99
CA GLU L 44 34.79 -34.10 4.08
C GLU L 44 35.30 -33.34 2.86
N TYR L 45 34.73 -33.62 1.68
CA TYR L 45 35.04 -32.82 0.49
C TYR L 45 34.73 -31.35 0.72
N HIS L 46 33.57 -31.05 1.32
CA HIS L 46 33.24 -29.66 1.57
C HIS L 46 34.14 -29.03 2.62
N GLU L 47 34.62 -29.80 3.60
CA GLU L 47 35.61 -29.26 4.51
C GLU L 47 36.90 -28.92 3.78
N SER L 48 37.30 -29.76 2.84
CA SER L 48 38.53 -29.49 2.09
C SER L 48 38.39 -28.20 1.27
N ILE L 49 37.24 -28.03 0.59
CA ILE L 49 37.00 -26.81 -0.18
C ILE L 49 37.05 -25.58 0.73
N ASP L 50 36.42 -25.66 1.92
CA ASP L 50 36.47 -24.55 2.86
CA ASP L 50 36.46 -24.55 2.85
C ASP L 50 37.90 -24.15 3.20
N GLU L 51 38.78 -25.15 3.35
CA GLU L 51 40.17 -24.86 3.67
C GLU L 51 40.87 -24.25 2.47
N MET L 52 40.50 -24.69 1.27
CA MET L 52 41.00 -24.06 0.05
C MET L 52 40.65 -22.59 0.00
N LYS L 53 39.42 -22.26 0.39
CA LYS L 53 38.99 -20.87 0.40
C LYS L 53 39.76 -20.05 1.43
N HIS L 54 40.01 -20.61 2.62
CA HIS L 54 40.83 -19.89 3.60
C HIS L 54 42.25 -19.67 3.08
N ALA L 55 42.85 -20.71 2.49
CA ALA L 55 44.19 -20.56 1.93
C ALA L 55 44.22 -19.44 0.89
N ASP L 56 43.21 -19.38 0.02
CA ASP L 56 43.14 -18.30 -0.97
C ASP L 56 43.17 -16.92 -0.30
N LYS L 57 42.32 -16.71 0.71
CA LYS L 57 42.31 -15.42 1.37
C LYS L 57 43.65 -15.11 2.04
N LEU L 58 44.31 -16.12 2.62
CA LEU L 58 45.61 -15.85 3.25
C LEU L 58 46.66 -15.47 2.21
N ILE L 59 46.70 -16.19 1.08
CA ILE L 59 47.63 -15.90 0.00
C ILE L 59 47.42 -14.47 -0.49
N GLU L 60 46.15 -14.10 -0.69
CA GLU L 60 45.84 -12.76 -1.18
C GLU L 60 46.31 -11.69 -0.19
N ARG L 61 46.13 -11.94 1.11
CA ARG L 61 46.56 -10.98 2.13
C ARG L 61 48.07 -10.85 2.17
N ILE L 62 48.79 -11.98 2.17
CA ILE L 62 50.25 -11.95 2.18
C ILE L 62 50.78 -11.14 1.01
N LEU L 63 50.24 -11.36 -0.18
CA LEU L 63 50.71 -10.63 -1.35
C LEU L 63 50.41 -9.14 -1.24
N PHE L 64 49.21 -8.79 -0.75
CA PHE L 64 48.93 -7.37 -0.52
C PHE L 64 49.94 -6.76 0.44
N LEU L 65 50.34 -7.51 1.47
CA LEU L 65 51.29 -7.00 2.45
C LEU L 65 52.73 -7.10 1.97
N GLU L 66 52.94 -7.53 0.71
CA GLU L 66 54.25 -7.54 0.07
C GLU L 66 55.16 -8.64 0.62
N GLY L 67 54.56 -9.74 1.06
CA GLY L 67 55.31 -10.93 1.40
C GLY L 67 55.20 -12.00 0.33
N LEU L 68 55.94 -13.09 0.56
CA LEU L 68 55.92 -14.24 -0.34
C LEU L 68 55.09 -15.34 0.29
N PRO L 69 53.96 -15.73 -0.29
CA PRO L 69 53.19 -16.84 0.29
C PRO L 69 53.94 -18.15 0.07
N ASN L 70 54.04 -18.93 1.14
CA ASN L 70 54.78 -20.19 1.12
C ASN L 70 53.83 -21.34 0.78
N LEU L 71 53.84 -21.78 -0.47
CA LEU L 71 53.10 -22.97 -0.87
C LEU L 71 54.02 -24.14 -1.15
N GLN L 72 55.29 -24.02 -0.80
CA GLN L 72 56.28 -25.06 -1.05
C GLN L 72 56.39 -26.04 0.10
N ASP L 73 56.31 -25.54 1.33
CA ASP L 73 56.57 -26.36 2.50
C ASP L 73 55.25 -26.97 2.97
N LEU L 74 55.17 -28.28 2.90
CA LEU L 74 53.98 -29.02 3.28
C LEU L 74 54.35 -29.87 4.49
N GLY L 75 53.70 -29.63 5.62
CA GLY L 75 53.96 -30.39 6.81
C GLY L 75 53.30 -31.75 6.78
N LYS L 76 53.31 -32.40 7.93
CA LYS L 76 52.93 -33.81 8.03
C LYS L 76 51.42 -33.97 7.97
N LEU L 77 50.93 -34.72 6.99
CA LEU L 77 49.53 -35.11 6.95
C LEU L 77 49.22 -36.15 8.01
N LEU L 78 48.05 -36.05 8.66
CA LEU L 78 47.60 -37.05 9.63
C LEU L 78 46.50 -37.87 8.96
N ILE L 79 46.85 -39.03 8.42
CA ILE L 79 45.91 -39.85 7.68
C ILE L 79 45.48 -41.00 8.56
N GLY L 80 44.19 -41.15 8.76
CA GLY L 80 43.70 -42.24 9.57
C GLY L 80 43.60 -43.55 8.78
N GLU L 81 43.38 -44.66 9.50
CA GLU L 81 43.21 -45.97 8.87
C GLU L 81 41.80 -46.52 9.03
N ASN L 82 40.94 -45.83 9.76
CA ASN L 82 39.54 -46.17 9.84
C ASN L 82 38.81 -44.87 10.18
N THR L 83 37.48 -44.93 10.19
CA THR L 83 36.69 -43.70 10.28
C THR L 83 36.96 -42.95 11.58
N GLN L 84 37.02 -43.68 12.68
CA GLN L 84 37.28 -43.03 13.96
C GLN L 84 38.62 -42.31 13.96
N GLU L 85 39.67 -42.98 13.48
CA GLU L 85 40.99 -42.36 13.44
C GLU L 85 41.01 -41.16 12.50
N MET L 86 40.34 -41.26 11.36
CA MET L 86 40.36 -40.15 10.42
C MET L 86 39.70 -38.92 11.03
N LEU L 87 38.56 -39.11 11.70
CA LEU L 87 37.92 -37.98 12.37
C LEU L 87 38.84 -37.41 13.45
N GLN L 88 39.53 -38.28 14.19
CA GLN L 88 40.43 -37.82 15.24
C GLN L 88 41.66 -37.12 14.67
N CYS L 89 42.19 -37.63 13.55
CA CYS L 89 43.28 -36.95 12.88
C CYS L 89 42.87 -35.54 12.46
N ASP L 90 41.66 -35.40 11.93
CA ASP L 90 41.18 -34.08 11.55
C ASP L 90 41.07 -33.19 12.79
N LEU L 91 40.57 -33.75 13.89
CA LEU L 91 40.40 -32.95 15.11
C LEU L 91 41.75 -32.52 15.66
N ASN L 92 42.71 -33.44 15.68
CA ASN L 92 44.05 -33.09 16.16
C ASN L 92 44.65 -31.96 15.33
N LEU L 93 44.51 -32.03 14.01
CA LEU L 93 44.98 -30.95 13.15
C LEU L 93 44.24 -29.64 13.45
N GLU L 94 42.93 -29.69 13.64
CA GLU L 94 42.18 -28.46 13.90
C GLU L 94 42.60 -27.81 15.21
N LEU L 95 42.86 -28.60 16.25
CA LEU L 95 43.25 -28.02 17.53
C LEU L 95 44.62 -27.33 17.42
N LYS L 96 45.55 -27.89 16.67
CA LYS L 96 46.81 -27.17 16.42
C LYS L 96 46.57 -25.90 15.62
N ALA L 97 45.69 -25.98 14.62
CA ALA L 97 45.39 -24.80 13.79
C ALA L 97 44.84 -23.66 14.64
N THR L 98 43.94 -23.97 15.57
CA THR L 98 43.31 -22.89 16.30
C THR L 98 44.30 -22.27 17.29
N LYS L 99 45.16 -23.10 17.89
CA LYS L 99 46.24 -22.55 18.72
C LYS L 99 47.07 -21.56 17.92
N ASP L 100 47.50 -21.94 16.71
CA ASP L 100 48.32 -21.03 15.90
C ASP L 100 47.54 -19.78 15.52
N LEU L 101 46.23 -19.91 15.24
CA LEU L 101 45.42 -18.74 14.91
C LEU L 101 45.39 -17.75 16.09
N ARG L 102 45.19 -18.25 17.31
CA ARG L 102 45.13 -17.39 18.48
C ARG L 102 46.45 -16.64 18.66
N GLU L 103 47.57 -17.33 18.49
CA GLU L 103 48.87 -16.67 18.61
C GLU L 103 49.07 -15.62 17.52
N ALA L 104 48.63 -15.91 16.29
CA ALA L 104 48.71 -14.93 15.23
C ALA L 104 47.89 -13.69 15.53
N ILE L 105 46.68 -13.89 16.05
CA ILE L 105 45.80 -12.76 16.35
C ILE L 105 46.42 -11.89 17.43
N VAL L 106 47.03 -12.53 18.44
CA VAL L 106 47.71 -11.77 19.50
C VAL L 106 48.70 -10.80 18.89
N HIS L 107 49.56 -11.29 17.98
CA HIS L 107 50.57 -10.43 17.40
C HIS L 107 49.95 -9.35 16.50
N CYS L 108 48.96 -9.72 15.67
CA CYS L 108 48.31 -8.71 14.84
C CYS L 108 47.79 -7.56 15.67
N GLU L 109 47.18 -7.87 16.82
CA GLU L 109 46.64 -6.85 17.70
C GLU L 109 47.73 -5.95 18.23
N GLN L 110 48.87 -6.54 18.64
CA GLN L 110 49.94 -5.73 19.20
C GLN L 110 50.56 -4.77 18.20
N VAL L 111 50.62 -5.12 16.92
CA VAL L 111 51.20 -4.22 15.92
C VAL L 111 50.12 -3.46 15.14
N HIS L 112 48.86 -3.57 15.56
CA HIS L 112 47.75 -2.78 15.03
C HIS L 112 47.36 -3.17 13.60
N ASP L 113 47.58 -4.42 13.21
CA ASP L 113 47.15 -4.91 11.90
C ASP L 113 45.75 -5.53 12.10
N TYR L 114 44.79 -4.62 12.25
CA TYR L 114 43.43 -5.01 12.61
C TYR L 114 42.72 -5.75 11.48
N VAL L 115 43.05 -5.45 10.23
CA VAL L 115 42.43 -6.16 9.10
C VAL L 115 42.91 -7.59 9.04
N SER L 116 44.23 -7.83 9.22
CA SER L 116 44.69 -9.21 9.31
C SER L 116 44.05 -9.93 10.49
N ARG L 117 43.91 -9.25 11.63
CA ARG L 117 43.24 -9.90 12.76
C ARG L 117 41.83 -10.33 12.38
N ASP L 118 41.10 -9.46 11.67
CA ASP L 118 39.72 -9.76 11.32
C ASP L 118 39.63 -10.98 10.42
N LEU L 119 40.52 -11.07 9.44
CA LEU L 119 40.56 -12.26 8.60
C LEU L 119 40.84 -13.52 9.42
N LEU L 120 41.81 -13.46 10.33
CA LEU L 120 42.13 -14.63 11.13
C LEU L 120 40.99 -15.01 12.07
N LYS L 121 40.27 -14.01 12.60
CA LYS L 121 39.10 -14.30 13.43
C LYS L 121 38.03 -15.00 12.64
N ASP L 122 37.79 -14.58 11.39
CA ASP L 122 36.82 -15.28 10.55
C ASP L 122 37.26 -16.73 10.27
N ILE L 123 38.54 -16.96 10.00
CA ILE L 123 39.02 -18.31 9.80
C ILE L 123 38.84 -19.12 11.08
N LEU L 124 39.17 -18.52 12.22
CA LEU L 124 39.05 -19.19 13.51
C LEU L 124 37.60 -19.62 13.78
N GLU L 125 36.64 -18.78 13.42
CA GLU L 125 35.24 -19.15 13.57
C GLU L 125 34.91 -20.38 12.73
N SER L 126 35.41 -20.42 11.51
CA SER L 126 35.19 -21.58 10.65
CA SER L 126 35.18 -21.60 10.66
C SER L 126 35.81 -22.83 11.26
N GLU L 127 37.03 -22.72 11.78
CA GLU L 127 37.69 -23.89 12.34
C GLU L 127 37.02 -24.35 13.62
N GLU L 128 36.47 -23.43 14.43
CA GLU L 128 35.75 -23.89 15.61
C GLU L 128 34.45 -24.59 15.21
N GLU L 129 33.79 -24.13 14.15
CA GLU L 129 32.67 -24.90 13.60
C GLU L 129 33.10 -26.29 13.18
N HIS L 130 34.28 -26.40 12.57
CA HIS L 130 34.73 -27.71 12.15
C HIS L 130 35.06 -28.60 13.35
N ILE L 131 35.65 -28.03 14.39
CA ILE L 131 35.86 -28.78 15.63
C ILE L 131 34.53 -29.26 16.21
N ASP L 132 33.51 -28.40 16.22
CA ASP L 132 32.20 -28.82 16.71
C ASP L 132 31.67 -30.02 15.93
N TYR L 133 31.79 -29.99 14.62
CA TYR L 133 31.32 -31.09 13.79
C TYR L 133 32.05 -32.40 14.16
N LEU L 134 33.38 -32.31 14.31
CA LEU L 134 34.19 -33.50 14.55
C LEU L 134 33.92 -34.10 15.92
N GLU L 135 33.92 -33.25 16.94
CA GLU L 135 33.62 -33.74 18.28
C GLU L 135 32.23 -34.35 18.31
N THR L 136 31.29 -33.77 17.57
CA THR L 136 29.95 -34.31 17.56
C THR L 136 29.94 -35.69 16.89
N GLN L 137 30.69 -35.86 15.79
CA GLN L 137 30.72 -37.15 15.11
C GLN L 137 31.34 -38.23 16.00
N LEU L 138 32.42 -37.87 16.71
CA LEU L 138 33.07 -38.82 17.59
C LEU L 138 32.16 -39.20 18.73
N GLY L 139 31.36 -38.23 19.21
CA GLY L 139 30.37 -38.53 20.24
C GLY L 139 29.25 -39.42 19.74
N LEU L 140 28.83 -39.22 18.48
CA LEU L 140 27.77 -40.06 17.93
C LEU L 140 28.21 -41.51 17.80
N ILE L 141 29.47 -41.74 17.44
CA ILE L 141 29.99 -43.10 17.37
C ILE L 141 29.77 -43.81 18.70
N GLN L 142 30.03 -43.11 19.81
CA GLN L 142 29.81 -43.69 21.13
C GLN L 142 28.33 -43.92 21.41
N LYS L 143 27.47 -42.99 21.01
CA LYS L 143 26.05 -43.09 21.36
C LYS L 143 25.29 -44.10 20.51
N VAL L 144 25.52 -44.12 19.19
CA VAL L 144 24.76 -45.02 18.32
C VAL L 144 25.51 -46.29 17.99
N GLY L 145 26.79 -46.39 18.36
CA GLY L 145 27.62 -47.53 18.01
C GLY L 145 28.23 -47.35 16.64
N LEU L 146 29.40 -47.97 16.45
CA LEU L 146 30.14 -47.71 15.23
C LEU L 146 29.39 -48.24 14.00
N GLU L 147 28.77 -49.42 14.11
CA GLU L 147 28.10 -49.99 12.94
C GLU L 147 26.93 -49.11 12.48
N ASN L 148 26.10 -48.63 13.41
CA ASN L 148 25.04 -47.70 13.06
C ASN L 148 25.59 -46.40 12.52
N TYR L 149 26.65 -45.87 13.14
CA TYR L 149 27.19 -44.60 12.68
C TYR L 149 27.62 -44.69 11.22
N LEU L 150 28.33 -45.76 10.87
CA LEU L 150 28.77 -45.94 9.48
C LEU L 150 27.58 -46.16 8.57
N GLN L 151 26.62 -46.94 9.02
CA GLN L 151 25.40 -47.16 8.22
C GLN L 151 24.77 -45.83 7.85
N SER L 152 24.68 -44.92 8.81
CA SER L 152 24.06 -43.62 8.61
C SER L 152 24.84 -42.74 7.65
N HIS L 153 26.07 -43.11 7.30
CA HIS L 153 26.87 -42.27 6.42
C HIS L 153 27.21 -42.97 5.11
N MET L 154 26.44 -44.02 4.76
CA MET L 154 26.63 -44.71 3.50
C MET L 154 26.06 -43.90 2.34
N HIS L 155 24.82 -43.45 2.46
CA HIS L 155 24.10 -42.79 1.39
C HIS L 155 24.03 -41.29 1.64
N GLU L 156 24.08 -40.52 0.56
CA GLU L 156 24.05 -39.06 0.66
C GLU L 156 22.63 -38.52 0.95
CHA HEM M . 9.73 -17.14 19.10
CHB HEM M . 13.54 -18.46 21.84
CHC HEM M . 10.99 -17.26 25.81
CHD HEM M . 7.13 -16.03 23.09
C1A HEM M . 10.99 -17.56 19.48
C2A HEM M . 12.10 -17.89 18.59
C3A HEM M . 13.14 -18.25 19.35
C4A HEM M . 12.75 -18.17 20.75
CMA HEM M . 14.55 -18.69 18.88
CAA HEM M . 12.04 -17.83 17.05
CBA HEM M . 12.33 -16.40 16.62
CGA HEM M . 12.63 -16.31 15.13
O1A HEM M . 13.74 -16.72 14.69
O2A HEM M . 11.75 -15.84 14.38
C1B HEM M . 13.18 -18.26 23.17
C2B HEM M . 14.00 -18.56 24.34
C3B HEM M . 13.28 -18.21 25.43
C4B HEM M . 12.00 -17.70 24.99
CMB HEM M . 15.43 -19.12 24.28
CAB HEM M . 13.69 -18.34 26.90
CBB HEM M . 14.62 -19.25 27.24
C1C HEM M . 9.74 -16.82 25.42
C2C HEM M . 8.71 -16.37 26.34
C3C HEM M . 7.63 -16.03 25.58
C4C HEM M . 7.95 -16.28 24.18
CMC HEM M . 8.92 -16.32 27.86
CAC HEM M . 6.25 -15.50 26.01
CBC HEM M . 6.03 -15.13 27.27
C1D HEM M . 7.49 -16.25 21.77
C2D HEM M . 6.62 -16.11 20.61
C3D HEM M . 7.33 -16.42 19.52
C4D HEM M . 8.69 -16.77 19.92
CMD HEM M . 5.13 -15.69 20.69
CAD HEM M . 6.85 -16.43 18.05
CBD HEM M . 6.61 -17.85 17.62
CGD HEM M . 6.06 -17.90 16.21
O1D HEM M . 6.82 -18.27 15.28
O2D HEM M . 4.86 -17.56 16.01
NA HEM M . 11.44 -17.75 20.78
NB HEM M . 11.97 -17.74 23.60
NC HEM M . 9.25 -16.74 24.14
ND HEM M . 8.72 -16.64 21.31
FE HEM M . 10.36 -17.20 22.47
C11 A1BYC N . 25.21 -31.18 35.87
C11 A1BYC N . 24.20 -32.24 32.46
C10 A1BYC N . 23.85 -30.90 35.81
C10 A1BYC N . 23.10 -31.67 33.08
C02 A1BYC N . 19.68 -25.01 33.76
C02 A1BYC N . 20.04 -24.96 33.93
C04 A1BYC N . 21.22 -26.59 32.95
C04 A1BYC N . 21.53 -26.63 33.27
C05 A1BYC N . 20.44 -27.22 34.06
C05 A1BYC N . 20.76 -27.15 34.42
C06 A1BYC N . 20.52 -28.51 34.58
C06 A1BYC N . 20.83 -28.38 35.06
C08 A1BYC N . 21.67 -30.79 34.50
C08 A1BYC N . 21.97 -30.67 35.15
C09 A1BYC N . 23.14 -31.09 34.62
C09 A1BYC N . 23.14 -31.30 34.44
C13 A1BYC N . 25.93 -31.63 34.77
C13 A1BYC N . 25.39 -32.46 33.11
C14 A1BYC N . 25.25 -31.83 33.56
C14 A1BYC N . 25.48 -32.10 34.45
C15 A1BYC N . 23.88 -31.55 33.49
C15 A1BYC N . 24.36 -31.52 35.10
C17 A1BYC N . 19.61 -28.80 35.65
C17 A1BYC N . 19.93 -28.56 36.16
C18 A1BYC N . 18.70 -27.86 36.11
C18 A1BYC N . 19.05 -27.55 36.54
C19 A1BYC N . 18.64 -26.55 35.56
C19 A1BYC N . 19.00 -26.31 35.87
C20 A1BYC N . 19.52 -26.28 34.54
C20 A1BYC N . 19.86 -26.15 34.82
N03 A1BYC N . 20.71 -25.26 32.84
N03 A1BYC N . 21.05 -25.31 33.03
N07 A1BYC N . 21.45 -29.42 34.07
N07 A1BYC N . 21.73 -29.33 34.62
O01 A1BYC N . 19.10 -23.98 33.84
O01 A1BYC N . 19.48 -23.90 33.92
O16 A1BYC N . 23.20 -31.72 32.32
O16 A1BYC N . 24.43 -31.16 36.41
O21 A1BYC N . 22.12 -27.02 32.25
O21 A1BYC N . 22.41 -27.16 32.60
BR1 A1BYC N . 26.16 -30.92 37.54
BR1 A1BYC N . 24.08 -32.76 30.58
K K O . -2.46 15.42 17.50
NA NA P . 7.46 5.25 16.48
NA NA Q . 18.60 9.28 19.75
NA NA R . -8.05 -3.71 27.09
O1 PG4 S . -7.68 -0.85 19.94
C1 PG4 S . -8.38 -2.09 19.93
C2 PG4 S . -7.60 -3.18 20.66
O2 PG4 S . -8.43 -3.97 21.49
C3 PG4 S . -7.77 -4.65 22.55
C4 PG4 S . -7.24 -5.96 22.06
O3 PG4 S . -5.85 -6.00 22.29
C5 PG4 S . -5.35 -7.17 22.91
C6 PG4 S . -4.71 -8.04 21.86
O4 PG4 S . -3.99 -7.24 20.95
C7 PG4 S . -3.34 -8.02 19.97
C8 PG4 S . -3.51 -7.40 18.60
O5 PG4 S . -2.51 -6.42 18.44
CHA HEM T . -12.98 -44.48 3.28
CHB HEM T . -16.06 -48.16 2.42
CHC HEM T . -15.70 -49.40 7.10
CHD HEM T . -12.49 -45.83 7.92
C1A HEM T . -13.80 -45.38 2.63
C2A HEM T . -14.05 -45.42 1.21
C3A HEM T . -14.90 -46.42 0.96
C4A HEM T . -15.23 -47.07 2.23
CMA HEM T . -15.49 -46.88 -0.40
CAA HEM T . -13.42 -44.40 0.21
CBA HEM T . -12.21 -45.00 -0.47
CGA HEM T . -11.72 -44.04 -1.54
O1A HEM T . -11.31 -44.52 -2.63
O2A HEM T . -11.77 -42.81 -1.33
C1B HEM T . -16.26 -48.83 3.62
C2B HEM T . -17.12 -49.99 3.88
C3B HEM T . -16.98 -50.32 5.18
C4B HEM T . -16.06 -49.38 5.78
CMB HEM T . -17.98 -50.72 2.83
CAB HEM T . -17.67 -51.43 5.99
CBB HEM T . -18.83 -51.94 5.57
C1C HEM T . -14.82 -48.55 7.71
C2C HEM T . -14.49 -48.62 9.11
C3C HEM T . -13.61 -47.64 9.36
C4C HEM T . -13.35 -46.91 8.13
CMC HEM T . -15.05 -49.65 10.12
CAC HEM T . -13.00 -47.39 10.74
CBC HEM T . -12.31 -46.29 10.96
C1D HEM T . -12.36 -45.13 6.74
C2D HEM T . -11.63 -43.87 6.56
C3D HEM T . -11.78 -43.51 5.28
C4D HEM T . -12.60 -44.48 4.61
CMD HEM T . -10.86 -43.16 7.69
CAD HEM T . -11.16 -42.24 4.63
CBD HEM T . -12.25 -41.19 4.51
CGD HEM T . -11.64 -39.91 3.96
O1D HEM T . -11.89 -39.62 2.78
O2D HEM T . -10.90 -39.20 4.70
NA HEM T . -14.53 -46.42 3.22
NB HEM T . -15.64 -48.50 4.81
NC HEM T . -14.11 -47.51 7.15
ND HEM T . -12.93 -45.44 5.54
FE HEM T . -14.30 -46.99 5.18
C11 A1BYC U . -3.32 -56.39 23.03
C10 A1BYC U . -4.11 -56.94 22.04
C02 A1BYC U . -10.96 -55.74 19.10
C04 A1BYC U . -9.06 -55.44 20.44
C05 A1BYC U . -9.21 -56.91 20.20
C06 A1BYC U . -8.42 -57.98 20.62
C08 A1BYC U . -6.05 -58.43 21.38
C09 A1BYC U . -5.13 -57.82 22.39
C13 A1BYC U . -3.49 -56.64 24.41
C14 A1BYC U . -4.52 -57.50 24.77
C15 A1BYC U . -5.34 -58.08 23.77
C17 A1BYC U . -8.86 -59.28 20.20
C18 A1BYC U . -9.99 -59.45 19.41
C19 A1BYC U . -10.79 -58.35 18.98
C20 A1BYC U . -10.37 -57.10 19.39
N03 A1BYC U . -10.12 -54.84 19.77
N07 A1BYC U . -7.33 -57.76 21.41
O01 A1BYC U . -11.93 -55.38 18.46
O16 A1BYC U . -6.35 -58.91 24.10
O21 A1BYC U . -8.23 -54.76 21.06
BR1 A1BYC U . -1.88 -55.19 22.49
NA NA V . -32.19 -33.26 -1.53
NA NA W . -35.61 -29.37 9.53
NA NA X . -31.01 -51.76 -10.49
O1 PG4 Y . -30.42 -44.49 -13.84
C1 PG4 Y . -29.30 -45.10 -13.23
C2 PG4 Y . -28.94 -46.41 -13.90
O2 PG4 Y . -28.00 -47.13 -13.12
C3 PG4 Y . -28.51 -47.69 -11.94
C4 PG4 Y . -27.55 -48.70 -11.36
O3 PG4 Y . -26.33 -48.10 -10.94
C5 PG4 Y . -25.75 -48.72 -9.80
C6 PG4 Y . -24.44 -48.06 -9.41
O4 PG4 Y . -24.63 -46.67 -9.21
C7 PG4 Y . -23.45 -45.99 -8.83
C8 PG4 Y . -23.20 -44.80 -9.73
O5 PG4 Y . -23.77 -43.63 -9.19
C11 A1BYC Z . -24.57 33.18 -31.68
C10 A1BYC Z . -23.48 33.63 -30.94
C02 A1BYC Z . -21.37 34.12 -23.70
C04 A1BYC Z . -22.63 33.58 -25.62
C05 A1BYC Z . -21.90 34.86 -25.89
C06 A1BYC Z . -21.90 35.66 -27.04
C08 A1BYC Z . -22.36 35.43 -29.54
C09 A1BYC Z . -23.50 34.90 -30.37
C13 A1BYC Z . -25.73 33.94 -31.91
C14 A1BYC Z . -25.77 35.22 -31.34
C15 A1BYC Z . -24.68 35.68 -30.58
C17 A1BYC Z . -21.09 36.84 -26.96
C18 A1BYC Z . -20.35 37.15 -25.83
C19 A1BYC Z . -20.38 36.32 -24.67
C20 A1BYC Z . -21.15 35.19 -24.74
N03 A1BYC Z . -22.25 33.21 -24.29
N07 A1BYC Z . -22.67 35.31 -28.14
O01 A1BYC Z . -20.92 34.00 -22.59
O16 A1BYC Z . -24.72 36.92 -30.02
O21 A1BYC Z . -23.38 32.90 -26.34
BR1 A1BYC Z . -24.48 31.42 -32.46
NA NA AA . -22.71 15.66 8.77
O1 PG4 BA . 4.20 20.76 2.69
C1 PG4 BA . 5.39 21.08 2.01
C2 PG4 BA . 5.22 20.94 0.52
O2 PG4 BA . 5.36 22.19 -0.12
C3 PG4 BA . 4.32 23.08 0.14
C4 PG4 BA . 4.15 24.08 -1.00
O3 PG4 BA . 3.49 23.43 -2.08
C5 PG4 BA . 2.73 24.28 -2.93
C6 PG4 BA . 2.24 23.51 -4.14
O4 PG4 BA . 1.61 22.31 -3.76
C7 PG4 BA . 0.81 21.70 -4.75
C8 PG4 BA . 1.20 20.25 -4.83
O5 PG4 BA . 0.59 19.52 -3.78
O1 PG4 CA . 3.99 28.37 1.12
C1 PG4 CA . 3.21 29.29 1.86
C2 PG4 CA . 3.78 29.56 3.24
O2 PG4 CA . 2.91 29.18 4.30
C3 PG4 CA . 1.92 30.15 4.53
C4 PG4 CA . 1.97 30.64 5.95
O3 PG4 CA . 1.06 31.71 6.21
C5 PG4 CA . -0.18 31.68 5.56
C6 PG4 CA . -1.19 32.47 6.37
O4 PG4 CA . -2.49 31.97 6.12
C7 PG4 CA . -3.48 32.66 6.85
C8 PG4 CA . -3.64 32.12 8.24
O5 PG4 CA . -4.52 31.02 8.21
CHA HEM DA . 25.40 10.57 -2.99
CHB HEM DA . 26.70 11.76 1.57
CHC HEM DA . 29.34 15.42 -0.14
CHD HEM DA . 28.04 14.30 -4.69
C1A HEM DA . 25.56 10.54 -1.61
C2A HEM DA . 25.05 9.52 -0.70
C3A HEM DA . 25.40 9.85 0.56
C4A HEM DA . 26.15 11.10 0.49
CMA HEM DA . 25.09 9.06 1.84
CAA HEM DA . 24.24 8.29 -1.16
CBA HEM DA . 25.23 7.27 -1.71
CGA HEM DA . 24.55 5.93 -1.91
O1A HEM DA . 24.15 5.31 -0.90
O2A HEM DA . 24.43 5.48 -3.07
C1B HEM DA . 27.54 12.85 1.51
C2B HEM DA . 28.18 13.53 2.62
C3B HEM DA . 28.90 14.54 2.15
C4B HEM DA . 28.74 14.54 0.70
CMB HEM DA . 28.04 13.12 4.10
CAB HEM DA . 29.75 15.56 2.90
CBB HEM DA . 29.46 15.80 4.19
C1C HEM DA . 29.22 15.44 -1.49
C2C HEM DA . 29.87 16.40 -2.37
C3C HEM DA . 29.52 16.09 -3.64
C4C HEM DA . 28.63 14.93 -3.61
CMC HEM DA . 30.82 17.51 -1.88
CAC HEM DA . 29.94 16.80 -4.96
CBC HEM DA . 30.89 17.74 -4.92
C1D HEM DA . 27.18 13.21 -4.65
C2D HEM DA . 26.48 12.56 -5.76
C3D HEM DA . 25.77 11.54 -5.27
C4D HEM DA . 25.96 11.50 -3.84
CMD HEM DA . 26.57 13.01 -7.23
CAD HEM DA . 24.83 10.56 -6.03
CBD HEM DA . 23.43 11.14 -5.92
CGD HEM DA . 22.43 10.43 -6.81
O1D HEM DA . 21.48 9.82 -6.26
O2D HEM DA . 22.55 10.49 -8.06
NA HEM DA . 26.22 11.44 -0.83
NB HEM DA . 27.90 13.50 0.35
NC HEM DA . 28.47 14.57 -2.28
ND HEM DA . 26.84 12.51 -3.51
FE HEM DA . 27.38 13.01 -1.58
C11 A1BYC EA . 46.00 21.66 -12.20
C10 A1BYC EA . 45.71 21.34 -10.88
C02 A1BYC EA . 40.47 22.77 -5.40
C04 A1BYC EA . 41.39 22.68 -7.57
C05 A1BYC EA . 42.54 22.59 -6.57
C06 A1BYC EA . 43.92 22.45 -6.76
C08 A1BYC EA . 45.79 21.91 -8.41
C09 A1BYC EA . 46.09 22.21 -9.85
C13 A1BYC EA . 46.65 22.84 -12.59
C14 A1BYC EA . 47.01 23.74 -11.57
C15 A1BYC EA . 46.74 23.41 -10.22
C17 A1BYC EA . 44.72 22.38 -5.57
C18 A1BYC EA . 44.13 22.44 -4.30
C19 A1BYC EA . 42.73 22.58 -4.12
C20 A1BYC EA . 41.97 22.64 -5.26
N03 A1BYC EA . 40.20 22.79 -6.79
N07 A1BYC EA . 44.47 22.39 -8.03
O01 A1BYC EA . 39.61 22.85 -4.57
O16 A1BYC EA . 47.08 24.26 -9.21
O21 A1BYC EA . 41.37 22.66 -8.80
BR1 A1BYC EA . 45.45 20.39 -13.57
NA NA FA . 5.44 17.16 5.95
O1 PG4 GA . 12.21 6.26 16.52
C1 PG4 GA . 13.21 5.25 16.29
C2 PG4 GA . 14.56 5.83 15.97
O2 PG4 GA . 15.61 5.24 16.73
C3 PG4 GA . 16.83 5.95 16.68
C4 PG4 GA . 17.63 5.54 15.45
O3 PG4 GA . 17.76 6.66 14.62
C5 PG4 GA . 19.05 6.95 14.11
C6 PG4 GA . 19.17 6.49 12.68
O4 PG4 GA . 18.02 6.84 11.93
C7 PG4 GA . 18.08 6.48 10.57
C8 PG4 GA . 16.84 5.69 10.16
O5 PG4 GA . 15.95 6.53 9.47
K K HA . 20.35 -49.89 12.48
NA NA IA . 10.94 -39.64 15.30
NA NA JA . 29.11 -31.12 19.91
O1 PG4 KA . 25.98 -33.11 13.30
C1 PG4 KA . 27.01 -32.15 13.49
C2 PG4 KA . 26.50 -30.94 14.23
O2 PG4 KA . 27.43 -30.39 15.15
C3 PG4 KA . 26.83 -29.79 16.28
C4 PG4 KA . 26.35 -28.42 15.87
O3 PG4 KA . 25.15 -28.11 16.52
C5 PG4 KA . 24.96 -26.75 16.83
C6 PG4 KA . 23.88 -26.17 15.97
O4 PG4 KA . 22.92 -27.15 15.67
C7 PG4 KA . 21.68 -26.63 15.24
C8 PG4 KA . 21.62 -26.46 13.74
O5 PG4 KA . 21.65 -27.71 13.09
C11 A1BYC LA . 7.24 31.06 -51.99
C10 A1BYC LA . 8.25 30.29 -52.54
C02 A1BYC LA . 15.29 27.96 -50.65
C04 A1BYC LA . 13.17 28.91 -50.42
C05 A1BYC LA . 13.50 28.91 -51.90
C06 A1BYC LA . 12.77 29.34 -53.01
C08 A1BYC LA . 10.44 30.09 -53.79
C09 A1BYC LA . 9.32 30.89 -53.20
C13 A1BYC LA . 7.22 32.46 -52.04
C14 A1BYC LA . 8.30 33.10 -52.69
C15 A1BYC LA . 9.33 32.31 -53.26
C17 A1BYC LA . 13.43 29.19 -54.29
C18 A1BYC LA . 14.69 28.62 -54.40
C19 A1BYC LA . 15.43 28.18 -53.25
C20 A1BYC LA . 14.81 28.34 -52.03
N03 A1BYC LA . 14.28 28.33 -49.81
N07 A1BYC LA . 11.51 29.91 -52.82
O01 A1BYC LA . 16.32 27.45 -50.26
O16 A1BYC LA . 10.39 32.88 -53.88
O21 A1BYC LA . 12.19 29.28 -49.77
BR1 A1BYC LA . 5.77 30.08 -51.11
NA NA MA . 36.12 7.41 -27.76
NA NA NA . 37.39 18.20 -22.17
NA NA OA . 38.88 1.07 -47.17
O1 PG4 PA . 36.44 -3.46 -40.43
C1 PG4 PA . 36.70 -2.85 -41.67
C2 PG4 PA . 35.54 -3.08 -42.61
O2 PG4 PA . 35.74 -2.53 -43.88
C3 PG4 PA . 35.86 -1.14 -43.88
C4 PG4 PA . 34.99 -0.55 -44.96
O3 PG4 PA . 33.67 -0.42 -44.50
C5 PG4 PA . 33.11 0.82 -44.90
C6 PG4 PA . 31.65 0.87 -44.49
O4 PG4 PA . 31.57 0.90 -43.10
C7 PG4 PA . 30.27 0.93 -42.59
C8 PG4 PA . 30.13 -0.17 -41.57
O5 PG4 PA . 30.23 0.35 -40.27
C11 A1BYC QA . 23.67 22.00 19.45
C10 A1BYC QA . 24.14 22.55 18.28
C02 A1BYC QA . 29.33 21.35 12.76
C04 A1BYC QA . 27.96 20.91 14.60
C05 A1BYC QA . 28.02 22.42 14.44
C06 A1BYC QA . 27.42 23.44 15.15
C08 A1BYC QA . 25.73 24.08 17.01
C09 A1BYC QA . 25.19 23.48 18.29
C13 A1BYC QA . 24.20 22.32 20.73
C14 A1BYC QA . 25.26 23.23 20.77
C15 A1BYC QA . 25.75 23.81 19.56
C17 A1BYC QA . 27.70 24.77 14.68
C18 A1BYC QA . 28.52 25.01 13.57
C19 A1BYC QA . 29.13 23.94 12.84
C20 A1BYC QA . 28.87 22.67 13.30
N03 A1BYC QA . 28.75 20.39 13.58
N07 A1BYC QA . 26.59 23.15 16.27
O01 A1BYC QA . 30.03 21.05 11.84
O16 A1BYC QA . 26.78 24.71 19.56
O21 A1BYC QA . 27.39 20.18 15.41
BR1 A1BYC QA . 22.18 20.71 19.29
NA NA RA . 41.54 -0.57 -14.68
O1 PG4 SA . 35.24 11.48 -24.70
C1 PG4 SA . 34.17 12.41 -24.91
C2 PG4 SA . 33.71 13.06 -23.62
O2 PG4 SA . 33.93 14.45 -23.61
C3 PG4 SA . 34.10 15.01 -22.32
C4 PG4 SA . 32.81 14.94 -21.55
O3 PG4 SA . 33.14 14.69 -20.22
C5 PG4 SA . 32.43 15.42 -19.26
C6 PG4 SA . 31.26 14.61 -18.77
O4 PG4 SA . 31.67 13.31 -18.47
C7 PG4 SA . 30.60 12.58 -17.89
C8 PG4 SA . 30.40 11.26 -18.62
O5 PG4 SA . 30.38 10.20 -17.69
CHA HEM TA . -32.75 -7.40 -31.94
CHB HEM TA . -34.50 -6.86 -36.48
CHC HEM TA . -38.83 -5.76 -34.61
CHD HEM TA . -37.17 -6.42 -30.10
C1A HEM TA . -32.84 -7.35 -33.32
C2A HEM TA . -31.77 -7.64 -34.27
C3A HEM TA . -32.25 -7.50 -35.51
C4A HEM TA . -33.64 -7.09 -35.41
CMA HEM TA . -31.47 -7.72 -36.83
CAA HEM TA . -30.33 -8.06 -33.91
CBA HEM TA . -30.32 -9.48 -33.36
CGA HEM TA . -28.88 -9.88 -33.16
O1A HEM TA . -28.24 -10.34 -34.15
O2A HEM TA . -28.38 -9.74 -32.02
C1B HEM TA . -35.82 -6.50 -36.39
C2B HEM TA . -36.73 -6.19 -37.48
C3B HEM TA . -37.93 -5.89 -36.95
C4B HEM TA . -37.80 -5.99 -35.51
CMB HEM TA . -36.38 -6.22 -38.98
CAB HEM TA . -39.24 -5.46 -37.64
CBB HEM TA . -39.23 -4.89 -38.85
C1C HEM TA . -38.76 -5.88 -33.24
C2C HEM TA . -39.88 -5.69 -32.34
C3C HEM TA . -39.44 -5.86 -31.08
C4C HEM TA . -38.01 -6.16 -31.16
CMC HEM TA . -41.30 -5.35 -32.83
CAC HEM TA . -40.21 -5.75 -29.74
CBC HEM TA . -41.53 -5.59 -29.67
C1D HEM TA . -35.81 -6.69 -30.20
C2D HEM TA . -34.86 -6.73 -29.09
C3D HEM TA . -33.65 -6.99 -29.59
C4D HEM TA . -33.77 -7.12 -31.03
CMD HEM TA . -35.23 -6.50 -27.60
CAD HEM TA . -32.35 -7.13 -28.77
CBD HEM TA . -31.51 -5.86 -28.92
CGD HEM TA . -30.30 -5.97 -28.02
O1D HEM TA . -29.18 -5.73 -28.53
O2D HEM TA . -30.46 -6.31 -26.83
NA HEM TA . -33.96 -7.02 -34.06
NB HEM TA . -36.51 -6.37 -35.21
NC HEM TA . -37.65 -6.17 -32.49
ND HEM TA . -35.10 -6.93 -31.37
FE HEM TA . -35.82 -6.59 -33.33
C11 A1BYC UA . -54.97 -12.25 -22.35
C11 A1BYC UA . -58.16 -10.34 -23.60
C10 A1BYC UA . -54.94 -11.86 -23.68
C10 A1BYC UA . -57.48 -10.69 -24.76
C02 A1BYC UA . -52.11 -7.48 -28.77
C02 A1BYC UA . -51.91 -7.64 -28.77
C04 A1BYC UA . -52.64 -8.44 -26.69
C04 A1BYC UA . -52.38 -8.55 -26.68
C05 A1BYC UA . -53.48 -9.11 -27.72
C05 A1BYC UA . -53.27 -9.23 -27.66
C06 A1BYC UA . -54.44 -10.13 -27.60
C06 A1BYC UA . -54.23 -10.23 -27.50
C08 A1BYC UA . -56.09 -10.78 -25.73
C08 A1BYC UA . -55.51 -11.81 -25.90
C09 A1BYC UA . -56.05 -11.24 -24.26
C09 A1BYC UA . -56.30 -11.42 -24.67
C13 A1BYC UA . -56.05 -12.06 -21.52
C13 A1BYC UA . -57.73 -10.67 -22.33
C14 A1BYC UA . -57.17 -11.44 -22.06
C14 A1BYC UA . -56.54 -11.40 -22.22
C15 A1BYC UA . -57.16 -11.05 -23.42
C15 A1BYC UA . -55.83 -11.77 -23.38
C17 A1BYC UA . -55.05 -10.52 -28.83
C17 A1BYC UA . -54.91 -10.65 -28.69
C18 A1BYC UA . -54.72 -9.94 -30.04
C18 A1BYC UA . -54.61 -10.10 -29.92
C19 A1BYC UA . -53.75 -8.91 -30.14
C19 A1BYC UA . -53.62 -9.08 -30.08
C20 A1BYC UA . -53.16 -8.53 -28.97
C20 A1BYC UA . -52.98 -8.67 -28.94
N03 A1BYC UA . -51.84 -7.48 -27.39
N03 A1BYC UA . -51.61 -7.63 -27.40
N07 A1BYC UA . -54.76 -10.73 -26.37
N07 A1BYC UA . -54.51 -10.78 -26.24
O01 A1BYC UA . -51.56 -6.76 -29.57
O01 A1BYC UA . -51.36 -6.94 -29.59
O16 A1BYC UA . -58.25 -10.44 -23.94
O16 A1BYC UA . -54.67 -12.46 -23.30
O21 A1BYC UA . -52.56 -8.61 -25.49
O21 A1BYC UA . -52.27 -8.70 -25.47
BR1 A1BYC UA . -53.41 -13.12 -21.59
BR1 A1BYC UA . -59.81 -9.32 -23.78
K K VA . -15.15 16.45 -50.49
NA NA WA . -21.81 11.30 -39.02
NA NA XA . -27.80 -1.02 -54.45
O1 PG4 YA . -20.80 0.07 -51.40
C1 PG4 YA . -20.97 -1.23 -51.95
C2 PG4 YA . -21.69 -2.15 -51.01
O2 PG4 YA . -22.86 -2.74 -51.57
C3 PG4 YA . -24.03 -2.04 -51.25
C4 PG4 YA . -25.22 -2.96 -51.04
O3 PG4 YA . -25.15 -3.55 -49.77
C5 PG4 YA . -26.41 -3.74 -49.17
C6 PG4 YA . -26.29 -4.61 -47.94
O4 PG4 YA . -25.44 -3.99 -47.01
C7 PG4 YA . -25.38 -4.71 -45.78
C8 PG4 YA . -24.51 -3.95 -44.80
O5 PG4 YA . -23.30 -3.56 -45.44
CHA HEM ZA . -25.77 -7.88 6.15
CHB HEM ZA . -28.62 -10.52 9.04
CHC HEM ZA . -30.70 -6.39 10.60
CHD HEM ZA . -27.95 -3.75 7.58
C1A HEM ZA . -26.30 -8.93 6.85
C2A HEM ZA . -25.82 -10.29 6.83
C3A HEM ZA . -26.60 -11.03 7.62
C4A HEM ZA . -27.62 -10.17 8.17
CMA HEM ZA . -26.47 -12.53 7.93
CAA HEM ZA . -24.59 -10.75 6.00
CBA HEM ZA . -23.37 -10.91 6.90
CGA HEM ZA . -22.25 -11.48 6.08
O1A HEM ZA . -21.97 -12.72 6.18
O2A HEM ZA . -21.66 -10.71 5.30
C1B HEM ZA . -29.44 -9.63 9.73
C2B HEM ZA . -30.44 -9.96 10.72
C3B HEM ZA . -31.00 -8.81 11.16
C4B HEM ZA . -30.39 -7.72 10.44
CMB HEM ZA . -30.74 -11.38 11.20
CAB HEM ZA . -32.13 -8.60 12.18
CBB HEM ZA . -33.03 -9.58 12.32
C1C HEM ZA . -30.14 -5.34 9.92
C2C HEM ZA . -30.55 -3.97 10.09
C3C HEM ZA . -29.82 -3.22 9.24
C4C HEM ZA . -28.91 -4.10 8.52
CMC HEM ZA . -31.67 -3.57 11.09
CAC HEM ZA . -29.87 -1.70 9.07
CBC HEM ZA . -30.50 -0.96 10.00
C1D HEM ZA . -27.14 -4.64 6.89
C2D HEM ZA . -26.24 -4.33 5.80
C3D HEM ZA . -25.63 -5.47 5.41
C4D HEM ZA . -26.14 -6.55 6.24
CMD HEM ZA . -26.06 -2.91 5.24
CAD HEM ZA . -24.61 -5.65 4.27
CBD HEM ZA . -25.36 -5.66 2.96
CGD HEM ZA . -24.36 -5.81 1.83
O1D HEM ZA . -23.86 -6.94 1.61
O2D HEM ZA . -24.06 -4.79 1.16
NA HEM ZA . -27.41 -8.90 7.67
NB HEM ZA . -29.45 -8.26 9.60
NC HEM ZA . -29.14 -5.38 8.97
ND HEM ZA . -27.05 -6.00 7.12
FE HEM ZA . -28.24 -7.12 8.38
C11 A1BYC AB . -28.97 12.70 20.32
C10 A1BYC AB . -29.20 11.34 20.52
C02 A1BYC AB . -33.74 5.45 18.04
C04 A1BYC AB . -32.59 7.52 17.94
C05 A1BYC AB . -32.75 7.12 19.36
C06 A1BYC AB . -32.34 7.76 20.50
C08 A1BYC AB . -30.74 9.49 21.35
C09 A1BYC AB . -30.41 10.92 21.08
C13 A1BYC AB . -29.90 13.70 20.64
C14 A1BYC AB . -31.12 13.29 21.21
C15 A1BYC AB . -31.37 11.91 21.42
C17 A1BYC AB . -32.65 7.12 21.73
C18 A1BYC AB . -33.33 5.91 21.77
C19 A1BYC AB . -33.75 5.26 20.58
C20 A1BYC AB . -33.45 5.89 19.41
N03 A1BYC AB . -33.21 6.47 17.19
N07 A1BYC AB . -31.67 8.95 20.40
O01 A1BYC AB . -34.31 4.45 17.67
O16 A1BYC AB . -32.52 11.44 21.96
O21 A1BYC AB . -32.04 8.51 17.42
BR1 A1BYC AB . -27.24 13.21 19.53
NA NA BB . -38.15 -20.02 -8.52
O1 PG4 CB . -32.27 -30.83 2.67
C1 PG4 CB . -31.15 -30.69 3.53
C2 PG4 CB . -31.33 -29.58 4.55
O2 PG4 CB . -31.12 -30.06 5.86
C3 PG4 CB . -31.57 -29.21 6.89
C4 PG4 CB . -30.54 -28.15 7.19
O3 PG4 CB . -31.05 -26.88 6.84
C5 PG4 CB . -31.04 -25.89 7.83
C6 PG4 CB . -29.90 -24.94 7.55
O4 PG4 CB . -29.87 -24.75 6.16
C7 PG4 CB . -28.86 -23.85 5.75
C8 PG4 CB . -28.27 -24.30 4.44
O5 PG4 CB . -29.08 -23.85 3.39
CHA HEM DB . -10.39 20.05 -16.00
CHB HEM DB . -14.38 22.42 -17.54
CHC HEM DB . -12.59 26.44 -15.52
CHD HEM DB . -8.57 24.13 -14.05
C1A HEM DB . -11.63 20.32 -16.55
C2A HEM DB . -12.54 19.37 -17.19
C3A HEM DB . -13.64 20.01 -17.62
C4A HEM DB . -13.48 21.41 -17.30
CMA HEM DB . -14.87 19.41 -18.32
CAA HEM DB . -12.24 17.86 -17.28
CBA HEM DB . -12.31 17.32 -15.87
CGA HEM DB . -12.09 15.83 -15.92
O1A HEM DB . -12.97 15.11 -16.49
O2A HEM DB . -11.05 15.37 -15.39
C1B HEM DB . -14.25 23.72 -17.13
C2B HEM DB . -15.17 24.80 -17.37
C3B HEM DB . -14.66 25.90 -16.77
C4B HEM DB . -13.40 25.55 -16.18
CMB HEM DB . -16.52 24.69 -18.10
CAB HEM DB . -15.23 27.33 -16.75
CBB HEM DB . -15.87 27.79 -17.84
C1C HEM DB . -11.38 26.17 -14.94
C2C HEM DB . -10.58 27.15 -14.25
C3C HEM DB . -9.45 26.53 -13.85
C4C HEM DB . -9.50 25.12 -14.28
CMC HEM DB . -10.99 28.63 -14.06
CAC HEM DB . -8.29 27.15 -13.08
CBC HEM DB . -8.41 28.38 -12.60
C1D HEM DB . -8.66 22.81 -14.47
C2D HEM DB . -7.66 21.77 -14.37
C3D HEM DB . -8.18 20.66 -14.90
C4D HEM DB . -9.52 20.94 -15.37
CMD HEM DB . -6.25 21.94 -13.74
CAD HEM DB . -7.48 19.29 -15.04
CBD HEM DB . -6.90 19.20 -16.44
CGD HEM DB . -6.03 17.97 -16.50
O1D HEM DB . -6.46 16.99 -17.15
O2D HEM DB . -4.93 17.96 -15.89
NA HEM DB . -12.26 21.54 -16.66
NB HEM DB . -13.17 24.20 -16.41
NC HEM DB . -10.71 24.96 -14.94
ND HEM DB . -9.77 22.27 -15.08
FE HEM DB . -11.45 23.26 -15.80
C11 A1BYC EB . -6.64 37.04 1.83
C10 A1BYC EB . -7.84 36.93 1.14
C02 A1BYC EB . -9.88 36.84 -6.08
C04 A1BYC EB . -8.48 36.76 -4.20
C05 A1BYC EB . -9.82 37.31 -3.76
C06 A1BYC EB . -10.30 37.72 -2.51
C08 A1BYC EB . -9.77 37.99 -0.07
C09 A1BYC EB . -8.50 38.08 0.70
C13 A1BYC EB . -6.02 38.26 2.10
C14 A1BYC EB . -6.64 39.42 1.65
C15 A1BYC EB . -7.86 39.33 0.94
C17 A1BYC EB . -11.66 38.18 -2.47
C18 A1BYC EB . -12.47 38.21 -3.60
C19 A1BYC EB . -11.96 37.79 -4.87
C20 A1BYC EB . -10.66 37.36 -4.91
N03 A1BYC EB . -8.61 36.53 -5.59
N07 A1BYC EB . -9.48 37.66 -1.44
O01 A1BYC EB . -10.22 36.69 -7.21
O16 A1BYC EB . -8.49 40.44 0.49
O21 A1BYC EB . -7.43 36.54 -3.60
BR1 A1BYC EB . -5.79 35.38 2.45
NA NA FB . -7.70 19.21 -38.76
NA NA GB . -27.44 20.24 -32.59
O1 PG4 HB . -23.44 14.12 -34.94
C1 PG4 HB . -24.30 13.84 -33.82
C2 PG4 HB . -23.99 14.79 -32.67
O2 PG4 HB . -25.16 15.30 -32.06
C3 PG4 HB . -24.90 16.47 -31.29
C4 PG4 HB . -24.36 16.09 -29.92
O3 PG4 HB . -23.82 17.23 -29.27
C5 PG4 HB . -23.59 17.05 -27.90
C6 PG4 HB . -22.12 17.00 -27.61
O4 PG4 HB . -21.45 16.23 -28.58
C7 PG4 HB . -20.15 15.83 -28.19
C8 PG4 HB . -20.05 14.33 -28.13
O5 PG4 HB . -18.89 13.89 -28.82
C11 A1BYC IB . -45.52 -21.26 12.81
C10 A1BYC IB . -45.56 -19.88 12.61
C02 A1BYC IB . -41.84 -13.92 15.62
C04 A1BYC IB . -42.38 -16.15 15.01
C05 A1BYC IB . -43.62 -15.31 14.87
C06 A1BYC IB . -44.88 -15.66 14.44
C08 A1BYC IB . -46.26 -17.56 13.42
C09 A1BYC IB . -46.20 -19.07 13.55
C13 A1BYC IB . -46.08 -21.90 13.93
C14 A1BYC IB . -46.70 -21.10 14.89
C15 A1BYC IB . -46.75 -19.69 14.70
C17 A1BYC IB . -45.87 -14.62 14.41
C18 A1BYC IB . -45.54 -13.31 14.76
C19 A1BYC IB . -44.23 -12.96 15.19
C20 A1BYC IB . -43.29 -13.98 15.24
N03 A1BYC IB . -41.35 -15.26 15.48
N07 A1BYC IB . -45.13 -16.98 14.11
O01 A1BYC IB . -41.17 -12.99 15.99
O16 A1BYC IB . -47.35 -18.89 15.61
O21 A1BYC IB . -42.19 -17.37 14.80
BR1 A1BYC IB . -44.64 -22.36 11.45
NA NA JB . -10.72 14.73 6.16
NA NA KB . -8.72 2.70 16.56
O1 PG4 LB . -15.57 13.77 6.38
C1 PG4 LB . -16.73 14.16 5.67
C2 PG4 LB . -17.72 13.04 5.51
O2 PG4 LB . -19.01 13.56 5.30
C3 PG4 LB . -20.02 12.89 6.04
C4 PG4 LB . -20.56 11.78 5.16
O3 PG4 LB . -21.16 10.79 5.98
C5 PG4 LB . -22.26 10.15 5.39
C6 PG4 LB . -21.75 9.09 4.46
O4 PG4 LB . -20.70 8.38 5.08
C7 PG4 LB . -20.51 7.13 4.45
C8 PG4 LB . -19.04 6.76 4.41
O5 PG4 LB . -18.64 6.31 5.69
O1 PG4 MB . -4.14 7.85 31.50
C1 PG4 MB . -3.28 7.61 32.61
C2 PG4 MB . -2.15 6.62 32.37
O2 PG4 MB . -2.50 5.25 32.29
C3 PG4 MB . -1.41 4.41 32.60
C4 PG4 MB . -1.74 2.95 32.45
O3 PG4 MB . -2.97 2.69 33.05
C5 PG4 MB . -3.54 1.44 32.75
C6 PG4 MB . -4.64 1.62 31.75
O4 PG4 MB . -5.81 0.85 31.89
C7 PG4 MB . -6.71 0.97 30.79
C8 PG4 MB . -6.98 -0.35 30.08
O5 PG4 MB . -7.51 -0.14 28.77
CHA HEM NB . 38.08 -26.00 -5.94
CHB HEM NB . 40.41 -30.24 -5.55
CHC HEM NB . 44.25 -27.97 -3.64
CHD HEM NB . 41.93 -23.71 -4.07
C1A HEM NB . 38.40 -27.34 -6.04
C2A HEM NB . 37.59 -28.35 -6.67
C3A HEM NB . 38.23 -29.53 -6.56
C4A HEM NB . 39.46 -29.30 -5.86
CMA HEM NB . 37.76 -30.91 -7.09
CAA HEM NB . 36.23 -28.08 -7.35
CBA HEM NB . 36.42 -28.26 -8.85
CGA HEM NB . 35.12 -27.97 -9.56
O1A HEM NB . 34.30 -28.92 -9.72
O2A HEM NB . 34.90 -26.79 -9.95
C1B HEM NB . 41.64 -29.99 -5.00
C2B HEM NB . 42.66 -30.98 -4.73
C3B HEM NB . 43.73 -30.36 -4.21
C4B HEM NB . 43.42 -28.95 -4.12
CMB HEM NB . 42.47 -32.48 -5.05
CAB HEM NB . 45.06 -30.98 -3.73
CBB HEM NB . 45.11 -32.28 -3.41
C1C HEM NB . 43.96 -26.63 -3.59
C2C HEM NB . 44.85 -25.60 -3.12
C3C HEM NB . 44.22 -24.42 -3.24
C4C HEM NB . 42.90 -24.67 -3.80
CMC HEM NB . 46.28 -25.89 -2.58
CAC HEM NB . 44.69 -22.99 -2.86
CBC HEM NB . 45.76 -22.75 -2.12
C1D HEM NB . 40.66 -23.95 -4.57
C2D HEM NB . 39.61 -22.97 -4.78
C3D HEM NB . 38.55 -23.61 -5.29
C4D HEM NB . 38.89 -25.01 -5.44
CMD HEM NB . 39.73 -21.47 -4.44
CAD HEM NB . 37.19 -22.97 -5.67
CBD HEM NB . 36.03 -23.74 -5.07
CGD HEM NB . 34.84 -22.81 -5.01
O1D HEM NB . 33.91 -22.97 -5.83
O2D HEM NB . 34.84 -21.88 -4.14
NA HEM NB . 39.53 -27.95 -5.56
NB HEM NB . 42.13 -28.77 -4.61
NC HEM NB . 42.79 -26.03 -4.01
ND HEM NB . 40.18 -25.17 -4.98
FE HEM NB . 41.16 -26.98 -4.81
C11 A1BYC OB . 59.30 -12.95 -6.28
C10 A1BYC OB . 59.33 -14.33 -6.45
C02 A1BYC OB . 56.53 -20.36 -2.72
C04 A1BYC OB . 56.81 -18.12 -3.39
C05 A1BYC OB . 57.91 -18.94 -4.00
C06 A1BYC OB . 58.97 -18.55 -4.84
C08 A1BYC OB . 60.29 -16.61 -5.87
C09 A1BYC OB . 60.24 -15.11 -5.74
C13 A1BYC OB . 60.15 -12.27 -5.40
C14 A1BYC OB . 61.06 -13.04 -4.67
C15 A1BYC OB . 61.10 -14.45 -4.82
C17 A1BYC OB . 59.85 -19.59 -5.25
C18 A1BYC OB . 59.67 -20.90 -4.86
C19 A1BYC OB . 58.59 -21.29 -3.98
C20 A1BYC OB . 57.74 -20.28 -3.59
N03 A1BYC OB . 56.04 -19.04 -2.63
N07 A1BYC OB . 59.13 -17.24 -5.23
O01 A1BYC OB . 56.01 -21.30 -2.15
O16 A1BYC OB . 61.98 -15.23 -4.12
O21 A1BYC OB . 56.56 -16.92 -3.46
BR1 A1BYC OB . 57.98 -11.93 -7.37
NA NA PB . 25.79 -37.16 9.74
O1 PG4 QB . 27.71 -47.91 -2.63
C1 PG4 QB . 29.03 -47.91 -3.16
C2 PG4 QB . 29.12 -47.13 -4.45
O2 PG4 QB . 30.37 -47.29 -5.11
C3 PG4 QB . 31.50 -47.14 -4.29
C4 PG4 QB . 32.71 -46.69 -5.07
O3 PG4 QB . 32.61 -45.33 -5.45
C5 PG4 QB . 33.82 -44.61 -5.34
C6 PG4 QB . 33.66 -43.22 -5.87
O4 PG4 QB . 32.46 -42.67 -5.38
C7 PG4 QB . 32.27 -41.32 -5.75
C8 PG4 QB . 30.80 -40.99 -5.83
O5 PG4 QB . 30.36 -40.44 -4.61
#